data_6U96
#
_entry.id   6U96
#
_cell.length_a   1.00
_cell.length_b   1.00
_cell.length_c   1.00
_cell.angle_alpha   90.00
_cell.angle_beta   90.00
_cell.angle_gamma   90.00
#
_symmetry.space_group_name_H-M   'P 1'
#
loop_
_entity.id
_entity.type
_entity.pdbx_description
1 polymer 'Actin, alpha skeletal muscle'
2 polymer 'PHALLOIDIN Derivative'
3 non-polymer "ADENOSINE-5'-DIPHOSPHATE"
#
loop_
_entity_poly.entity_id
_entity_poly.type
_entity_poly.pdbx_seq_one_letter_code
_entity_poly.pdbx_strand_id
1 'polypeptide(L)'
;MCDEDETTALVCDNGSGLVKAGFAGDDAPRAVFPSIVGRPRHQGVMVGMGQKDSYVGDEAQSKRGILTLKYPIE(HIC)G
IITNWDDMEKIWHHTFYNELRVAPEEHPTLLTEAPLNPKANREKMTQIMFETFNVPAMYVAIQAVLSLYASGRTTGIVLD
SGDGVTHNVPIYEGYALPHAIMRLDLAGRDLTDYLMKILTERGYSFVTTAEREIVRDIKEKLCYVALDFENEMATAASSS
SLEKSYELPDGQVITIGNERFRCPETLFQPSFIGMESAGIHETTYNSIMKCDIDIRKDLYANNVMSGGTTMYPGIADRMQ
KEITALAPSTMKIKIIAPPERKYSVWIGGSILASLSTFQQMWITKQEYDEAGPSIVHRKCF
;
A,B,C,D,E
2 'polypeptide(L)' (EEP)A(ALO)C(HYP)AW F,G,H,I,J
#
# COMPACT_ATOMS: atom_id res chain seq x y z
N THR A 7 30.93 -16.73 24.45
CA THR A 7 29.92 -16.88 23.42
C THR A 7 28.67 -16.09 23.75
N THR A 8 28.52 -14.95 23.08
CA THR A 8 27.33 -14.12 23.22
C THR A 8 26.62 -14.06 21.88
N ALA A 9 25.29 -14.09 21.92
CA ALA A 9 24.51 -14.11 20.71
C ALA A 9 24.37 -12.71 20.11
N LEU A 10 24.04 -12.67 18.82
CA LEU A 10 23.90 -11.43 18.08
C LEU A 10 22.44 -11.21 17.71
N VAL A 11 21.98 -9.97 17.86
CA VAL A 11 20.62 -9.59 17.57
C VAL A 11 20.63 -8.60 16.41
N CYS A 12 20.02 -8.99 15.30
CA CYS A 12 20.04 -8.19 14.08
C CYS A 12 18.62 -7.93 13.63
N ASP A 13 18.25 -6.65 13.56
CA ASP A 13 16.97 -6.21 13.01
C ASP A 13 17.23 -5.57 11.65
N ASN A 14 16.47 -5.97 10.65
CA ASN A 14 16.60 -5.40 9.31
C ASN A 14 15.21 -5.04 8.79
N GLY A 15 14.77 -3.83 9.11
CA GLY A 15 13.53 -3.32 8.59
C GLY A 15 13.71 -2.65 7.26
N SER A 16 12.60 -2.16 6.71
CA SER A 16 12.67 -1.37 5.49
C SER A 16 13.16 0.03 5.84
N GLY A 17 14.35 0.38 5.38
CA GLY A 17 14.94 1.64 5.78
C GLY A 17 16.13 1.46 6.70
N LEU A 18 15.93 1.72 7.99
CA LEU A 18 17.03 1.66 8.94
C LEU A 18 17.35 0.23 9.32
N VAL A 19 18.63 0.00 9.62
CA VAL A 19 19.14 -1.32 10.00
C VAL A 19 19.81 -1.19 11.36
N LYS A 20 19.39 -2.03 12.31
CA LYS A 20 19.80 -1.92 13.69
C LYS A 20 20.43 -3.22 14.17
N ALA A 21 21.48 -3.13 14.97
CA ALA A 21 22.22 -4.31 15.40
C ALA A 21 22.95 -4.02 16.69
N GLY A 22 23.33 -5.09 17.38
CA GLY A 22 24.05 -4.95 18.63
C GLY A 22 24.29 -6.31 19.26
N PHE A 23 24.82 -6.29 20.48
CA PHE A 23 25.06 -7.51 21.23
C PHE A 23 23.88 -7.83 22.14
N ALA A 24 23.85 -9.07 22.62
CA ALA A 24 22.84 -9.48 23.57
C ALA A 24 23.18 -8.95 24.95
N GLY A 25 22.13 -8.81 25.77
CA GLY A 25 22.33 -8.33 27.13
C GLY A 25 22.73 -6.88 27.22
N ASP A 26 21.96 -5.99 26.60
CA ASP A 26 22.29 -4.57 26.56
C ASP A 26 20.97 -3.80 26.46
N ASP A 27 21.06 -2.47 26.57
CA ASP A 27 19.88 -1.63 26.51
C ASP A 27 19.79 -0.72 25.29
N ALA A 28 20.84 -0.67 24.48
CA ALA A 28 20.83 0.18 23.29
C ALA A 28 21.70 -0.45 22.22
N PRO A 29 21.34 -0.30 20.94
CA PRO A 29 22.17 -0.83 19.86
C PRO A 29 23.42 0.01 19.65
N ARG A 30 24.23 -0.43 18.68
CA ARG A 30 25.47 0.27 18.36
C ARG A 30 25.56 0.71 16.91
N ALA A 31 24.79 0.13 16.00
CA ALA A 31 24.88 0.47 14.58
C ALA A 31 23.49 0.84 14.08
N VAL A 32 23.32 2.09 13.69
CA VAL A 32 22.07 2.58 13.11
C VAL A 32 22.42 3.36 11.84
N PHE A 33 21.99 2.86 10.69
CA PHE A 33 22.31 3.47 9.41
C PHE A 33 21.33 2.98 8.37
N PRO A 34 20.99 3.80 7.38
CA PRO A 34 20.02 3.36 6.37
C PRO A 34 20.61 2.32 5.43
N SER A 35 19.72 1.64 4.72
CA SER A 35 20.07 0.53 3.85
C SER A 35 19.90 0.96 2.39
N ILE A 36 20.94 1.57 1.84
CA ILE A 36 20.91 2.14 0.50
C ILE A 36 22.14 1.64 -0.25
N VAL A 37 21.99 1.33 -1.53
CA VAL A 37 23.12 0.98 -2.39
C VAL A 37 23.17 1.96 -3.56
N GLY A 38 24.26 2.69 -3.68
CA GLY A 38 24.42 3.69 -4.73
C GLY A 38 25.54 3.37 -5.68
N ARG A 39 25.41 3.85 -6.92
CA ARG A 39 26.38 3.66 -7.99
C ARG A 39 26.47 4.95 -8.81
N PRO A 40 27.64 5.31 -9.31
CA PRO A 40 27.79 6.58 -10.03
C PRO A 40 27.18 6.52 -11.43
N ARG A 41 27.04 7.70 -12.03
CA ARG A 41 26.46 7.80 -13.37
C ARG A 41 27.17 8.75 -14.31
N HIS A 42 28.06 9.62 -13.84
CA HIS A 42 28.84 10.47 -14.73
C HIS A 42 30.12 9.76 -15.15
N GLN A 43 31.06 10.51 -15.71
CA GLN A 43 32.32 9.98 -16.22
C GLN A 43 33.49 10.41 -15.36
N GLY A 44 34.44 9.51 -15.16
CA GLY A 44 35.65 9.83 -14.42
C GLY A 44 36.71 10.42 -15.35
N VAL A 45 37.43 11.40 -14.83
CA VAL A 45 38.44 12.11 -15.61
C VAL A 45 39.80 12.03 -14.92
N MET A 46 39.85 12.46 -13.67
CA MET A 46 41.12 12.57 -12.98
C MET A 46 41.63 11.19 -12.58
N VAL A 47 42.93 10.98 -12.72
CA VAL A 47 43.51 9.64 -12.68
C VAL A 47 43.95 9.25 -11.28
N GLY A 48 44.58 10.18 -10.55
CA GLY A 48 45.31 9.83 -9.34
C GLY A 48 44.45 9.42 -8.17
N MET A 49 43.14 9.67 -8.24
CA MET A 49 42.27 9.31 -7.14
C MET A 49 42.01 7.81 -7.12
N GLY A 50 41.64 7.32 -5.93
CA GLY A 50 41.22 5.93 -5.78
C GLY A 50 39.70 5.83 -5.77
N GLN A 51 39.18 4.95 -6.61
CA GLN A 51 37.76 4.90 -6.88
C GLN A 51 37.15 3.59 -6.41
N LYS A 52 35.83 3.61 -6.27
CA LYS A 52 35.06 2.42 -5.96
C LYS A 52 33.83 2.39 -6.86
N ASP A 53 33.35 1.19 -7.14
CA ASP A 53 32.19 1.05 -8.00
C ASP A 53 30.88 1.30 -7.27
N SER A 54 30.87 1.22 -5.94
CA SER A 54 29.62 1.35 -5.20
C SER A 54 29.92 1.80 -3.77
N TYR A 55 28.89 2.29 -3.10
CA TYR A 55 28.99 2.74 -1.72
C TYR A 55 27.75 2.27 -0.98
N VAL A 56 27.90 1.90 0.29
CA VAL A 56 26.89 1.12 1.00
C VAL A 56 26.33 1.86 2.21
N GLY A 57 27.17 2.23 3.17
CA GLY A 57 26.62 2.64 4.44
C GLY A 57 26.20 4.08 4.52
N ASP A 58 26.72 4.80 5.50
CA ASP A 58 26.47 6.24 5.58
C ASP A 58 27.30 7.01 4.57
N GLU A 59 28.30 6.37 3.98
CA GLU A 59 29.17 7.03 3.00
C GLU A 59 28.42 7.37 1.73
N ALA A 60 27.49 6.51 1.32
CA ALA A 60 26.66 6.80 0.16
C ALA A 60 25.69 7.94 0.43
N GLN A 61 25.39 8.22 1.69
CA GLN A 61 24.53 9.35 2.01
C GLN A 61 25.28 10.67 1.89
N SER A 62 26.59 10.66 2.13
CA SER A 62 27.35 11.90 2.09
C SER A 62 27.53 12.43 0.68
N LYS A 63 27.62 11.53 -0.30
CA LYS A 63 27.83 11.91 -1.70
C LYS A 63 26.60 11.47 -2.46
N ARG A 64 25.54 12.26 -2.40
CA ARG A 64 24.32 11.94 -3.12
C ARG A 64 24.17 12.77 -4.39
N GLY A 65 25.07 13.71 -4.62
CA GLY A 65 25.00 14.53 -5.81
C GLY A 65 25.45 13.86 -7.08
N ILE A 66 25.97 12.64 -7.00
CA ILE A 66 26.44 11.89 -8.15
C ILE A 66 25.69 10.58 -8.32
N LEU A 67 25.48 9.86 -7.22
CA LEU A 67 25.05 8.47 -7.27
C LEU A 67 23.56 8.37 -7.61
N THR A 68 23.12 7.13 -7.85
CA THR A 68 21.71 6.79 -8.00
C THR A 68 21.35 5.81 -6.88
N LEU A 69 20.50 6.25 -5.96
CA LEU A 69 20.23 5.47 -4.77
C LEU A 69 19.21 4.38 -5.06
N LYS A 70 19.21 3.35 -4.21
CA LYS A 70 18.43 2.15 -4.49
C LYS A 70 18.14 1.41 -3.19
N TYR A 71 16.89 1.01 -2.99
CA TYR A 71 16.49 0.23 -1.82
C TYR A 71 16.35 -1.22 -2.20
N PRO A 72 16.79 -2.16 -1.39
CA PRO A 72 16.56 -3.58 -1.71
C PRO A 72 15.17 -4.08 -1.33
N ILE A 73 14.60 -3.59 -0.22
CA ILE A 73 13.38 -4.15 0.35
C ILE A 73 12.23 -3.20 0.08
N GLU A 74 11.10 -3.73 -0.39
CA GLU A 74 9.99 -2.86 -0.77
C GLU A 74 8.75 -2.89 0.11
N GLY A 76 8.74 -5.35 2.62
CA GLY A 76 9.01 -6.38 3.59
C GLY A 76 9.42 -7.65 2.87
N ILE A 77 9.66 -7.51 1.57
CA ILE A 77 10.01 -8.62 0.70
C ILE A 77 11.36 -8.34 0.06
N ILE A 78 12.26 -9.31 0.12
CA ILE A 78 13.60 -9.18 -0.46
C ILE A 78 13.44 -9.22 -1.98
N THR A 79 13.74 -8.11 -2.64
CA THR A 79 13.59 -8.08 -4.08
C THR A 79 14.90 -8.43 -4.79
N ASN A 80 16.03 -7.93 -4.31
CA ASN A 80 17.30 -8.11 -4.98
C ASN A 80 18.29 -8.72 -3.99
N TRP A 81 18.72 -9.96 -4.25
CA TRP A 81 19.51 -10.68 -3.27
C TRP A 81 20.97 -10.24 -3.28
N ASP A 82 21.48 -9.81 -4.44
CA ASP A 82 22.88 -9.46 -4.54
C ASP A 82 23.18 -8.17 -3.79
N ASP A 83 22.21 -7.27 -3.69
CA ASP A 83 22.42 -6.09 -2.87
C ASP A 83 22.31 -6.41 -1.39
N MET A 84 21.66 -7.50 -1.03
CA MET A 84 21.50 -7.83 0.38
C MET A 84 22.77 -8.42 0.96
N GLU A 85 23.54 -9.16 0.15
CA GLU A 85 24.77 -9.75 0.64
C GLU A 85 25.85 -8.69 0.89
N LYS A 86 25.79 -7.55 0.21
CA LYS A 86 26.74 -6.48 0.50
C LYS A 86 26.44 -5.83 1.84
N ILE A 87 25.17 -5.80 2.25
CA ILE A 87 24.82 -5.09 3.48
C ILE A 87 25.17 -5.94 4.70
N TRP A 88 24.88 -7.24 4.65
CA TRP A 88 25.27 -8.11 5.75
C TRP A 88 26.78 -8.25 5.86
N HIS A 89 27.50 -8.19 4.75
CA HIS A 89 28.95 -8.19 4.81
C HIS A 89 29.48 -6.90 5.39
N HIS A 90 28.73 -5.81 5.25
CA HIS A 90 29.18 -4.53 5.79
C HIS A 90 29.03 -4.48 7.30
N THR A 91 28.07 -5.20 7.85
CA THR A 91 27.81 -5.12 9.28
C THR A 91 28.75 -6.01 10.09
N PHE A 92 29.03 -7.22 9.60
CA PHE A 92 29.81 -8.18 10.37
C PHE A 92 31.28 -7.82 10.43
N TYR A 93 31.79 -7.04 9.48
CA TYR A 93 33.20 -6.74 9.43
C TYR A 93 33.51 -5.27 9.66
N ASN A 94 32.90 -4.38 8.90
CA ASN A 94 33.35 -2.99 8.86
C ASN A 94 32.73 -2.17 10.00
N GLU A 95 31.41 -2.13 10.07
CA GLU A 95 30.74 -1.30 11.07
C GLU A 95 30.88 -1.91 12.45
N LEU A 96 30.58 -3.18 12.59
CA LEU A 96 30.83 -3.92 13.80
C LEU A 96 31.90 -4.95 13.48
N ARG A 97 32.78 -5.21 14.43
CA ARG A 97 33.94 -6.06 14.20
C ARG A 97 33.77 -7.35 14.99
N VAL A 98 33.64 -8.46 14.27
CA VAL A 98 33.36 -9.75 14.88
C VAL A 98 33.72 -10.83 13.86
N ALA A 99 33.99 -12.02 14.34
CA ALA A 99 34.02 -13.18 13.46
C ALA A 99 32.62 -13.78 13.34
N PRO A 100 32.22 -14.28 12.17
CA PRO A 100 30.87 -14.84 12.05
C PRO A 100 30.72 -16.18 12.73
N GLU A 101 31.73 -17.04 12.66
CA GLU A 101 31.62 -18.41 13.14
C GLU A 101 31.72 -18.53 14.66
N GLU A 102 31.87 -17.43 15.37
CA GLU A 102 32.01 -17.50 16.82
C GLU A 102 30.67 -17.45 17.53
N HIS A 103 29.69 -16.76 16.95
CA HIS A 103 28.49 -16.40 17.69
C HIS A 103 27.23 -16.85 16.98
N PRO A 104 26.17 -17.11 17.73
CA PRO A 104 24.85 -17.33 17.12
C PRO A 104 24.11 -16.02 16.86
N THR A 105 23.15 -16.09 15.95
CA THR A 105 22.42 -14.91 15.49
C THR A 105 20.92 -15.07 15.76
N LEU A 106 20.18 -14.01 15.43
CA LEU A 106 18.75 -13.96 15.70
C LEU A 106 18.12 -12.93 14.78
N LEU A 107 17.15 -13.34 13.97
CA LEU A 107 16.59 -12.50 12.92
C LEU A 107 15.09 -12.37 13.09
N THR A 108 14.54 -11.28 12.53
CA THR A 108 13.13 -10.95 12.69
C THR A 108 12.49 -10.81 11.31
N GLU A 109 11.17 -11.04 11.25
CA GLU A 109 10.42 -10.97 9.99
C GLU A 109 9.06 -10.33 10.23
N ALA A 110 8.22 -10.41 9.22
CA ALA A 110 6.86 -9.93 9.11
C ALA A 110 5.88 -11.09 9.19
N PRO A 111 4.61 -10.87 9.58
CA PRO A 111 3.71 -12.02 9.80
C PRO A 111 3.27 -12.81 8.57
N LEU A 112 2.83 -12.17 7.48
CA LEU A 112 2.21 -12.92 6.38
C LEU A 112 2.98 -12.81 5.07
N ASN A 113 4.30 -12.66 5.13
CA ASN A 113 5.11 -12.71 3.92
C ASN A 113 5.14 -14.14 3.38
N PRO A 114 5.41 -14.33 2.06
CA PRO A 114 5.40 -15.69 1.52
C PRO A 114 6.53 -16.58 2.01
N LYS A 115 6.50 -17.85 1.58
CA LYS A 115 7.34 -18.86 2.21
C LYS A 115 8.80 -18.74 1.78
N ALA A 116 9.04 -18.39 0.52
CA ALA A 116 10.41 -18.38 0.03
C ALA A 116 11.24 -17.23 0.56
N ASN A 117 10.62 -16.26 1.24
CA ASN A 117 11.38 -15.16 1.83
C ASN A 117 12.14 -15.63 3.06
N ARG A 118 11.52 -16.47 3.89
CA ARG A 118 12.17 -16.96 5.10
C ARG A 118 12.90 -18.27 4.87
N GLU A 119 13.11 -18.65 3.62
CA GLU A 119 13.75 -19.92 3.29
C GLU A 119 15.05 -19.74 2.54
N LYS A 120 15.14 -18.77 1.64
CA LYS A 120 16.41 -18.46 0.99
C LYS A 120 17.42 -17.87 1.96
N MET A 121 16.96 -17.25 3.04
CA MET A 121 17.84 -16.70 4.04
C MET A 121 18.35 -17.74 5.03
N THR A 122 17.91 -19.00 4.91
CA THR A 122 18.51 -20.06 5.69
C THR A 122 19.82 -20.52 5.07
N GLN A 123 19.88 -20.57 3.75
CA GLN A 123 21.10 -21.03 3.07
C GLN A 123 22.23 -20.05 3.27
N ILE A 124 21.93 -18.76 3.26
CA ILE A 124 22.96 -17.75 3.38
C ILE A 124 23.56 -17.75 4.78
N MET A 125 22.74 -18.00 5.80
CA MET A 125 23.28 -18.02 7.15
C MET A 125 23.94 -19.33 7.51
N PHE A 126 23.89 -20.34 6.65
CA PHE A 126 24.62 -21.57 6.86
C PHE A 126 25.71 -21.82 5.83
N GLU A 127 25.38 -21.72 4.55
CA GLU A 127 26.32 -22.21 3.54
C GLU A 127 27.42 -21.19 3.25
N THR A 128 27.07 -19.95 2.95
CA THR A 128 28.10 -18.97 2.65
C THR A 128 28.65 -18.28 3.90
N PHE A 129 27.91 -18.26 4.99
CA PHE A 129 28.42 -17.83 6.29
C PHE A 129 28.35 -19.05 7.19
N ASN A 130 29.51 -19.57 7.59
CA ASN A 130 29.55 -20.74 8.46
C ASN A 130 29.23 -20.30 9.88
N VAL A 131 27.94 -20.19 10.16
CA VAL A 131 27.43 -19.68 11.42
C VAL A 131 26.48 -20.72 12.00
N PRO A 132 26.65 -21.15 13.24
CA PRO A 132 25.67 -22.05 13.86
C PRO A 132 24.58 -21.29 14.61
N ALA A 133 23.45 -21.98 14.80
CA ALA A 133 22.37 -21.61 15.74
C ALA A 133 21.73 -20.26 15.38
N MET A 134 20.98 -20.27 14.29
CA MET A 134 20.11 -19.15 13.96
C MET A 134 18.68 -19.43 14.41
N TYR A 135 17.85 -18.38 14.36
CA TYR A 135 16.45 -18.47 14.75
C TYR A 135 15.72 -17.26 14.18
N VAL A 136 14.43 -17.45 13.88
CA VAL A 136 13.60 -16.43 13.24
C VAL A 136 12.39 -16.16 14.14
N ALA A 137 12.12 -14.88 14.40
CA ALA A 137 11.01 -14.47 15.26
C ALA A 137 9.98 -13.66 14.46
N ILE A 138 9.00 -13.11 15.17
CA ILE A 138 7.93 -12.31 14.57
C ILE A 138 7.86 -10.98 15.29
N GLN A 139 7.79 -9.88 14.54
CA GLN A 139 7.88 -8.55 15.13
C GLN A 139 6.57 -8.04 15.70
N ALA A 140 5.88 -8.84 16.45
CA ALA A 140 4.78 -8.36 17.28
C ALA A 140 4.85 -8.94 18.67
N VAL A 141 5.32 -10.18 18.79
CA VAL A 141 5.55 -10.80 20.09
C VAL A 141 6.63 -10.05 20.85
N LEU A 142 7.64 -9.56 20.14
CA LEU A 142 8.78 -8.91 20.77
C LEU A 142 8.46 -7.53 21.33
N SER A 143 7.28 -7.00 21.07
CA SER A 143 6.90 -5.73 21.69
C SER A 143 6.39 -5.92 23.11
N LEU A 144 5.85 -7.09 23.43
CA LEU A 144 5.31 -7.29 24.76
C LEU A 144 6.40 -7.51 25.81
N TYR A 145 7.55 -8.04 25.41
CA TYR A 145 8.63 -8.21 26.35
C TYR A 145 9.20 -6.88 26.80
N ALA A 146 9.13 -5.86 25.96
CA ALA A 146 9.57 -4.54 26.38
C ALA A 146 8.63 -3.93 27.41
N SER A 147 7.37 -4.32 27.39
CA SER A 147 6.44 -3.82 28.39
C SER A 147 6.41 -4.70 29.63
N GLY A 148 6.76 -5.98 29.48
CA GLY A 148 6.72 -6.91 30.59
C GLY A 148 5.35 -7.48 30.90
N ARG A 149 4.33 -7.17 30.10
CA ARG A 149 2.99 -7.66 30.35
C ARG A 149 2.83 -9.08 29.82
N THR A 150 1.60 -9.57 29.81
CA THR A 150 1.30 -10.87 29.21
C THR A 150 -0.01 -10.89 28.45
N THR A 151 -0.77 -9.80 28.41
CA THR A 151 -1.96 -9.68 27.58
C THR A 151 -1.91 -8.35 26.84
N GLY A 152 -2.82 -8.18 25.90
CA GLY A 152 -2.95 -6.93 25.19
C GLY A 152 -2.94 -7.13 23.69
N ILE A 153 -3.04 -6.01 22.98
CA ILE A 153 -3.03 -5.98 21.53
C ILE A 153 -2.03 -4.93 21.07
N VAL A 154 -1.21 -5.27 20.09
CA VAL A 154 -0.10 -4.43 19.69
C VAL A 154 -0.47 -3.69 18.42
N LEU A 155 0.38 -2.76 17.99
CA LEU A 155 0.20 -2.07 16.72
C LEU A 155 1.55 -1.52 16.31
N ASP A 156 2.16 -2.12 15.29
CA ASP A 156 3.44 -1.64 14.77
C ASP A 156 3.29 -1.31 13.31
N SER A 157 3.77 -0.13 12.92
CA SER A 157 3.78 0.25 11.51
C SER A 157 5.19 0.43 10.98
N GLY A 158 5.93 1.41 11.48
CA GLY A 158 7.25 1.65 10.92
C GLY A 158 7.18 2.18 9.50
N ASP A 159 7.82 1.47 8.59
CA ASP A 159 7.94 1.94 7.21
C ASP A 159 7.48 0.94 6.17
N GLY A 160 7.56 -0.36 6.44
CA GLY A 160 7.07 -1.32 5.48
C GLY A 160 5.57 -1.53 5.49
N VAL A 161 5.04 -2.09 6.58
CA VAL A 161 3.64 -2.46 6.68
C VAL A 161 3.13 -2.21 8.09
N THR A 162 1.83 -1.99 8.20
CA THR A 162 1.17 -1.87 9.50
C THR A 162 0.32 -3.10 9.76
N HIS A 163 0.30 -3.55 11.01
CA HIS A 163 -0.37 -4.79 11.39
C HIS A 163 -0.60 -4.80 12.89
N ASN A 164 -1.39 -5.78 13.35
CA ASN A 164 -1.75 -5.90 14.76
C ASN A 164 -2.11 -7.33 15.12
N VAL A 165 -1.60 -7.80 16.26
CA VAL A 165 -1.79 -9.18 16.70
C VAL A 165 -2.35 -9.21 18.11
N PRO A 166 -3.52 -9.79 18.35
CA PRO A 166 -4.04 -9.89 19.72
C PRO A 166 -3.54 -11.12 20.47
N ILE A 167 -3.10 -10.94 21.71
CA ILE A 167 -2.51 -12.01 22.52
C ILE A 167 -3.15 -11.98 23.90
N TYR A 168 -3.60 -13.14 24.38
CA TYR A 168 -4.22 -13.27 25.69
C TYR A 168 -3.57 -14.42 26.44
N GLU A 169 -2.93 -14.09 27.57
CA GLU A 169 -2.39 -15.06 28.54
C GLU A 169 -1.35 -15.99 27.94
N GLY A 170 -0.63 -15.53 26.93
CA GLY A 170 0.31 -16.38 26.26
C GLY A 170 -0.29 -17.30 25.23
N TYR A 171 -1.50 -17.01 24.76
CA TYR A 171 -2.13 -17.77 23.70
C TYR A 171 -2.53 -16.82 22.58
N ALA A 172 -1.91 -17.00 21.42
CA ALA A 172 -2.21 -16.13 20.28
C ALA A 172 -3.41 -16.65 19.51
N LEU A 173 -4.09 -15.74 18.82
CA LEU A 173 -5.33 -16.06 18.13
C LEU A 173 -5.14 -15.88 16.63
N PRO A 174 -4.85 -16.96 15.89
CA PRO A 174 -4.43 -16.81 14.50
C PRO A 174 -5.52 -16.37 13.54
N HIS A 175 -6.79 -16.43 13.93
CA HIS A 175 -7.85 -16.01 13.02
C HIS A 175 -8.25 -14.55 13.21
N ALA A 176 -7.38 -13.74 13.81
CA ALA A 176 -7.70 -12.34 14.04
C ALA A 176 -6.61 -11.38 13.59
N ILE A 177 -5.59 -11.84 12.89
CA ILE A 177 -4.49 -10.98 12.49
C ILE A 177 -4.89 -10.18 11.25
N MET A 178 -4.68 -8.86 11.29
CA MET A 178 -5.03 -7.97 10.20
C MET A 178 -3.78 -7.27 9.71
N ARG A 179 -3.57 -7.25 8.39
CA ARG A 179 -2.41 -6.63 7.77
C ARG A 179 -2.85 -5.64 6.72
N LEU A 180 -2.31 -4.41 6.78
CA LEU A 180 -2.64 -3.36 5.84
C LEU A 180 -1.35 -2.83 5.22
N ASP A 181 -1.37 -2.59 3.90
CA ASP A 181 -0.14 -2.27 3.19
C ASP A 181 0.12 -0.78 3.09
N LEU A 182 -0.60 0.04 3.85
CA LEU A 182 -0.27 1.46 3.88
C LEU A 182 0.95 1.68 4.75
N ALA A 183 1.88 2.51 4.28
CA ALA A 183 3.24 2.44 4.75
C ALA A 183 3.72 3.80 5.23
N GLY A 184 5.04 3.90 5.39
CA GLY A 184 5.65 5.18 5.70
C GLY A 184 6.15 5.91 4.46
N ARG A 185 6.71 5.18 3.50
CA ARG A 185 7.23 5.83 2.30
C ARG A 185 6.12 6.30 1.38
N ASP A 186 4.91 5.81 1.58
CA ASP A 186 3.79 6.31 0.81
C ASP A 186 3.36 7.68 1.32
N LEU A 187 3.67 7.99 2.57
CA LEU A 187 3.38 9.32 3.10
C LEU A 187 4.37 10.34 2.58
N THR A 188 5.61 9.91 2.33
CA THR A 188 6.60 10.79 1.71
C THR A 188 6.20 11.13 0.28
N ASP A 189 5.71 10.13 -0.45
CA ASP A 189 5.43 10.32 -1.86
C ASP A 189 4.19 11.17 -2.09
N TYR A 190 3.26 11.17 -1.14
CA TYR A 190 2.09 12.02 -1.31
C TYR A 190 2.40 13.47 -0.97
N LEU A 191 3.39 13.71 -0.12
CA LEU A 191 3.73 15.08 0.25
C LEU A 191 4.35 15.83 -0.91
N MET A 192 5.26 15.19 -1.64
CA MET A 192 5.90 15.83 -2.78
C MET A 192 4.99 15.97 -3.98
N LYS A 193 3.76 15.46 -3.92
CA LYS A 193 2.76 15.79 -4.91
C LYS A 193 1.99 17.06 -4.54
N ILE A 194 1.78 17.30 -3.25
CA ILE A 194 0.97 18.44 -2.84
C ILE A 194 1.74 19.75 -2.98
N LEU A 195 3.06 19.71 -2.83
CA LEU A 195 3.84 20.94 -2.84
C LEU A 195 3.95 21.60 -4.21
N THR A 196 3.50 20.94 -5.27
CA THR A 196 3.49 21.58 -6.58
C THR A 196 2.35 22.57 -6.74
N GLU A 197 1.54 22.79 -5.71
CA GLU A 197 0.49 23.79 -5.79
C GLU A 197 0.98 25.17 -5.41
N ARG A 198 2.22 25.30 -4.96
CA ARG A 198 2.82 26.61 -4.73
C ARG A 198 4.01 26.90 -5.63
N GLY A 199 4.61 25.89 -6.25
CA GLY A 199 5.67 26.16 -7.19
C GLY A 199 6.96 25.46 -6.85
N TYR A 200 6.89 24.41 -6.05
CA TYR A 200 8.06 23.65 -5.65
C TYR A 200 8.04 22.32 -6.38
N SER A 201 9.19 21.87 -6.87
CA SER A 201 9.25 20.63 -7.64
C SER A 201 10.52 19.87 -7.32
N PHE A 202 10.37 18.65 -6.80
CA PHE A 202 11.48 17.79 -6.40
C PHE A 202 11.27 16.45 -7.09
N VAL A 203 11.91 16.22 -8.23
CA VAL A 203 11.77 14.97 -8.98
C VAL A 203 13.18 14.46 -9.29
N THR A 204 13.73 13.64 -8.40
CA THR A 204 14.96 12.84 -8.53
C THR A 204 15.00 11.95 -7.29
N THR A 205 15.67 10.79 -7.41
CA THR A 205 15.92 9.95 -6.24
C THR A 205 16.78 10.66 -5.21
N ALA A 206 17.63 11.58 -5.62
CA ALA A 206 18.40 12.35 -4.66
C ALA A 206 17.57 13.43 -3.99
N GLU A 207 16.58 13.98 -4.70
CA GLU A 207 15.71 15.01 -4.14
C GLU A 207 14.77 14.48 -3.08
N ARG A 208 14.60 13.16 -3.00
CA ARG A 208 13.59 12.57 -2.14
C ARG A 208 13.95 12.72 -0.67
N GLU A 209 15.23 12.69 -0.33
CA GLU A 209 15.63 12.70 1.07
C GLU A 209 15.51 14.06 1.73
N ILE A 210 15.52 15.15 0.98
CA ILE A 210 15.24 16.44 1.61
C ILE A 210 13.75 16.72 1.65
N VAL A 211 12.92 15.82 1.13
CA VAL A 211 11.48 15.90 1.37
C VAL A 211 11.12 15.11 2.62
N ARG A 212 11.86 14.03 2.87
CA ARG A 212 11.68 13.25 4.10
C ARG A 212 12.04 14.08 5.32
N ASP A 213 13.05 14.94 5.20
CA ASP A 213 13.55 15.66 6.36
C ASP A 213 12.62 16.81 6.73
N ILE A 214 11.80 17.26 5.79
CA ILE A 214 10.76 18.23 6.12
C ILE A 214 9.67 17.58 6.94
N LYS A 215 9.35 16.33 6.63
CA LYS A 215 8.23 15.63 7.25
C LYS A 215 8.49 15.37 8.74
N GLU A 216 9.74 15.09 9.08
CA GLU A 216 10.05 14.70 10.46
C GLU A 216 10.11 15.91 11.37
N LYS A 217 10.26 17.10 10.80
CA LYS A 217 10.47 18.27 11.67
C LYS A 217 9.17 18.98 11.98
N LEU A 218 8.36 19.30 10.96
CA LEU A 218 7.15 20.07 11.22
C LEU A 218 5.92 19.43 10.55
N CYS A 219 5.35 18.44 11.23
CA CYS A 219 4.07 17.83 10.89
C CYS A 219 3.38 17.43 12.18
N TYR A 220 2.05 17.53 12.20
CA TYR A 220 1.29 17.18 13.39
C TYR A 220 -0.06 16.64 12.97
N VAL A 221 -0.68 15.88 13.86
CA VAL A 221 -1.99 15.28 13.62
C VAL A 221 -3.03 16.06 14.39
N ALA A 222 -3.92 16.74 13.67
CA ALA A 222 -4.90 17.58 14.32
C ALA A 222 -6.01 16.75 14.95
N LEU A 223 -6.57 17.27 16.04
CA LEU A 223 -7.63 16.56 16.73
C LEU A 223 -8.96 16.69 16.00
N ASP A 224 -9.14 17.75 15.24
CA ASP A 224 -10.31 17.93 14.40
C ASP A 224 -9.85 18.27 13.00
N PHE A 225 -10.74 18.12 12.02
CA PHE A 225 -10.36 18.34 10.64
C PHE A 225 -11.14 19.44 9.95
N GLU A 226 -12.41 19.64 10.29
CA GLU A 226 -13.21 20.56 9.50
C GLU A 226 -12.96 22.01 9.88
N ASN A 227 -12.84 22.29 11.17
CA ASN A 227 -12.57 23.66 11.60
C ASN A 227 -11.13 24.08 11.33
N GLU A 228 -10.20 23.13 11.22
CA GLU A 228 -8.83 23.45 10.87
C GLU A 228 -8.71 23.96 9.45
N MET A 229 -9.58 23.50 8.56
CA MET A 229 -9.59 24.01 7.20
C MET A 229 -10.16 25.42 7.14
N ALA A 230 -10.99 25.79 8.12
CA ALA A 230 -11.54 27.13 8.16
C ALA A 230 -10.69 28.10 8.97
N THR A 231 -9.92 27.59 9.94
CA THR A 231 -9.04 28.45 10.72
C THR A 231 -7.86 28.92 9.88
N ALA A 232 -7.14 27.98 9.26
CA ALA A 232 -5.95 28.32 8.51
C ALA A 232 -6.25 29.02 7.20
N ALA A 233 -7.49 28.95 6.71
CA ALA A 233 -7.85 29.70 5.51
C ALA A 233 -8.11 31.16 5.81
N SER A 234 -8.41 31.51 7.06
CA SER A 234 -8.69 32.90 7.40
C SER A 234 -7.51 33.57 8.07
N SER A 235 -6.92 32.94 9.08
CA SER A 235 -5.81 33.50 9.82
C SER A 235 -4.50 32.88 9.35
N SER A 236 -3.46 33.70 9.28
CA SER A 236 -2.13 33.24 8.92
C SER A 236 -1.32 33.09 10.20
N SER A 237 -1.62 32.03 10.94
CA SER A 237 -1.03 31.81 12.26
C SER A 237 -0.04 30.65 12.30
N LEU A 238 -0.36 29.52 11.68
CA LEU A 238 0.47 28.33 11.74
C LEU A 238 1.43 28.22 10.57
N GLU A 239 1.68 29.31 9.87
CA GLU A 239 2.49 29.27 8.66
C GLU A 239 3.96 29.48 9.01
N LYS A 240 4.79 28.46 8.77
CA LYS A 240 6.18 28.49 9.18
C LYS A 240 7.10 28.45 7.96
N SER A 241 8.41 28.36 8.23
CA SER A 241 9.40 28.46 7.17
C SER A 241 10.56 27.51 7.45
N TYR A 242 11.39 27.30 6.41
CA TYR A 242 12.42 26.27 6.41
C TYR A 242 13.40 26.57 5.30
N GLU A 243 14.69 26.31 5.54
CA GLU A 243 15.68 26.52 4.50
C GLU A 243 16.32 25.20 4.09
N LEU A 244 16.88 25.19 2.89
CA LEU A 244 17.35 23.99 2.21
C LEU A 244 18.82 24.21 1.85
N PRO A 245 19.60 23.17 1.47
CA PRO A 245 21.04 23.38 1.26
C PRO A 245 21.43 24.23 0.06
N ASP A 246 20.48 24.75 -0.71
CA ASP A 246 20.82 25.74 -1.72
C ASP A 246 21.05 27.11 -1.08
N GLY A 247 20.36 27.38 0.03
CA GLY A 247 20.41 28.67 0.67
C GLY A 247 19.14 29.47 0.58
N GLN A 248 18.06 28.90 0.07
CA GLN A 248 16.82 29.62 -0.14
C GLN A 248 15.85 29.36 1.01
N VAL A 249 14.65 29.95 0.92
CA VAL A 249 13.67 29.88 1.99
C VAL A 249 12.38 29.30 1.42
N ILE A 250 11.81 28.31 2.11
CA ILE A 250 10.57 27.67 1.73
C ILE A 250 9.54 27.97 2.80
N THR A 251 8.34 28.38 2.39
CA THR A 251 7.26 28.71 3.31
C THR A 251 6.12 27.70 3.16
N ILE A 252 5.79 27.00 4.24
CA ILE A 252 4.81 25.92 4.23
C ILE A 252 3.72 26.21 5.24
N GLY A 253 2.49 26.35 4.77
CA GLY A 253 1.34 26.34 5.65
C GLY A 253 0.22 25.61 4.93
N ASN A 254 -0.66 24.99 5.72
CA ASN A 254 -1.87 24.21 5.38
C ASN A 254 -1.52 22.80 4.89
N GLU A 255 -0.27 22.47 4.65
CA GLU A 255 0.09 21.10 4.32
C GLU A 255 0.76 20.40 5.49
N ARG A 256 0.72 20.98 6.68
CA ARG A 256 1.39 20.35 7.81
C ARG A 256 0.57 19.19 8.36
N PHE A 257 -0.72 19.42 8.57
CA PHE A 257 -1.60 18.39 9.10
C PHE A 257 -2.31 17.60 8.02
N ARG A 258 -2.34 18.12 6.80
CA ARG A 258 -3.08 17.50 5.72
C ARG A 258 -2.43 16.22 5.22
N CYS A 259 -1.13 16.06 5.42
CA CYS A 259 -0.46 14.83 5.02
C CYS A 259 -0.71 13.63 5.93
N PRO A 260 -0.69 13.71 7.27
CA PRO A 260 -1.02 12.51 8.04
C PRO A 260 -2.50 12.18 8.14
N GLU A 261 -3.38 12.93 7.49
CA GLU A 261 -4.79 12.58 7.49
C GLU A 261 -5.13 11.41 6.59
N THR A 262 -4.20 10.92 5.79
CA THR A 262 -4.50 9.78 4.96
C THR A 262 -4.51 8.47 5.74
N LEU A 263 -3.99 8.46 6.96
CA LEU A 263 -4.12 7.27 7.80
C LEU A 263 -5.55 7.07 8.29
N PHE A 264 -6.38 8.10 8.24
CA PHE A 264 -7.76 7.95 8.67
C PHE A 264 -8.72 7.90 7.51
N GLN A 265 -8.33 8.46 6.37
CA GLN A 265 -9.12 8.39 5.13
C GLN A 265 -8.18 7.99 4.01
N PRO A 266 -8.06 6.70 3.71
CA PRO A 266 -7.16 6.26 2.64
C PRO A 266 -7.66 6.52 1.23
N SER A 267 -8.79 7.21 1.06
CA SER A 267 -9.29 7.51 -0.27
C SER A 267 -8.47 8.57 -1.00
N PHE A 268 -7.62 9.31 -0.28
CA PHE A 268 -6.85 10.37 -0.91
C PHE A 268 -5.80 9.81 -1.86
N ILE A 269 -5.21 8.67 -1.51
CA ILE A 269 -4.35 7.97 -2.45
C ILE A 269 -5.20 7.33 -3.54
N GLY A 270 -6.32 6.72 -3.16
CA GLY A 270 -7.12 5.92 -4.06
C GLY A 270 -7.25 4.50 -3.61
N MET A 271 -6.46 4.09 -2.63
CA MET A 271 -6.61 2.78 -2.02
C MET A 271 -7.91 2.72 -1.26
N GLU A 272 -8.72 1.70 -1.54
CA GLU A 272 -10.01 1.56 -0.88
C GLU A 272 -9.89 0.60 0.28
N SER A 273 -9.92 1.13 1.50
CA SER A 273 -9.81 0.33 2.70
C SER A 273 -10.61 1.03 3.80
N ALA A 274 -10.33 0.65 5.05
CA ALA A 274 -11.13 1.11 6.17
C ALA A 274 -10.49 2.25 6.95
N GLY A 275 -9.23 2.10 7.34
CA GLY A 275 -8.56 3.07 8.18
C GLY A 275 -7.88 2.41 9.35
N ILE A 276 -7.06 3.21 10.04
CA ILE A 276 -6.24 2.64 11.10
C ILE A 276 -7.04 2.41 12.37
N HIS A 277 -8.23 3.01 12.49
CA HIS A 277 -9.01 2.83 13.70
C HIS A 277 -10.11 1.79 13.56
N GLU A 278 -10.70 1.64 12.38
CA GLU A 278 -11.67 0.57 12.21
C GLU A 278 -11.04 -0.79 12.10
N THR A 279 -9.77 -0.87 11.71
CA THR A 279 -9.08 -2.15 11.69
C THR A 279 -8.86 -2.67 13.10
N THR A 280 -8.55 -1.77 14.03
CA THR A 280 -8.37 -2.17 15.43
C THR A 280 -9.71 -2.55 16.05
N TYR A 281 -10.79 -1.89 15.65
CA TYR A 281 -12.09 -2.21 16.22
C TYR A 281 -12.61 -3.54 15.71
N ASN A 282 -12.40 -3.84 14.42
CA ASN A 282 -12.85 -5.12 13.90
C ASN A 282 -11.96 -6.27 14.33
N SER A 283 -10.77 -6.00 14.83
CA SER A 283 -9.94 -7.08 15.32
C SER A 283 -10.42 -7.57 16.68
N ILE A 284 -10.93 -6.67 17.52
CA ILE A 284 -11.47 -7.11 18.80
C ILE A 284 -12.81 -7.79 18.60
N MET A 285 -13.58 -7.34 17.61
CA MET A 285 -14.93 -7.86 17.41
C MET A 285 -14.90 -9.29 16.89
N LYS A 286 -13.86 -9.68 16.17
CA LYS A 286 -13.72 -11.06 15.72
C LYS A 286 -13.27 -12.00 16.82
N CYS A 287 -12.89 -11.47 17.98
CA CYS A 287 -12.48 -12.29 19.10
C CYS A 287 -13.71 -12.76 19.87
N ASP A 288 -13.51 -13.30 21.07
CA ASP A 288 -14.60 -13.89 21.84
C ASP A 288 -15.43 -12.82 22.52
N ILE A 289 -16.25 -13.22 23.49
CA ILE A 289 -17.06 -12.27 24.24
C ILE A 289 -16.54 -12.10 25.67
N ASP A 290 -15.70 -13.01 26.16
CA ASP A 290 -15.30 -12.94 27.55
C ASP A 290 -13.98 -12.23 27.77
N ILE A 291 -13.15 -12.11 26.73
CA ILE A 291 -11.84 -11.50 26.92
C ILE A 291 -11.75 -10.19 26.17
N ARG A 292 -12.90 -9.58 25.90
CA ARG A 292 -12.85 -8.24 25.31
C ARG A 292 -12.51 -7.18 26.35
N LYS A 293 -12.85 -7.43 27.62
CA LYS A 293 -12.67 -6.40 28.63
C LYS A 293 -11.21 -6.17 28.98
N ASP A 294 -10.40 -7.22 28.96
CA ASP A 294 -8.98 -7.05 29.20
C ASP A 294 -8.24 -6.49 27.99
N LEU A 295 -8.89 -6.35 26.84
CA LEU A 295 -8.22 -5.80 25.68
C LEU A 295 -8.53 -4.32 25.45
N TYR A 296 -9.64 -3.81 25.98
CA TYR A 296 -9.84 -2.35 25.90
C TYR A 296 -8.93 -1.58 26.83
N ALA A 297 -8.34 -2.23 27.82
CA ALA A 297 -7.48 -1.53 28.75
C ALA A 297 -6.00 -1.70 28.44
N ASN A 298 -5.64 -2.40 27.36
CA ASN A 298 -4.25 -2.65 27.02
C ASN A 298 -4.04 -2.46 25.53
N ASN A 299 -3.68 -1.24 25.12
CA ASN A 299 -3.36 -0.93 23.74
C ASN A 299 -1.93 -0.40 23.70
N VAL A 300 -0.96 -1.30 23.58
CA VAL A 300 0.40 -0.85 23.37
C VAL A 300 0.56 -0.44 21.91
N MET A 301 1.59 0.35 21.64
CA MET A 301 1.69 1.04 20.37
C MET A 301 3.14 1.45 20.17
N SER A 302 3.85 0.76 19.28
CA SER A 302 5.31 0.88 19.27
C SER A 302 5.87 0.97 17.86
N GLY A 303 5.26 1.77 17.00
CA GLY A 303 5.79 1.91 15.66
C GLY A 303 6.77 3.06 15.54
N GLY A 304 7.58 3.00 14.49
CA GLY A 304 8.47 4.12 14.20
C GLY A 304 7.71 5.32 13.68
N THR A 305 6.58 5.11 13.03
CA THR A 305 5.76 6.18 12.49
C THR A 305 4.92 6.84 13.56
N THR A 306 4.84 6.25 14.74
CA THR A 306 3.95 6.70 15.79
C THR A 306 4.39 8.03 16.40
N MET A 307 5.61 8.47 16.14
CA MET A 307 6.20 9.66 16.74
C MET A 307 5.54 10.97 16.34
N TYR A 308 4.44 11.05 15.60
CA TYR A 308 3.83 12.35 15.37
C TYR A 308 3.21 12.89 16.66
N PRO A 309 3.28 14.18 16.90
CA PRO A 309 2.62 14.74 18.09
C PRO A 309 1.11 14.79 17.90
N GLY A 310 0.40 14.47 18.97
CA GLY A 310 -1.05 14.50 18.93
C GLY A 310 -1.69 13.24 18.41
N ILE A 311 -0.96 12.12 18.37
CA ILE A 311 -1.53 10.89 17.86
C ILE A 311 -2.18 10.05 18.96
N ALA A 312 -1.80 10.27 20.23
CA ALA A 312 -2.36 9.46 21.30
C ALA A 312 -3.75 9.95 21.69
N ASP A 313 -3.95 11.27 21.71
CA ASP A 313 -5.25 11.83 22.04
C ASP A 313 -6.26 11.63 20.93
N ARG A 314 -5.80 11.37 19.71
CA ARG A 314 -6.73 11.15 18.62
C ARG A 314 -7.35 9.77 18.68
N MET A 315 -6.59 8.77 19.11
CA MET A 315 -7.13 7.42 19.24
C MET A 315 -8.02 7.24 20.47
N GLN A 316 -7.86 8.09 21.49
CA GLN A 316 -8.80 8.11 22.61
C GLN A 316 -10.19 8.51 22.13
N LYS A 317 -10.26 9.52 21.27
CA LYS A 317 -11.52 10.11 20.89
C LYS A 317 -12.28 9.25 19.89
N GLU A 318 -11.57 8.43 19.13
CA GLU A 318 -12.23 7.75 18.01
C GLU A 318 -12.93 6.48 18.45
N ILE A 319 -12.30 5.67 19.30
CA ILE A 319 -12.84 4.37 19.63
C ILE A 319 -14.03 4.49 20.58
N THR A 320 -14.08 5.53 21.41
CA THR A 320 -15.22 5.74 22.30
C THR A 320 -16.51 6.04 21.55
N ALA A 321 -16.42 6.45 20.29
CA ALA A 321 -17.61 6.55 19.46
C ALA A 321 -18.08 5.19 18.96
N LEU A 322 -17.25 4.16 19.08
CA LEU A 322 -17.61 2.83 18.61
C LEU A 322 -17.86 1.84 19.74
N ALA A 323 -17.17 1.97 20.86
CA ALA A 323 -17.38 1.10 22.00
C ALA A 323 -18.69 1.45 22.70
N PRO A 324 -19.28 0.50 23.44
CA PRO A 324 -20.45 0.85 24.25
C PRO A 324 -20.08 1.77 25.41
N SER A 325 -21.11 2.43 25.94
CA SER A 325 -20.93 3.60 26.80
C SER A 325 -20.44 3.28 28.20
N THR A 326 -20.32 2.01 28.56
CA THR A 326 -19.94 1.69 29.93
C THR A 326 -18.44 1.49 30.07
N MET A 327 -17.80 0.89 29.07
CA MET A 327 -16.46 0.36 29.28
C MET A 327 -15.40 1.45 29.16
N LYS A 328 -14.16 1.06 29.44
CA LYS A 328 -13.06 1.97 29.62
C LYS A 328 -11.93 1.66 28.64
N ILE A 329 -11.40 2.69 28.01
CA ILE A 329 -10.31 2.52 27.04
C ILE A 329 -9.06 3.21 27.56
N LYS A 330 -7.92 2.74 27.07
CA LYS A 330 -6.63 3.22 27.55
C LYS A 330 -5.55 2.88 26.54
N ILE A 331 -4.92 3.90 25.96
CA ILE A 331 -3.83 3.73 25.01
C ILE A 331 -2.51 4.00 25.71
N ILE A 332 -1.61 3.04 25.64
CA ILE A 332 -0.31 3.11 26.32
C ILE A 332 0.74 3.50 25.30
N ALA A 333 1.57 4.48 25.64
CA ALA A 333 2.61 4.97 24.74
C ALA A 333 3.88 5.27 25.52
N PRO A 334 4.83 4.35 25.55
CA PRO A 334 6.11 4.62 26.21
C PRO A 334 6.93 5.60 25.39
N PRO A 335 7.81 6.38 26.03
CA PRO A 335 8.54 7.41 25.29
C PRO A 335 9.64 6.87 24.38
N GLU A 336 10.25 5.76 24.77
CA GLU A 336 11.26 5.14 23.91
C GLU A 336 10.63 3.97 23.14
N ARG A 337 9.65 4.31 22.31
CA ARG A 337 8.92 3.30 21.57
C ARG A 337 9.45 3.14 20.16
N LYS A 338 10.69 3.54 19.92
CA LYS A 338 11.26 3.39 18.59
C LYS A 338 12.14 2.16 18.49
N TYR A 339 12.92 1.87 19.52
CA TYR A 339 13.84 0.74 19.51
C TYR A 339 13.27 -0.48 20.19
N SER A 340 11.97 -0.49 20.50
CA SER A 340 11.37 -1.50 21.36
C SER A 340 11.36 -2.88 20.71
N VAL A 341 11.47 -2.97 19.40
CA VAL A 341 11.58 -4.28 18.79
C VAL A 341 12.97 -4.84 19.02
N TRP A 342 13.98 -3.97 19.12
CA TRP A 342 15.31 -4.47 19.47
C TRP A 342 15.41 -4.80 20.95
N ILE A 343 14.62 -4.13 21.78
CA ILE A 343 14.71 -4.32 23.23
C ILE A 343 14.24 -5.71 23.61
N GLY A 344 13.11 -6.14 23.06
CA GLY A 344 12.61 -7.48 23.32
C GLY A 344 13.49 -8.57 22.75
N GLY A 345 14.27 -8.26 21.72
CA GLY A 345 15.20 -9.24 21.20
C GLY A 345 16.38 -9.48 22.12
N SER A 346 16.71 -8.49 22.95
CA SER A 346 17.80 -8.67 23.90
C SER A 346 17.39 -9.55 25.06
N ILE A 347 16.12 -9.54 25.44
CA ILE A 347 15.67 -10.32 26.58
C ILE A 347 15.60 -11.79 26.23
N LEU A 348 15.02 -12.12 25.08
CA LEU A 348 14.79 -13.51 24.72
C LEU A 348 16.09 -14.24 24.38
N ALA A 349 17.14 -13.52 24.01
CA ALA A 349 18.40 -14.19 23.72
C ALA A 349 19.12 -14.60 25.00
N SER A 350 19.08 -13.75 26.03
CA SER A 350 19.76 -14.05 27.29
C SER A 350 18.89 -14.86 28.23
N LEU A 351 17.81 -15.46 27.74
CA LEU A 351 16.87 -16.17 28.57
C LEU A 351 17.30 -17.63 28.70
N SER A 352 17.04 -18.20 29.88
CA SER A 352 17.60 -19.50 30.22
C SER A 352 16.82 -20.67 29.60
N THR A 353 15.49 -20.57 29.59
CA THR A 353 14.65 -21.63 29.06
C THR A 353 14.79 -21.77 27.55
N PHE A 354 15.14 -20.67 26.88
CA PHE A 354 15.21 -20.56 25.43
C PHE A 354 16.27 -21.46 24.79
N GLN A 355 17.21 -21.98 25.57
CA GLN A 355 18.41 -22.62 25.04
C GLN A 355 18.16 -23.97 24.38
N GLN A 356 16.93 -24.47 24.33
CA GLN A 356 16.61 -25.64 23.53
C GLN A 356 15.89 -25.29 22.24
N MET A 357 15.75 -24.01 21.92
CA MET A 357 15.03 -23.59 20.73
C MET A 357 15.94 -23.20 19.57
N TRP A 358 17.24 -23.39 19.68
CA TRP A 358 18.11 -23.06 18.56
C TRP A 358 18.04 -24.15 17.50
N ILE A 359 18.63 -23.85 16.35
CA ILE A 359 18.67 -24.77 15.23
C ILE A 359 20.14 -25.09 14.96
N THR A 360 20.56 -26.30 15.29
CA THR A 360 21.96 -26.64 15.12
C THR A 360 22.27 -26.92 13.65
N LYS A 361 23.57 -27.00 13.35
CA LYS A 361 24.00 -27.22 11.99
C LYS A 361 23.73 -28.63 11.52
N GLN A 362 23.71 -29.59 12.45
CA GLN A 362 23.40 -30.98 12.08
C GLN A 362 21.94 -31.14 11.67
N GLU A 363 21.06 -30.30 12.20
CA GLU A 363 19.65 -30.37 11.82
C GLU A 363 19.46 -29.97 10.37
N TYR A 364 20.30 -29.07 9.85
CA TYR A 364 20.18 -28.68 8.46
C TYR A 364 20.67 -29.78 7.53
N ASP A 365 21.65 -30.56 7.97
CA ASP A 365 22.18 -31.63 7.14
C ASP A 365 21.26 -32.83 7.07
N GLU A 366 20.34 -32.96 8.01
CA GLU A 366 19.40 -34.09 7.99
C GLU A 366 18.26 -33.83 7.03
N ALA A 367 17.56 -32.71 7.20
CA ALA A 367 16.37 -32.41 6.41
C ALA A 367 16.66 -31.45 5.26
N GLY A 368 17.26 -30.31 5.54
CA GLY A 368 17.49 -29.31 4.52
C GLY A 368 16.87 -27.98 4.89
N PRO A 369 16.58 -27.15 3.89
CA PRO A 369 16.04 -25.81 4.18
C PRO A 369 14.57 -25.80 4.53
N SER A 370 13.87 -26.93 4.50
CA SER A 370 12.48 -26.98 4.89
C SER A 370 12.30 -27.27 6.37
N ILE A 371 13.37 -27.23 7.15
CA ILE A 371 13.27 -27.46 8.59
C ILE A 371 12.68 -26.24 9.29
N VAL A 372 12.69 -25.07 8.64
CA VAL A 372 12.33 -23.84 9.32
C VAL A 372 10.82 -23.71 9.48
N HIS A 373 10.03 -24.42 8.68
CA HIS A 373 8.58 -24.37 8.84
C HIS A 373 8.10 -25.24 9.98
N ARG A 374 8.96 -26.13 10.48
CA ARG A 374 8.57 -27.04 11.55
C ARG A 374 8.92 -26.50 12.92
N LYS A 375 10.19 -26.13 13.13
CA LYS A 375 10.70 -25.67 14.41
C LYS A 375 10.06 -24.37 14.87
N CYS A 376 10.32 -23.29 14.14
CA CYS A 376 9.97 -21.96 14.61
C CYS A 376 8.63 -21.52 14.04
N PHE A 377 7.91 -20.73 14.83
CA PHE A 377 6.57 -20.28 14.49
C PHE A 377 6.21 -19.08 15.35
N THR B 7 -24.71 35.87 -30.88
CA THR B 7 -23.74 35.57 -29.85
C THR B 7 -23.09 34.21 -30.06
N THR B 8 -21.88 34.22 -30.57
CA THR B 8 -21.08 33.02 -30.75
C THR B 8 -19.85 33.09 -29.86
N ALA B 9 -19.48 31.95 -29.29
CA ALA B 9 -18.36 31.92 -28.37
C ALA B 9 -17.04 31.88 -29.10
N LEU B 10 -15.97 32.24 -28.40
CA LEU B 10 -14.63 32.29 -28.94
C LEU B 10 -13.77 31.21 -28.32
N VAL B 11 -12.98 30.54 -29.14
CA VAL B 11 -12.10 29.46 -28.69
C VAL B 11 -10.66 29.89 -28.93
N CYS B 12 -9.90 30.02 -27.86
CA CYS B 12 -8.53 30.53 -27.91
C CYS B 12 -7.60 29.51 -27.29
N ASP B 13 -6.65 29.02 -28.08
CA ASP B 13 -5.59 28.15 -27.60
C ASP B 13 -4.29 28.94 -27.58
N ASN B 14 -3.55 28.88 -26.48
CA ASN B 14 -2.29 29.58 -26.35
C ASN B 14 -1.25 28.62 -25.79
N GLY B 15 -0.60 27.87 -26.67
CA GLY B 15 0.47 26.99 -26.28
C GLY B 15 1.80 27.72 -26.26
N SER B 16 2.84 26.98 -25.91
CA SER B 16 4.19 27.53 -25.98
C SER B 16 4.64 27.52 -27.43
N GLY B 17 4.82 28.70 -28.02
CA GLY B 17 5.12 28.78 -29.42
C GLY B 17 3.96 29.34 -30.24
N LEU B 18 3.24 28.47 -30.94
CA LEU B 18 2.17 28.91 -31.82
C LEU B 18 0.92 29.25 -31.03
N VAL B 19 0.16 30.21 -31.55
CA VAL B 19 -1.08 30.66 -30.94
C VAL B 19 -2.20 30.52 -31.96
N LYS B 20 -3.27 29.82 -31.57
CA LYS B 20 -4.34 29.44 -32.48
C LYS B 20 -5.67 29.95 -31.96
N ALA B 21 -6.52 30.42 -32.86
CA ALA B 21 -7.79 31.01 -32.46
C ALA B 21 -8.79 30.93 -33.61
N GLY B 22 -10.06 31.07 -33.27
CA GLY B 22 -11.11 31.01 -34.27
C GLY B 22 -12.47 31.15 -33.63
N PHE B 23 -13.51 30.95 -34.43
CA PHE B 23 -14.87 30.98 -33.94
C PHE B 23 -15.36 29.58 -33.60
N ALA B 24 -16.45 29.53 -32.85
CA ALA B 24 -17.08 28.26 -32.53
C ALA B 24 -17.88 27.74 -33.72
N GLY B 25 -18.05 26.43 -33.76
CA GLY B 25 -18.79 25.82 -34.84
C GLY B 25 -18.09 25.86 -36.18
N ASP B 26 -16.86 25.37 -36.24
CA ASP B 26 -16.06 25.43 -37.45
C ASP B 26 -15.11 24.24 -37.44
N ASP B 27 -14.40 24.03 -38.55
CA ASP B 27 -13.47 22.91 -38.65
C ASP B 27 -12.01 23.31 -38.75
N ALA B 28 -11.71 24.60 -38.87
CA ALA B 28 -10.33 25.05 -38.98
C ALA B 28 -10.21 26.44 -38.37
N PRO B 29 -9.08 26.76 -37.74
CA PRO B 29 -8.88 28.11 -37.20
C PRO B 29 -8.61 29.13 -38.28
N ARG B 30 -8.42 30.37 -37.87
CA ARG B 30 -8.16 31.47 -38.79
C ARG B 30 -6.86 32.21 -38.51
N ALA B 31 -6.32 32.12 -37.30
CA ALA B 31 -5.11 32.86 -36.94
C ALA B 31 -4.08 31.88 -36.39
N VAL B 32 -2.98 31.71 -37.10
CA VAL B 32 -1.87 30.88 -36.66
C VAL B 32 -0.58 31.69 -36.83
N PHE B 33 0.08 32.00 -35.72
CA PHE B 33 1.28 32.82 -35.74
C PHE B 33 2.04 32.60 -34.45
N PRO B 34 3.36 32.68 -34.48
CA PRO B 34 4.13 32.46 -33.25
C PRO B 34 4.01 33.61 -32.27
N SER B 35 4.38 33.34 -31.02
CA SER B 35 4.22 34.28 -29.91
C SER B 35 5.59 34.80 -29.50
N ILE B 36 6.04 35.86 -30.18
CA ILE B 36 7.37 36.42 -29.98
C ILE B 36 7.21 37.93 -29.79
N VAL B 37 8.01 38.50 -28.90
CA VAL B 37 8.06 39.96 -28.73
C VAL B 37 9.50 40.42 -28.95
N GLY B 38 9.69 41.28 -29.94
CA GLY B 38 11.01 41.76 -30.29
C GLY B 38 11.14 43.27 -30.10
N ARG B 39 12.38 43.70 -29.84
CA ARG B 39 12.74 45.10 -29.63
C ARG B 39 14.10 45.36 -30.27
N PRO B 40 14.31 46.56 -30.84
CA PRO B 40 15.57 46.83 -31.55
C PRO B 40 16.73 47.03 -30.59
N ARG B 41 17.93 47.02 -31.16
CA ARG B 41 19.14 47.20 -30.36
C ARG B 41 20.19 48.12 -30.98
N HIS B 42 20.10 48.47 -32.25
CA HIS B 42 21.03 49.44 -32.83
C HIS B 42 20.48 50.86 -32.66
N GLN B 43 21.06 51.81 -33.38
CA GLN B 43 20.70 53.22 -33.28
C GLN B 43 19.98 53.69 -34.54
N GLY B 44 18.98 54.55 -34.34
CA GLY B 44 18.27 55.14 -35.45
C GLY B 44 18.97 56.39 -35.94
N VAL B 45 18.97 56.57 -37.26
CA VAL B 45 19.65 57.70 -37.89
C VAL B 45 18.68 58.51 -38.74
N MET B 46 18.01 57.84 -39.68
CA MET B 46 17.18 58.55 -40.64
C MET B 46 15.88 59.00 -39.97
N VAL B 47 15.45 60.20 -40.32
CA VAL B 47 14.41 60.90 -39.55
C VAL B 47 13.02 60.63 -40.09
N GLY B 48 12.86 60.62 -41.43
CA GLY B 48 11.54 60.68 -42.03
C GLY B 48 10.71 59.42 -41.88
N MET B 49 11.33 58.32 -41.47
CA MET B 49 10.59 57.07 -41.32
C MET B 49 9.73 57.10 -40.06
N GLY B 50 8.69 56.29 -40.06
CA GLY B 50 7.85 56.09 -38.88
C GLY B 50 8.26 54.82 -38.15
N GLN B 51 8.50 54.96 -36.85
CA GLN B 51 9.12 53.91 -36.06
C GLN B 51 8.16 53.37 -35.01
N LYS B 52 8.49 52.19 -34.51
CA LYS B 52 7.77 51.58 -33.40
C LYS B 52 8.79 51.02 -32.43
N ASP B 53 8.41 50.97 -31.16
CA ASP B 53 9.31 50.45 -30.14
C ASP B 53 9.35 48.92 -30.10
N SER B 54 8.35 48.25 -30.64
CA SER B 54 8.28 46.80 -30.55
C SER B 54 7.42 46.25 -31.68
N TYR B 55 7.56 44.95 -31.93
CA TYR B 55 6.80 44.25 -32.95
C TYR B 55 6.37 42.92 -32.39
N VAL B 56 5.17 42.45 -32.75
CA VAL B 56 4.50 41.37 -32.05
C VAL B 56 4.27 40.15 -32.93
N GLY B 57 3.53 40.32 -34.02
CA GLY B 57 3.02 39.13 -34.69
C GLY B 57 3.99 38.48 -35.66
N ASP B 58 3.55 38.30 -36.89
CA ASP B 58 4.45 37.81 -37.92
C ASP B 58 5.39 38.89 -38.42
N GLU B 59 5.11 40.15 -38.08
CA GLU B 59 5.95 41.26 -38.53
C GLU B 59 7.32 41.21 -37.87
N ALA B 60 7.39 40.80 -36.60
CA ALA B 60 8.68 40.64 -35.94
C ALA B 60 9.48 39.49 -36.52
N GLN B 61 8.83 38.53 -37.18
CA GLN B 61 9.55 37.46 -37.83
C GLN B 61 10.21 37.92 -39.12
N SER B 62 9.63 38.91 -39.79
CA SER B 62 10.17 39.36 -41.07
C SER B 62 11.46 40.14 -40.89
N LYS B 63 11.60 40.87 -39.79
CA LYS B 63 12.78 41.69 -39.53
C LYS B 63 13.45 41.12 -38.30
N ARG B 64 14.22 40.06 -38.48
CA ARG B 64 14.93 39.46 -37.37
C ARG B 64 16.40 39.84 -37.35
N GLY B 65 16.86 40.55 -38.37
CA GLY B 65 18.25 40.96 -38.41
C GLY B 65 18.63 42.10 -37.50
N ILE B 66 17.65 42.71 -36.83
CA ILE B 66 17.88 43.81 -35.92
C ILE B 66 17.43 43.50 -34.51
N LEU B 67 16.25 42.89 -34.36
CA LEU B 67 15.58 42.78 -33.08
C LEU B 67 16.23 41.72 -32.19
N THR B 68 15.78 41.68 -30.94
CA THR B 68 16.12 40.64 -29.98
C THR B 68 14.84 39.92 -29.60
N LEU B 69 14.70 38.67 -29.98
CA LEU B 69 13.45 37.96 -29.82
C LEU B 69 13.31 37.44 -28.39
N LYS B 70 12.06 37.19 -28.00
CA LYS B 70 11.78 36.87 -26.60
C LYS B 70 10.46 36.10 -26.50
N TYR B 71 10.47 35.00 -25.74
CA TYR B 71 9.27 34.21 -25.51
C TYR B 71 8.70 34.53 -24.14
N PRO B 72 7.39 34.65 -23.99
CA PRO B 72 6.85 34.86 -22.64
C PRO B 72 6.69 33.58 -21.83
N ILE B 73 6.37 32.46 -22.46
CA ILE B 73 5.98 31.22 -21.77
C ILE B 73 7.13 30.22 -21.88
N GLU B 74 7.50 29.61 -20.75
CA GLU B 74 8.66 28.72 -20.77
C GLU B 74 8.39 27.24 -20.60
N GLY B 76 5.07 26.37 -19.86
CA GLY B 76 3.65 26.27 -19.62
C GLY B 76 3.26 27.20 -18.51
N ILE B 77 4.21 28.05 -18.12
CA ILE B 77 4.05 28.97 -17.00
C ILE B 77 4.27 30.38 -17.51
N ILE B 78 3.35 31.29 -17.19
CA ILE B 78 3.43 32.68 -17.61
C ILE B 78 4.54 33.33 -16.81
N THR B 79 5.61 33.73 -17.50
CA THR B 79 6.73 34.34 -16.78
C THR B 79 6.62 35.86 -16.76
N ASN B 80 6.22 36.48 -17.86
CA ASN B 80 6.19 37.94 -17.97
C ASN B 80 4.80 38.36 -18.38
N TRP B 81 4.09 39.07 -17.49
CA TRP B 81 2.69 39.36 -17.74
C TRP B 81 2.51 40.52 -18.71
N ASP B 82 3.46 41.46 -18.72
CA ASP B 82 3.29 42.64 -19.57
C ASP B 82 3.45 42.29 -21.04
N ASP B 83 4.23 41.27 -21.36
CA ASP B 83 4.29 40.81 -22.73
C ASP B 83 3.06 40.02 -23.13
N MET B 84 2.33 39.48 -22.17
CA MET B 84 1.16 38.69 -22.50
C MET B 84 -0.01 39.57 -22.87
N GLU B 85 -0.13 40.74 -22.25
CA GLU B 85 -1.23 41.64 -22.57
C GLU B 85 -1.11 42.24 -23.97
N LYS B 86 0.11 42.34 -24.50
CA LYS B 86 0.25 42.80 -25.88
C LYS B 86 -0.23 41.75 -26.88
N ILE B 87 -0.10 40.48 -26.53
CA ILE B 87 -0.45 39.43 -27.49
C ILE B 87 -1.96 39.25 -27.55
N TRP B 88 -2.65 39.25 -26.41
CA TRP B 88 -4.10 39.17 -26.41
C TRP B 88 -4.74 40.41 -27.02
N HIS B 89 -4.11 41.57 -26.86
CA HIS B 89 -4.62 42.76 -27.52
C HIS B 89 -4.41 42.69 -29.03
N HIS B 90 -3.40 41.94 -29.47
CA HIS B 90 -3.15 41.83 -30.89
C HIS B 90 -4.17 40.92 -31.57
N THR B 91 -4.71 39.95 -30.85
CA THR B 91 -5.62 38.99 -31.45
C THR B 91 -7.04 39.53 -31.55
N PHE B 92 -7.51 40.22 -30.52
CA PHE B 92 -8.91 40.65 -30.49
C PHE B 92 -9.19 41.80 -31.42
N TYR B 93 -8.18 42.57 -31.81
CA TYR B 93 -8.41 43.74 -32.65
C TYR B 93 -7.78 43.62 -34.02
N ASN B 94 -6.48 43.35 -34.08
CA ASN B 94 -5.74 43.50 -35.34
C ASN B 94 -5.87 42.26 -36.22
N GLU B 95 -5.49 41.11 -35.70
CA GLU B 95 -5.49 39.90 -36.52
C GLU B 95 -6.91 39.41 -36.75
N LEU B 96 -7.69 39.30 -35.69
CA LEU B 96 -9.11 39.02 -35.80
C LEU B 96 -9.84 40.26 -35.32
N ARG B 97 -10.98 40.56 -35.94
CA ARG B 97 -11.68 41.81 -35.69
C ARG B 97 -12.99 41.49 -34.99
N VAL B 98 -13.10 41.94 -33.73
CA VAL B 98 -14.26 41.61 -32.90
C VAL B 98 -14.29 42.62 -31.77
N ALA B 99 -15.45 42.79 -31.17
CA ALA B 99 -15.53 43.47 -29.89
C ALA B 99 -15.38 42.45 -28.77
N PRO B 100 -14.71 42.81 -27.67
CA PRO B 100 -14.54 41.83 -26.59
C PRO B 100 -15.81 41.58 -25.80
N GLU B 101 -16.60 42.62 -25.54
CA GLU B 101 -17.76 42.51 -24.67
C GLU B 101 -18.97 41.84 -25.30
N GLU B 102 -18.85 41.42 -26.56
CA GLU B 102 -19.98 40.81 -27.24
C GLU B 102 -20.04 39.31 -27.02
N HIS B 103 -18.90 38.66 -26.85
CA HIS B 103 -18.84 37.21 -26.95
C HIS B 103 -18.20 36.58 -25.72
N PRO B 104 -18.57 35.35 -25.40
CA PRO B 104 -17.84 34.59 -24.37
C PRO B 104 -16.63 33.88 -24.94
N THR B 105 -15.71 33.54 -24.05
CA THR B 105 -14.42 32.96 -24.42
C THR B 105 -14.24 31.58 -23.78
N LEU B 106 -13.13 30.95 -24.10
CA LEU B 106 -12.84 29.60 -23.64
C LEU B 106 -11.34 29.37 -23.74
N LEU B 107 -10.71 29.03 -22.62
CA LEU B 107 -9.25 28.96 -22.54
C LEU B 107 -8.82 27.57 -22.07
N THR B 108 -7.58 27.21 -22.41
CA THR B 108 -7.03 25.89 -22.12
C THR B 108 -5.76 26.02 -21.31
N GLU B 109 -5.43 24.97 -20.54
CA GLU B 109 -4.25 24.99 -19.68
C GLU B 109 -3.60 23.61 -19.69
N ALA B 110 -2.65 23.42 -18.78
CA ALA B 110 -1.85 22.25 -18.51
C ALA B 110 -2.32 21.58 -17.23
N PRO B 111 -2.06 20.27 -17.01
CA PRO B 111 -2.64 19.60 -15.84
C PRO B 111 -2.10 20.00 -14.47
N LEU B 112 -0.78 20.08 -14.26
CA LEU B 112 -0.25 20.24 -12.91
C LEU B 112 0.54 21.55 -12.73
N ASN B 113 0.17 22.59 -13.45
CA ASN B 113 0.74 23.91 -13.21
C ASN B 113 0.26 24.45 -11.86
N PRO B 114 1.02 25.38 -11.23
CA PRO B 114 0.59 25.89 -9.92
C PRO B 114 -0.67 26.74 -9.95
N LYS B 115 -1.13 27.15 -8.77
CA LYS B 115 -2.47 27.71 -8.65
C LYS B 115 -2.54 29.14 -9.18
N ALA B 116 -1.50 29.93 -8.97
CA ALA B 116 -1.56 31.33 -9.34
C ALA B 116 -1.50 31.55 -10.85
N ASN B 117 -1.22 30.52 -11.63
CA ASN B 117 -1.21 30.67 -13.08
C ASN B 117 -2.62 30.76 -13.63
N ARG B 118 -3.54 29.98 -13.10
CA ARG B 118 -4.93 29.98 -13.56
C ARG B 118 -5.79 30.93 -12.76
N GLU B 119 -5.18 31.81 -11.98
CA GLU B 119 -5.92 32.74 -11.14
C GLU B 119 -5.68 34.20 -11.49
N LYS B 120 -4.45 34.56 -11.87
CA LYS B 120 -4.19 35.90 -12.36
C LYS B 120 -4.86 36.16 -13.70
N MET B 121 -5.11 35.12 -14.47
CA MET B 121 -5.78 35.26 -15.74
C MET B 121 -7.29 35.37 -15.62
N THR B 122 -7.83 35.26 -14.41
CA THR B 122 -9.25 35.55 -14.21
C THR B 122 -9.50 37.05 -14.15
N GLN B 123 -8.58 37.79 -13.52
CA GLN B 123 -8.75 39.23 -13.38
C GLN B 123 -8.65 39.93 -14.72
N ILE B 124 -7.76 39.44 -15.58
CA ILE B 124 -7.55 40.09 -16.87
C ILE B 124 -8.75 39.87 -17.79
N MET B 125 -9.39 38.71 -17.71
CA MET B 125 -10.55 38.48 -18.55
C MET B 125 -11.83 39.08 -17.99
N PHE B 126 -11.79 39.64 -16.79
CA PHE B 126 -12.95 40.36 -16.26
C PHE B 126 -12.68 41.84 -16.07
N GLU B 127 -11.59 42.21 -15.40
CA GLU B 127 -11.46 43.60 -14.98
C GLU B 127 -10.97 44.50 -16.10
N THR B 128 -9.87 44.15 -16.77
CA THR B 128 -9.40 45.01 -17.85
C THR B 128 -10.04 44.71 -19.19
N PHE B 129 -10.59 43.51 -19.39
CA PHE B 129 -11.43 43.22 -20.54
C PHE B 129 -12.81 42.90 -19.99
N ASN B 130 -13.79 43.77 -20.28
CA ASN B 130 -15.14 43.56 -19.79
C ASN B 130 -15.80 42.49 -20.64
N VAL B 131 -15.53 41.23 -20.30
CA VAL B 131 -15.98 40.08 -21.06
C VAL B 131 -16.73 39.16 -20.10
N PRO B 132 -17.95 38.74 -20.41
CA PRO B 132 -18.64 37.75 -19.58
C PRO B 132 -18.37 36.32 -20.04
N ALA B 133 -18.59 35.39 -19.10
CA ALA B 133 -18.69 33.95 -19.35
C ALA B 133 -17.41 33.35 -19.95
N MET B 134 -16.38 33.28 -19.11
CA MET B 134 -15.18 32.52 -19.44
C MET B 134 -15.22 31.14 -18.80
N TYR B 135 -14.29 30.29 -19.23
CA TYR B 135 -14.18 28.92 -18.72
C TYR B 135 -12.80 28.38 -19.08
N VAL B 136 -12.29 27.49 -18.23
CA VAL B 136 -10.95 26.93 -18.35
C VAL B 136 -11.06 25.42 -18.46
N ALA B 137 -10.37 24.83 -19.44
CA ALA B 137 -10.40 23.39 -19.67
C ALA B 137 -9.00 22.80 -19.47
N ILE B 138 -8.87 21.51 -19.80
CA ILE B 138 -7.61 20.78 -19.67
C ILE B 138 -7.29 20.12 -21.00
N GLN B 139 -6.05 20.26 -21.47
CA GLN B 139 -5.69 19.80 -22.81
C GLN B 139 -5.38 18.31 -22.90
N ALA B 140 -6.20 17.50 -22.31
CA ALA B 140 -6.15 16.07 -22.60
C ALA B 140 -7.54 15.50 -22.81
N VAL B 141 -8.54 16.05 -22.12
CA VAL B 141 -9.93 15.69 -22.35
C VAL B 141 -10.36 16.08 -23.75
N LEU B 142 -9.87 17.22 -24.24
CA LEU B 142 -10.28 17.74 -25.52
C LEU B 142 -9.75 16.95 -26.71
N SER B 143 -8.86 15.99 -26.48
CA SER B 143 -8.41 15.15 -27.59
C SER B 143 -9.39 14.02 -27.87
N LEU B 144 -10.18 13.61 -26.88
CA LEU B 144 -11.10 12.51 -27.10
C LEU B 144 -12.32 12.92 -27.89
N TYR B 145 -12.71 14.19 -27.81
CA TYR B 145 -13.86 14.65 -28.58
C TYR B 145 -13.55 14.67 -30.07
N ALA B 146 -12.29 14.86 -30.44
CA ALA B 146 -11.92 14.80 -31.84
C ALA B 146 -12.00 13.38 -32.37
N SER B 147 -11.83 12.38 -31.51
CA SER B 147 -11.96 11.00 -31.95
C SER B 147 -13.38 10.50 -31.83
N GLY B 148 -14.18 11.09 -30.94
CA GLY B 148 -15.53 10.65 -30.71
C GLY B 148 -15.67 9.44 -29.81
N ARG B 149 -14.58 8.94 -29.25
CA ARG B 149 -14.64 7.76 -28.39
C ARG B 149 -15.08 8.15 -26.98
N THR B 150 -14.98 7.19 -26.06
CA THR B 150 -15.25 7.47 -24.66
C THR B 150 -14.29 6.76 -23.70
N THR B 151 -13.36 5.95 -24.20
CA THR B 151 -12.32 5.35 -23.39
C THR B 151 -10.98 5.54 -24.09
N GLY B 152 -9.91 5.22 -23.39
CA GLY B 152 -8.58 5.25 -23.97
C GLY B 152 -7.62 6.06 -23.13
N ILE B 153 -6.39 6.16 -23.62
CA ILE B 153 -5.33 6.90 -22.98
C ILE B 153 -4.66 7.80 -24.02
N VAL B 154 -4.42 9.05 -23.66
CA VAL B 154 -3.96 10.04 -24.61
C VAL B 154 -2.46 10.25 -24.41
N LEU B 155 -1.87 11.03 -25.32
CA LEU B 155 -0.46 11.41 -25.19
C LEU B 155 -0.25 12.66 -26.01
N ASP B 156 -0.07 13.80 -25.35
CA ASP B 156 0.19 15.06 -26.03
C ASP B 156 1.51 15.63 -25.54
N SER B 157 2.38 16.02 -26.47
CA SER B 157 3.62 16.68 -26.13
C SER B 157 3.68 18.12 -26.64
N GLY B 158 3.67 18.31 -27.94
CA GLY B 158 3.80 19.67 -28.45
C GLY B 158 5.18 20.25 -28.17
N ASP B 159 5.21 21.38 -27.48
CA ASP B 159 6.46 22.10 -27.27
C ASP B 159 6.75 22.41 -25.81
N GLY B 160 5.73 22.56 -24.97
CA GLY B 160 5.99 22.81 -23.57
C GLY B 160 6.32 21.58 -22.75
N VAL B 161 5.36 20.66 -22.59
CA VAL B 161 5.50 19.50 -21.74
C VAL B 161 4.79 18.30 -22.36
N THR B 162 5.26 17.11 -22.01
CA THR B 162 4.60 15.88 -22.43
C THR B 162 3.92 15.24 -21.22
N HIS B 163 2.74 14.66 -21.43
CA HIS B 163 1.93 14.12 -20.37
C HIS B 163 0.89 13.16 -20.95
N ASN B 164 0.21 12.43 -20.06
CA ASN B 164 -0.77 11.43 -20.47
C ASN B 164 -1.79 11.19 -19.38
N VAL B 165 -3.07 11.10 -19.75
CA VAL B 165 -4.18 10.96 -18.82
C VAL B 165 -5.05 9.77 -19.20
N PRO B 166 -5.21 8.77 -18.36
CA PRO B 166 -6.10 7.65 -18.69
C PRO B 166 -7.54 7.90 -18.31
N ILE B 167 -8.47 7.60 -19.20
CA ILE B 167 -9.90 7.87 -19.01
C ILE B 167 -10.68 6.62 -19.40
N TYR B 168 -11.60 6.19 -18.52
CA TYR B 168 -12.43 5.02 -18.76
C TYR B 168 -13.89 5.38 -18.51
N GLU B 169 -14.71 5.30 -19.56
CA GLU B 169 -16.17 5.41 -19.50
C GLU B 169 -16.63 6.75 -18.95
N GLY B 170 -15.84 7.81 -19.16
CA GLY B 170 -16.18 9.09 -18.60
C GLY B 170 -15.80 9.27 -17.16
N TYR B 171 -14.90 8.43 -16.63
CA TYR B 171 -14.40 8.57 -15.27
C TYR B 171 -12.89 8.65 -15.31
N ALA B 172 -12.34 9.79 -14.91
CA ALA B 172 -10.90 9.97 -14.93
C ALA B 172 -10.29 9.44 -13.65
N LEU B 173 -9.01 9.07 -13.73
CA LEU B 173 -8.32 8.43 -12.63
C LEU B 173 -7.18 9.33 -12.16
N PRO B 174 -7.40 10.13 -11.11
CA PRO B 174 -6.42 11.17 -10.77
C PRO B 174 -5.12 10.66 -10.18
N HIS B 175 -5.03 9.40 -9.76
CA HIS B 175 -3.79 8.90 -9.20
C HIS B 175 -2.91 8.21 -10.24
N ALA B 176 -3.11 8.51 -11.52
CA ALA B 176 -2.32 7.88 -12.57
C ALA B 176 -1.75 8.86 -13.58
N ILE B 177 -1.85 10.16 -13.34
CA ILE B 177 -1.36 11.15 -14.30
C ILE B 177 0.14 11.30 -14.17
N MET B 178 0.85 11.23 -15.30
CA MET B 178 2.30 11.35 -15.32
C MET B 178 2.69 12.54 -16.18
N ARG B 179 3.59 13.37 -15.68
CA ARG B 179 4.06 14.56 -16.39
C ARG B 179 5.57 14.56 -16.47
N LEU B 180 6.11 14.77 -17.67
CA LEU B 180 7.54 14.79 -17.91
C LEU B 180 7.91 16.10 -18.59
N ASP B 181 9.02 16.71 -18.17
CA ASP B 181 9.33 18.07 -18.63
C ASP B 181 10.25 18.07 -19.84
N LEU B 182 10.42 16.94 -20.51
CA LEU B 182 11.17 16.96 -21.76
C LEU B 182 10.29 17.50 -22.87
N ALA B 183 10.85 18.38 -23.69
CA ALA B 183 10.03 19.31 -24.45
C ALA B 183 10.36 19.24 -25.94
N GLY B 184 9.90 20.26 -26.66
CA GLY B 184 10.27 20.39 -28.06
C GLY B 184 11.45 21.31 -28.28
N ARG B 185 11.53 22.40 -27.50
CA ARG B 185 12.63 23.34 -27.68
C ARG B 185 13.93 22.80 -27.14
N ASP B 186 13.86 21.75 -26.31
CA ASP B 186 15.09 21.12 -25.86
C ASP B 186 15.70 20.26 -26.97
N LEU B 187 14.87 19.83 -27.91
CA LEU B 187 15.39 19.09 -29.05
C LEU B 187 16.10 20.01 -30.04
N THR B 188 15.62 21.25 -30.14
CA THR B 188 16.29 22.25 -30.96
C THR B 188 17.66 22.59 -30.38
N ASP B 189 17.74 22.72 -29.06
CA ASP B 189 18.96 23.18 -28.43
C ASP B 189 20.03 22.10 -28.44
N TYR B 190 19.65 20.83 -28.47
CA TYR B 190 20.66 19.78 -28.54
C TYR B 190 21.20 19.62 -29.95
N LEU B 191 20.41 19.99 -30.96
CA LEU B 191 20.88 19.85 -32.34
C LEU B 191 21.99 20.83 -32.65
N MET B 192 21.84 22.08 -32.22
CA MET B 192 22.86 23.10 -32.47
C MET B 192 24.11 22.92 -31.61
N LYS B 193 24.12 21.94 -30.72
CA LYS B 193 25.36 21.54 -30.08
C LYS B 193 26.12 20.49 -30.89
N ILE B 194 25.40 19.61 -31.58
CA ILE B 194 26.06 18.52 -32.29
C ILE B 194 26.71 19.02 -33.58
N LEU B 195 26.16 20.06 -34.20
CA LEU B 195 26.68 20.52 -35.49
C LEU B 195 28.04 21.19 -35.40
N THR B 196 28.55 21.47 -34.20
CA THR B 196 29.89 22.01 -34.08
C THR B 196 30.98 20.96 -34.27
N GLU B 197 30.62 19.73 -34.57
CA GLU B 197 31.62 18.71 -34.85
C GLU B 197 32.04 18.68 -36.30
N ARG B 198 31.40 19.49 -37.16
CA ARG B 198 31.85 19.65 -38.52
C ARG B 198 32.31 21.05 -38.86
N GLY B 199 31.95 22.05 -38.06
CA GLY B 199 32.46 23.38 -38.29
C GLY B 199 31.37 24.42 -38.47
N TYR B 200 30.17 24.13 -38.01
CA TYR B 200 29.05 25.04 -38.11
C TYR B 200 28.77 25.62 -36.74
N SER B 201 28.49 26.93 -36.68
CA SER B 201 28.27 27.57 -35.39
C SER B 201 27.17 28.62 -35.50
N PHE B 202 26.09 28.43 -34.74
CA PHE B 202 24.92 29.31 -34.74
C PHE B 202 24.67 29.72 -33.30
N VAL B 203 25.16 30.87 -32.87
CA VAL B 203 24.97 31.35 -31.49
C VAL B 203 24.45 32.78 -31.59
N THR B 204 23.12 32.94 -31.60
CA THR B 204 22.34 34.18 -31.46
C THR B 204 20.89 33.73 -31.36
N THR B 205 20.06 34.55 -30.71
CA THR B 205 18.62 34.31 -30.71
C THR B 205 18.02 34.39 -32.11
N ALA B 206 18.63 35.16 -33.00
CA ALA B 206 18.15 35.19 -34.37
C ALA B 206 18.59 33.96 -35.16
N GLU B 207 19.76 33.39 -34.82
CA GLU B 207 20.25 32.20 -35.50
C GLU B 207 19.46 30.95 -35.16
N ARG B 208 18.64 31.00 -34.10
CA ARG B 208 17.97 29.81 -33.61
C ARG B 208 16.89 29.33 -34.56
N GLU B 209 16.22 30.25 -35.25
CA GLU B 209 15.09 29.86 -36.08
C GLU B 209 15.49 29.19 -37.38
N ILE B 210 16.70 29.40 -37.88
CA ILE B 210 17.11 28.62 -39.04
C ILE B 210 17.72 27.30 -38.64
N VAL B 211 17.80 27.01 -37.33
CA VAL B 211 18.14 25.66 -36.88
C VAL B 211 16.85 24.86 -36.68
N ARG B 212 15.77 25.53 -36.29
CA ARG B 212 14.47 24.90 -36.19
C ARG B 212 13.99 24.44 -37.55
N ASP B 213 14.28 25.20 -38.59
CA ASP B 213 13.73 24.91 -39.91
C ASP B 213 14.45 23.74 -40.56
N ILE B 214 15.67 23.45 -40.11
CA ILE B 214 16.36 22.23 -40.55
C ILE B 214 15.69 21.01 -39.96
N LYS B 215 15.25 21.11 -38.70
CA LYS B 215 14.73 19.96 -37.97
C LYS B 215 13.42 19.48 -38.57
N GLU B 216 12.59 20.40 -39.06
CA GLU B 216 11.27 20.03 -39.52
C GLU B 216 11.33 19.40 -40.90
N LYS B 217 12.42 19.61 -41.64
CA LYS B 217 12.43 19.15 -43.02
C LYS B 217 13.06 17.77 -43.15
N LEU B 218 14.25 17.55 -42.57
CA LEU B 218 14.91 16.28 -42.75
C LEU B 218 15.39 15.69 -41.41
N CYS B 219 14.47 15.03 -40.72
CA CYS B 219 14.75 14.23 -39.53
C CYS B 219 13.79 13.06 -39.52
N TYR B 220 14.25 11.91 -39.02
CA TYR B 220 13.41 10.72 -38.97
C TYR B 220 13.81 9.89 -37.77
N VAL B 221 12.89 9.04 -37.32
CA VAL B 221 13.11 8.18 -36.17
C VAL B 221 13.36 6.76 -36.68
N ALA B 222 14.57 6.27 -36.48
CA ALA B 222 14.93 4.97 -37.00
C ALA B 222 14.31 3.85 -36.16
N LEU B 223 14.02 2.73 -36.82
CA LEU B 223 13.41 1.61 -36.12
C LEU B 223 14.44 0.84 -35.31
N ASP B 224 15.70 0.90 -35.70
CA ASP B 224 16.79 0.30 -34.95
C ASP B 224 17.88 1.35 -34.76
N PHE B 225 18.76 1.12 -33.80
CA PHE B 225 19.78 2.11 -33.50
C PHE B 225 21.20 1.62 -33.69
N GLU B 226 21.48 0.34 -33.44
CA GLU B 226 22.87 -0.09 -33.44
C GLU B 226 23.39 -0.32 -34.84
N ASN B 227 22.59 -0.93 -35.71
CA ASN B 227 23.03 -1.15 -37.08
C ASN B 227 23.04 0.13 -37.90
N GLU B 228 22.24 1.13 -37.52
CA GLU B 228 22.26 2.40 -38.22
C GLU B 228 23.57 3.15 -38.00
N MET B 229 24.20 2.94 -36.85
CA MET B 229 25.50 3.54 -36.61
C MET B 229 26.58 2.86 -37.43
N ALA B 230 26.38 1.59 -37.81
CA ALA B 230 27.34 0.87 -38.62
C ALA B 230 27.07 1.01 -40.11
N THR B 231 25.82 1.25 -40.50
CA THR B 231 25.50 1.45 -41.91
C THR B 231 26.02 2.79 -42.40
N ALA B 232 25.68 3.87 -41.71
CA ALA B 232 26.05 5.21 -42.14
C ALA B 232 27.53 5.50 -41.93
N ALA B 233 28.23 4.72 -41.12
CA ALA B 233 29.66 4.89 -40.98
C ALA B 233 30.43 4.28 -42.14
N SER B 234 29.83 3.33 -42.85
CA SER B 234 30.52 2.68 -43.96
C SER B 234 30.08 3.21 -45.31
N SER B 235 28.77 3.30 -45.54
CA SER B 235 28.23 3.76 -46.80
C SER B 235 27.78 5.21 -46.69
N SER B 236 28.01 5.98 -47.74
CA SER B 236 27.57 7.37 -47.79
C SER B 236 26.29 7.42 -48.62
N SER B 237 25.20 6.98 -48.02
CA SER B 237 23.93 6.84 -48.71
C SER B 237 22.89 7.85 -48.27
N LEU B 238 22.74 8.09 -46.97
CA LEU B 238 21.70 8.95 -46.45
C LEU B 238 22.17 10.39 -46.24
N GLU B 239 23.27 10.78 -46.86
CA GLU B 239 23.87 12.09 -46.64
C GLU B 239 23.28 13.10 -47.60
N LYS B 240 22.57 14.10 -47.06
CA LYS B 240 21.85 15.05 -47.88
C LYS B 240 22.42 16.45 -47.69
N SER B 241 21.77 17.45 -48.31
CA SER B 241 22.28 18.80 -48.34
C SER B 241 21.13 19.80 -48.24
N TYR B 242 21.50 21.06 -47.96
CA TYR B 242 20.54 22.10 -47.62
C TYR B 242 21.23 23.45 -47.77
N GLU B 243 20.49 24.45 -48.23
CA GLU B 243 21.06 25.80 -48.35
C GLU B 243 20.34 26.76 -47.42
N LEU B 244 21.03 27.85 -47.11
CA LEU B 244 20.64 28.80 -46.07
C LEU B 244 20.57 30.18 -46.71
N PRO B 245 19.97 31.21 -46.09
CA PRO B 245 19.79 32.50 -46.78
C PRO B 245 21.06 33.29 -47.05
N ASP B 246 22.23 32.80 -46.68
CA ASP B 246 23.46 33.42 -47.13
C ASP B 246 23.78 33.05 -48.57
N GLY B 247 23.36 31.87 -48.99
CA GLY B 247 23.66 31.36 -50.31
C GLY B 247 24.62 30.19 -50.33
N GLN B 248 24.98 29.65 -49.17
CA GLN B 248 25.97 28.58 -49.10
C GLN B 248 25.28 27.22 -49.00
N VAL B 249 26.07 26.17 -48.89
CA VAL B 249 25.57 24.79 -48.91
C VAL B 249 26.03 24.09 -47.63
N ILE B 250 25.10 23.45 -46.94
CA ILE B 250 25.38 22.70 -45.72
C ILE B 250 25.11 21.23 -46.00
N THR B 251 26.03 20.36 -45.60
CA THR B 251 25.90 18.92 -45.80
C THR B 251 25.75 18.22 -44.47
N ILE B 252 24.64 17.51 -44.28
CA ILE B 252 24.30 16.87 -43.01
C ILE B 252 24.09 15.38 -43.23
N GLY B 253 24.90 14.57 -42.57
CA GLY B 253 24.63 13.15 -42.47
C GLY B 253 25.04 12.70 -41.09
N ASN B 254 24.38 11.66 -40.59
CA ASN B 254 24.52 10.94 -39.30
C ASN B 254 23.90 11.72 -38.14
N GLU B 255 23.48 12.97 -38.33
CA GLU B 255 22.76 13.67 -37.27
C GLU B 255 21.27 13.75 -37.56
N ARG B 256 20.78 13.02 -38.55
CA ARG B 256 19.37 13.12 -38.87
C ARG B 256 18.52 12.35 -37.89
N PHE B 257 18.91 11.11 -37.58
CA PHE B 257 18.17 10.27 -36.66
C PHE B 257 18.69 10.36 -35.24
N ARG B 258 19.90 10.87 -35.06
CA ARG B 258 20.55 10.90 -33.76
C ARG B 258 19.91 11.92 -32.81
N CYS B 259 19.27 12.95 -33.36
CA CYS B 259 18.60 13.93 -32.51
C CYS B 259 17.27 13.46 -31.90
N PRO B 260 16.34 12.77 -32.59
CA PRO B 260 15.14 12.31 -31.88
C PRO B 260 15.34 11.07 -31.03
N GLU B 261 16.55 10.53 -30.91
CA GLU B 261 16.78 9.40 -30.04
C GLU B 261 16.82 9.77 -28.57
N THR B 262 16.82 11.05 -28.23
CA THR B 262 16.81 11.42 -26.82
C THR B 262 15.45 11.24 -26.18
N LEU B 263 14.38 11.06 -26.95
CA LEU B 263 13.09 10.71 -26.38
C LEU B 263 13.06 9.30 -25.82
N PHE B 264 13.99 8.45 -26.23
CA PHE B 264 14.02 7.09 -25.72
C PHE B 264 15.14 6.88 -24.72
N GLN B 265 16.19 7.69 -24.78
CA GLN B 265 17.29 7.67 -23.81
C GLN B 265 17.55 9.11 -23.40
N PRO B 266 16.94 9.59 -22.32
CA PRO B 266 17.17 10.97 -21.88
C PRO B 266 18.51 11.21 -21.20
N SER B 267 19.41 10.24 -21.17
CA SER B 267 20.72 10.45 -20.56
C SER B 267 21.63 11.32 -21.40
N PHE B 268 21.31 11.54 -22.68
CA PHE B 268 22.17 12.34 -23.54
C PHE B 268 22.18 13.80 -23.13
N ILE B 269 21.04 14.31 -22.68
CA ILE B 269 21.03 15.64 -22.07
C ILE B 269 21.69 15.59 -20.70
N GLY B 270 21.40 14.56 -19.92
CA GLY B 270 21.82 14.48 -18.54
C GLY B 270 20.65 14.38 -17.59
N MET B 271 19.44 14.62 -18.08
CA MET B 271 18.24 14.41 -17.28
C MET B 271 18.06 12.94 -17.01
N GLU B 272 17.90 12.57 -15.75
CA GLU B 272 17.74 11.17 -15.39
C GLU B 272 16.26 10.85 -15.23
N SER B 273 15.72 10.10 -16.20
CA SER B 273 14.33 9.72 -16.17
C SER B 273 14.21 8.36 -16.87
N ALA B 274 12.98 8.02 -17.28
CA ALA B 274 12.70 6.69 -17.80
C ALA B 274 12.63 6.64 -19.33
N GLY B 275 11.86 7.54 -19.94
CA GLY B 275 11.65 7.51 -21.37
C GLY B 275 10.17 7.60 -21.70
N ILE B 276 9.91 7.79 -22.99
CA ILE B 276 8.53 8.04 -23.39
C ILE B 276 7.72 6.76 -23.46
N HIS B 277 8.37 5.60 -23.46
CA HIS B 277 7.63 4.35 -23.55
C HIS B 277 7.44 3.67 -22.20
N GLU B 278 8.39 3.81 -21.27
CA GLU B 278 8.16 3.24 -19.94
C GLU B 278 7.20 4.07 -19.11
N THR B 279 7.04 5.35 -19.44
CA THR B 279 6.05 6.17 -18.73
C THR B 279 4.65 5.73 -19.09
N THR B 280 4.42 5.36 -20.35
CA THR B 280 3.12 4.86 -20.76
C THR B 280 2.84 3.48 -20.18
N TYR B 281 3.88 2.66 -20.02
CA TYR B 281 3.68 1.34 -19.46
C TYR B 281 3.40 1.39 -17.97
N ASN B 282 4.08 2.27 -17.25
CA ASN B 282 3.82 2.38 -15.82
C ASN B 282 2.52 3.10 -15.51
N SER B 283 1.96 3.81 -16.48
CA SER B 283 0.67 4.44 -16.24
C SER B 283 -0.45 3.43 -16.27
N ILE B 284 -0.36 2.41 -17.13
CA ILE B 284 -1.38 1.38 -17.15
C ILE B 284 -1.23 0.47 -15.94
N MET B 285 0.00 0.25 -15.50
CA MET B 285 0.25 -0.70 -14.42
C MET B 285 -0.25 -0.16 -13.09
N LYS B 286 -0.30 1.15 -12.91
CA LYS B 286 -0.86 1.72 -11.70
C LYS B 286 -2.37 1.71 -11.68
N CYS B 287 -3.01 1.35 -12.79
CA CYS B 287 -4.46 1.26 -12.86
C CYS B 287 -4.92 -0.09 -12.32
N ASP B 288 -6.18 -0.44 -12.55
CA ASP B 288 -6.76 -1.64 -11.97
C ASP B 288 -6.33 -2.88 -12.75
N ILE B 289 -7.02 -3.99 -12.52
CA ILE B 289 -6.74 -5.22 -13.25
C ILE B 289 -7.83 -5.54 -14.26
N ASP B 290 -9.00 -4.93 -14.16
CA ASP B 290 -10.10 -5.31 -15.03
C ASP B 290 -10.24 -4.42 -16.25
N ILE B 291 -9.67 -3.23 -16.23
CA ILE B 291 -9.85 -2.34 -17.35
C ILE B 291 -8.53 -2.10 -18.07
N ARG B 292 -7.60 -3.03 -17.91
CA ARG B 292 -6.37 -2.92 -18.69
C ARG B 292 -6.57 -3.34 -20.12
N LYS B 293 -7.54 -4.24 -20.38
CA LYS B 293 -7.70 -4.78 -21.72
C LYS B 293 -8.27 -3.76 -22.70
N ASP B 294 -9.15 -2.89 -22.23
CA ASP B 294 -9.67 -1.84 -23.09
C ASP B 294 -8.69 -0.69 -23.29
N LEU B 295 -7.55 -0.69 -22.59
CA LEU B 295 -6.59 0.37 -22.77
C LEU B 295 -5.43 -0.02 -23.66
N TYR B 296 -5.14 -1.31 -23.83
CA TYR B 296 -4.13 -1.69 -24.81
C TYR B 296 -4.62 -1.53 -26.23
N ALA B 297 -5.92 -1.44 -26.46
CA ALA B 297 -6.43 -1.30 -27.81
C ALA B 297 -6.77 0.14 -28.18
N ASN B 298 -6.53 1.11 -27.30
CA ASN B 298 -6.88 2.50 -27.55
C ASN B 298 -5.74 3.41 -27.11
N ASN B 299 -4.83 3.70 -28.01
CA ASN B 299 -3.73 4.63 -27.75
C ASN B 299 -3.82 5.77 -28.77
N VAL B 300 -4.59 6.79 -28.44
CA VAL B 300 -4.59 7.97 -29.28
C VAL B 300 -3.33 8.78 -28.99
N MET B 301 -2.98 9.65 -29.93
CA MET B 301 -1.66 10.27 -29.93
C MET B 301 -1.72 11.53 -30.78
N SER B 302 -1.72 12.69 -30.15
CA SER B 302 -2.09 13.90 -30.87
C SER B 302 -1.20 15.08 -30.54
N GLY B 303 0.10 14.87 -30.48
CA GLY B 303 1.00 15.97 -30.21
C GLY B 303 1.47 16.67 -31.46
N GLY B 304 1.94 17.90 -31.29
CA GLY B 304 2.56 18.60 -32.41
C GLY B 304 3.92 18.02 -32.76
N THR B 305 4.61 17.44 -31.79
CA THR B 305 5.92 16.84 -32.02
C THR B 305 5.81 15.47 -32.65
N THR B 306 4.61 14.90 -32.70
CA THR B 306 4.41 13.54 -33.16
C THR B 306 4.66 13.37 -34.66
N MET B 307 4.73 14.45 -35.40
CA MET B 307 4.83 14.45 -36.86
C MET B 307 6.13 13.86 -37.40
N TYR B 308 7.06 13.30 -36.64
CA TYR B 308 8.22 12.68 -37.27
C TYR B 308 7.80 11.41 -38.00
N PRO B 309 8.40 11.12 -39.15
CA PRO B 309 8.09 9.87 -39.84
C PRO B 309 8.73 8.68 -39.14
N GLY B 310 7.98 7.58 -39.07
CA GLY B 310 8.50 6.39 -38.43
C GLY B 310 8.29 6.33 -36.94
N ILE B 311 7.41 7.14 -36.38
CA ILE B 311 7.20 7.14 -34.95
C ILE B 311 6.10 6.18 -34.53
N ALA B 312 5.19 5.82 -35.44
CA ALA B 312 4.10 4.93 -35.08
C ALA B 312 4.55 3.48 -35.02
N ASP B 313 5.40 3.08 -35.96
CA ASP B 313 5.91 1.72 -35.98
C ASP B 313 6.92 1.46 -34.87
N ARG B 314 7.50 2.51 -34.31
CA ARG B 314 8.45 2.33 -33.22
C ARG B 314 7.75 2.01 -31.92
N MET B 315 6.59 2.61 -31.68
CA MET B 315 5.84 2.32 -30.46
C MET B 315 5.12 0.98 -30.50
N GLN B 316 4.85 0.45 -31.70
CA GLN B 316 4.35 -0.92 -31.82
C GLN B 316 5.38 -1.92 -31.30
N LYS B 317 6.64 -1.72 -31.66
CA LYS B 317 7.67 -2.69 -31.37
C LYS B 317 8.11 -2.67 -29.92
N GLU B 318 7.93 -1.54 -29.24
CA GLU B 318 8.53 -1.40 -27.93
C GLU B 318 7.66 -2.00 -26.83
N ILE B 319 6.35 -1.77 -26.89
CA ILE B 319 5.49 -2.17 -25.79
C ILE B 319 5.24 -3.68 -25.80
N THR B 320 5.28 -4.31 -26.97
CA THR B 320 5.13 -5.77 -27.04
C THR B 320 6.27 -6.53 -26.36
N ALA B 321 7.41 -5.88 -26.14
CA ALA B 321 8.44 -6.48 -25.31
C ALA B 321 8.11 -6.38 -23.83
N LEU B 322 7.13 -5.57 -23.45
CA LEU B 322 6.77 -5.40 -22.05
C LEU B 322 5.43 -6.03 -21.70
N ALA B 323 4.48 -6.04 -22.63
CA ALA B 323 3.18 -6.65 -22.39
C ALA B 323 3.31 -8.17 -22.40
N PRO B 324 2.38 -8.88 -21.75
CA PRO B 324 2.36 -10.34 -21.89
C PRO B 324 1.98 -10.77 -23.29
N SER B 325 2.32 -12.02 -23.60
CA SER B 325 2.36 -12.51 -24.98
C SER B 325 0.99 -12.77 -25.59
N THR B 326 -0.09 -12.63 -24.83
CA THR B 326 -1.40 -12.94 -25.37
C THR B 326 -2.09 -11.73 -25.95
N MET B 327 -1.93 -10.57 -25.31
CA MET B 327 -2.84 -9.46 -25.59
C MET B 327 -2.41 -8.69 -26.82
N LYS B 328 -3.24 -7.73 -27.19
CA LYS B 328 -3.16 -7.03 -28.47
C LYS B 328 -3.00 -5.54 -28.26
N ILE B 329 -2.07 -4.94 -29.01
CA ILE B 329 -1.82 -3.51 -28.90
C ILE B 329 -2.17 -2.84 -30.21
N LYS B 330 -2.46 -1.55 -30.13
CA LYS B 330 -2.92 -0.78 -31.28
C LYS B 330 -2.73 0.70 -31.02
N ILE B 331 -1.88 1.35 -31.81
CA ILE B 331 -1.64 2.79 -31.72
C ILE B 331 -2.40 3.49 -32.84
N ILE B 332 -3.23 4.46 -32.47
CA ILE B 332 -4.08 5.18 -33.39
C ILE B 332 -3.43 6.53 -33.68
N ALA B 333 -3.35 6.89 -34.96
CA ALA B 333 -2.72 8.14 -35.37
C ALA B 333 -3.49 8.76 -36.52
N PRO B 334 -4.38 9.71 -36.25
CA PRO B 334 -5.10 10.39 -37.31
C PRO B 334 -4.16 11.34 -38.04
N PRO B 335 -4.42 11.63 -39.33
CA PRO B 335 -3.48 12.44 -40.10
C PRO B 335 -3.51 13.92 -39.75
N GLU B 336 -4.65 14.42 -39.33
CA GLU B 336 -4.73 15.82 -38.90
C GLU B 336 -4.69 15.88 -37.37
N ARG B 337 -3.57 15.42 -36.82
CA ARG B 337 -3.42 15.35 -35.37
C ARG B 337 -2.67 16.55 -34.84
N LYS B 338 -2.64 17.65 -35.58
CA LYS B 338 -1.95 18.83 -35.10
C LYS B 338 -2.90 19.84 -34.48
N TYR B 339 -4.07 20.03 -35.08
CA TYR B 339 -5.05 20.99 -34.61
C TYR B 339 -6.11 20.38 -33.71
N SER B 340 -5.92 19.13 -33.30
CA SER B 340 -6.98 18.36 -32.65
C SER B 340 -7.36 18.90 -31.29
N VAL B 341 -6.49 19.69 -30.65
CA VAL B 341 -6.88 20.32 -29.41
C VAL B 341 -7.84 21.48 -29.69
N TRP B 342 -7.70 22.13 -30.85
CA TRP B 342 -8.67 23.14 -31.20
C TRP B 342 -9.98 22.53 -31.68
N ILE B 343 -9.93 21.32 -32.24
CA ILE B 343 -11.12 20.70 -32.80
C ILE B 343 -12.10 20.34 -31.70
N GLY B 344 -11.61 19.74 -30.61
CA GLY B 344 -12.46 19.42 -29.48
C GLY B 344 -12.99 20.63 -28.77
N GLY B 345 -12.30 21.78 -28.87
CA GLY B 345 -12.82 23.00 -28.29
C GLY B 345 -13.99 23.55 -29.05
N SER B 346 -14.09 23.24 -30.33
CA SER B 346 -15.24 23.70 -31.11
C SER B 346 -16.50 22.91 -30.79
N ILE B 347 -16.36 21.65 -30.42
CA ILE B 347 -17.52 20.83 -30.15
C ILE B 347 -18.15 21.19 -28.82
N LEU B 348 -17.34 21.35 -27.77
CA LEU B 348 -17.87 21.58 -26.44
C LEU B 348 -18.46 22.97 -26.28
N ALA B 349 -18.08 23.92 -27.13
CA ALA B 349 -18.69 25.25 -27.04
C ALA B 349 -20.08 25.27 -27.62
N SER B 350 -20.31 24.57 -28.73
CA SER B 350 -21.61 24.54 -29.38
C SER B 350 -22.53 23.47 -28.81
N LEU B 351 -22.19 22.92 -27.65
CA LEU B 351 -22.92 21.82 -27.07
C LEU B 351 -24.05 22.36 -26.20
N SER B 352 -25.18 21.65 -26.19
CA SER B 352 -26.40 22.17 -25.57
C SER B 352 -26.43 22.02 -24.06
N THR B 353 -25.94 20.89 -23.55
CA THR B 353 -25.94 20.63 -22.11
C THR B 353 -24.97 21.55 -21.38
N PHE B 354 -23.92 22.00 -22.06
CA PHE B 354 -22.82 22.77 -21.50
C PHE B 354 -23.24 24.14 -20.99
N GLN B 355 -24.42 24.64 -21.35
CA GLN B 355 -24.81 26.03 -21.14
C GLN B 355 -25.08 26.39 -19.69
N GLN B 356 -24.96 25.46 -18.74
CA GLN B 356 -25.00 25.80 -17.33
C GLN B 356 -23.62 25.79 -16.68
N MET B 357 -22.56 25.63 -17.47
CA MET B 357 -21.22 25.55 -16.91
C MET B 357 -20.43 26.83 -17.08
N TRP B 358 -21.04 27.91 -17.55
CA TRP B 358 -20.29 29.15 -17.68
C TRP B 358 -20.16 29.82 -16.32
N ILE B 359 -19.33 30.87 -16.27
CA ILE B 359 -19.10 31.63 -15.06
C ILE B 359 -19.56 33.05 -15.33
N THR B 360 -20.68 33.45 -14.74
CA THR B 360 -21.20 34.78 -15.00
C THR B 360 -20.40 35.84 -14.25
N LYS B 361 -20.64 37.09 -14.60
CA LYS B 361 -19.92 38.20 -14.00
C LYS B 361 -20.37 38.45 -12.56
N GLN B 362 -21.62 38.12 -12.25
CA GLN B 362 -22.10 38.28 -10.89
C GLN B 362 -21.45 37.29 -9.94
N GLU B 363 -21.04 36.14 -10.44
CA GLU B 363 -20.36 35.16 -9.60
C GLU B 363 -19.00 35.66 -9.14
N TYR B 364 -18.35 36.47 -9.97
CA TYR B 364 -17.06 37.02 -9.58
C TYR B 364 -17.21 38.10 -8.51
N ASP B 365 -18.32 38.83 -8.54
CA ASP B 365 -18.54 39.89 -7.56
C ASP B 365 -18.95 39.36 -6.20
N GLU B 366 -19.41 38.11 -6.13
CA GLU B 366 -19.79 37.54 -4.84
C GLU B 366 -18.58 37.01 -4.09
N ALA B 367 -17.80 36.15 -4.73
CA ALA B 367 -16.66 35.50 -4.09
C ALA B 367 -15.33 36.16 -4.41
N GLY B 368 -15.01 36.33 -5.69
CA GLY B 368 -13.75 36.87 -6.09
C GLY B 368 -13.00 35.93 -7.02
N PRO B 369 -11.67 36.06 -7.07
CA PRO B 369 -10.90 35.23 -8.00
C PRO B 369 -10.68 33.80 -7.53
N SER B 370 -11.13 33.43 -6.33
CA SER B 370 -11.01 32.07 -5.86
C SER B 370 -12.20 31.20 -6.25
N ILE B 371 -13.08 31.71 -7.11
CA ILE B 371 -14.23 30.93 -7.56
C ILE B 371 -13.81 29.86 -8.55
N VAL B 372 -12.63 30.00 -9.16
CA VAL B 372 -12.25 29.13 -10.28
C VAL B 372 -11.81 27.75 -9.79
N HIS B 373 -11.41 27.63 -8.53
CA HIS B 373 -11.04 26.32 -8.01
C HIS B 373 -12.26 25.49 -7.64
N ARG B 374 -13.44 26.09 -7.57
CA ARG B 374 -14.64 25.38 -7.19
C ARG B 374 -15.42 24.88 -8.40
N LYS B 375 -15.73 25.79 -9.32
CA LYS B 375 -16.54 25.48 -10.50
C LYS B 375 -15.87 24.49 -11.43
N CYS B 376 -14.77 24.89 -12.06
CA CYS B 376 -14.19 24.12 -13.14
C CYS B 376 -13.10 23.21 -12.62
N PHE B 377 -12.95 22.07 -13.28
CA PHE B 377 -12.00 21.04 -12.90
C PHE B 377 -11.78 20.09 -14.06
N THR C 7 -55.09 -16.30 -14.47
CA THR C 7 -54.45 -16.08 -13.18
C THR C 7 -53.52 -17.23 -12.83
N THR C 8 -52.23 -17.02 -13.00
CA THR C 8 -51.21 -17.98 -12.61
C THR C 8 -50.35 -17.39 -11.51
N ALA C 9 -49.97 -18.23 -10.56
CA ALA C 9 -49.21 -17.76 -9.42
C ALA C 9 -47.73 -17.62 -9.77
N LEU C 10 -47.03 -16.84 -8.96
CA LEU C 10 -45.61 -16.56 -9.14
C LEU C 10 -44.80 -17.22 -8.03
N VAL C 11 -43.68 -17.81 -8.41
CA VAL C 11 -42.81 -18.50 -7.47
C VAL C 11 -41.47 -17.77 -7.46
N CYS C 12 -41.11 -17.20 -6.31
CA CYS C 12 -39.92 -16.38 -6.17
C CYS C 12 -39.05 -16.96 -5.07
N ASP C 13 -37.82 -17.34 -5.41
CA ASP C 13 -36.81 -17.77 -4.46
C ASP C 13 -35.76 -16.67 -4.36
N ASN C 14 -35.40 -16.29 -3.14
CA ASN C 14 -34.39 -15.28 -2.91
C ASN C 14 -33.42 -15.78 -1.84
N GLY C 15 -32.41 -16.51 -2.30
CA GLY C 15 -31.35 -16.96 -1.41
C GLY C 15 -30.26 -15.93 -1.27
N SER C 16 -29.26 -16.26 -0.47
CA SER C 16 -28.08 -15.41 -0.37
C SER C 16 -27.21 -15.63 -1.59
N GLY C 17 -27.08 -14.61 -2.43
CA GLY C 17 -26.40 -14.77 -3.69
C GLY C 17 -27.32 -14.73 -4.88
N LEU C 18 -27.61 -15.89 -5.46
CA LEU C 18 -28.41 -15.96 -6.67
C LEU C 18 -29.90 -15.80 -6.35
N VAL C 19 -30.62 -15.20 -7.29
CA VAL C 19 -32.06 -14.97 -7.17
C VAL C 19 -32.76 -15.63 -8.33
N LYS C 20 -33.75 -16.48 -8.04
CA LYS C 20 -34.39 -17.32 -9.03
C LYS C 20 -35.89 -17.08 -9.03
N ALA C 21 -36.50 -17.07 -10.22
CA ALA C 21 -37.91 -16.75 -10.34
C ALA C 21 -38.47 -17.35 -11.62
N GLY C 22 -39.79 -17.47 -11.66
CA GLY C 22 -40.45 -18.03 -12.82
C GLY C 22 -41.94 -18.12 -12.60
N PHE C 23 -42.62 -18.75 -13.55
CA PHE C 23 -44.06 -18.97 -13.44
C PHE C 23 -44.35 -20.34 -12.84
N ALA C 24 -45.59 -20.51 -12.41
CA ALA C 24 -46.05 -21.79 -11.89
C ALA C 24 -46.31 -22.75 -13.04
N GLY C 25 -46.23 -24.04 -12.74
CA GLY C 25 -46.47 -25.06 -13.74
C GLY C 25 -45.40 -25.13 -14.81
N ASP C 26 -44.15 -25.27 -14.43
CA ASP C 26 -43.04 -25.29 -15.37
C ASP C 26 -41.93 -26.15 -14.78
N ASP C 27 -40.89 -26.40 -15.57
CA ASP C 27 -39.78 -27.23 -15.10
C ASP C 27 -38.47 -26.50 -14.95
N ALA C 28 -38.38 -25.23 -15.37
CA ALA C 28 -37.15 -24.47 -15.26
C ALA C 28 -37.49 -22.99 -15.06
N PRO C 29 -36.68 -22.26 -14.30
CA PRO C 29 -36.92 -20.83 -14.14
C PRO C 29 -36.52 -20.04 -15.38
N ARG C 30 -36.71 -18.73 -15.29
CA ARG C 30 -36.39 -17.84 -16.39
C ARG C 30 -35.41 -16.74 -16.04
N ALA C 31 -35.25 -16.41 -14.76
CA ALA C 31 -34.38 -15.31 -14.35
C ALA C 31 -33.41 -15.84 -13.30
N VAL C 32 -32.13 -15.87 -13.63
CA VAL C 32 -31.07 -16.26 -12.70
C VAL C 32 -29.97 -15.20 -12.78
N PHE C 33 -29.76 -14.49 -11.68
CA PHE C 33 -28.79 -13.40 -11.65
C PHE C 33 -28.42 -13.12 -10.20
N PRO C 34 -27.20 -12.69 -9.92
CA PRO C 34 -26.81 -12.44 -8.53
C PRO C 34 -27.46 -11.16 -7.99
N SER C 35 -27.45 -11.04 -6.67
CA SER C 35 -28.11 -9.96 -5.96
C SER C 35 -27.05 -9.02 -5.40
N ILE C 36 -26.63 -8.05 -6.21
CA ILE C 36 -25.55 -7.13 -5.87
C ILE C 36 -26.04 -5.72 -6.15
N VAL C 37 -25.68 -4.77 -5.30
CA VAL C 37 -25.96 -3.36 -5.55
C VAL C 37 -24.64 -2.59 -5.54
N GLY C 38 -24.32 -1.95 -6.66
CA GLY C 38 -23.07 -1.23 -6.80
C GLY C 38 -23.27 0.26 -7.02
N ARG C 39 -22.29 1.05 -6.60
CA ARG C 39 -22.28 2.50 -6.72
C ARG C 39 -20.86 2.97 -7.07
N PRO C 40 -20.72 4.00 -7.88
CA PRO C 40 -19.39 4.43 -8.30
C PRO C 40 -18.63 5.15 -7.20
N ARG C 41 -17.33 5.33 -7.41
CA ARG C 41 -16.48 5.99 -6.43
C ARG C 41 -15.49 7.00 -7.01
N HIS C 42 -15.25 7.02 -8.31
CA HIS C 42 -14.38 8.05 -8.89
C HIS C 42 -15.21 9.27 -9.28
N GLN C 43 -14.63 10.15 -10.09
CA GLN C 43 -15.25 11.40 -10.49
C GLN C 43 -15.63 11.37 -11.96
N GLY C 44 -16.78 11.96 -12.28
CA GLY C 44 -17.21 12.07 -13.66
C GLY C 44 -16.65 13.32 -14.31
N VAL C 45 -16.28 13.20 -15.58
CA VAL C 45 -15.66 14.30 -16.31
C VAL C 45 -16.46 14.60 -17.57
N MET C 46 -16.67 13.60 -18.41
CA MET C 46 -17.28 13.81 -19.71
C MET C 46 -18.77 14.05 -19.55
N VAL C 47 -19.30 14.99 -20.33
CA VAL C 47 -20.62 15.55 -20.07
C VAL C 47 -21.71 14.80 -20.84
N GLY C 48 -21.45 14.46 -22.10
CA GLY C 48 -22.50 14.03 -23.01
C GLY C 48 -23.08 12.66 -22.71
N MET C 49 -22.43 11.89 -21.86
CA MET C 49 -22.93 10.56 -21.54
C MET C 49 -24.13 10.64 -20.60
N GLY C 50 -24.95 9.59 -20.62
CA GLY C 50 -26.05 9.46 -19.68
C GLY C 50 -25.65 8.54 -18.52
N GLN C 51 -25.86 9.03 -17.30
CA GLN C 51 -25.33 8.37 -16.13
C GLN C 51 -26.45 7.86 -15.24
N LYS C 52 -26.08 6.95 -14.35
CA LYS C 52 -26.97 6.44 -13.32
C LYS C 52 -26.21 6.40 -12.01
N ASP C 53 -26.95 6.52 -10.91
CA ASP C 53 -26.33 6.51 -9.60
C ASP C 53 -26.02 5.10 -9.11
N SER C 54 -26.66 4.08 -9.66
CA SER C 54 -26.48 2.72 -9.17
C SER C 54 -26.82 1.73 -10.27
N TYR C 55 -26.37 0.49 -10.09
CA TYR C 55 -26.64 -0.60 -11.02
C TYR C 55 -26.97 -1.84 -10.21
N VAL C 56 -27.87 -2.67 -10.72
CA VAL C 56 -28.53 -3.71 -9.92
C VAL C 56 -28.24 -5.11 -10.43
N GLY C 57 -28.62 -5.39 -11.67
CA GLY C 57 -28.66 -6.79 -12.07
C GLY C 57 -27.34 -7.36 -12.54
N ASP C 58 -27.34 -7.92 -13.75
CA ASP C 58 -26.09 -8.38 -14.33
C ASP C 58 -25.25 -7.23 -14.86
N GLU C 59 -25.86 -6.04 -15.00
CA GLU C 59 -25.15 -4.89 -15.52
C GLU C 59 -24.06 -4.41 -14.56
N ALA C 60 -24.32 -4.50 -13.25
CA ALA C 60 -23.29 -4.17 -12.27
C ALA C 60 -22.14 -5.16 -12.27
N GLN C 61 -22.37 -6.37 -12.77
CA GLN C 61 -21.29 -7.34 -12.88
C GLN C 61 -20.37 -7.02 -14.04
N SER C 62 -20.89 -6.40 -15.09
CA SER C 62 -20.07 -6.13 -16.27
C SER C 62 -19.07 -5.01 -16.01
N LYS C 63 -19.43 -4.05 -15.17
CA LYS C 63 -18.56 -2.91 -14.88
C LYS C 63 -18.20 -2.99 -13.41
N ARG C 64 -17.23 -3.82 -13.08
CA ARG C 64 -16.80 -3.95 -11.70
C ARG C 64 -15.50 -3.21 -11.43
N GLY C 65 -14.89 -2.64 -12.46
CA GLY C 65 -13.66 -1.90 -12.28
C GLY C 65 -13.81 -0.52 -11.67
N ILE C 66 -15.04 -0.07 -11.48
CA ILE C 66 -15.30 1.25 -10.90
C ILE C 66 -16.11 1.14 -9.61
N LEU C 67 -17.13 0.29 -9.59
CA LEU C 67 -18.13 0.30 -8.54
C LEU C 67 -17.61 -0.32 -7.25
N THR C 68 -18.40 -0.19 -6.19
CA THR C 68 -18.18 -0.88 -4.93
C THR C 68 -19.37 -1.79 -4.67
N LEU C 69 -19.13 -3.09 -4.70
CA LEU C 69 -20.22 -4.04 -4.66
C LEU C 69 -20.69 -4.26 -3.22
N LYS C 70 -21.93 -4.73 -3.08
CA LYS C 70 -22.57 -4.79 -1.78
C LYS C 70 -23.68 -5.84 -1.79
N TYR C 71 -23.70 -6.69 -0.77
CA TYR C 71 -24.73 -7.71 -0.62
C TYR C 71 -25.75 -7.25 0.42
N PRO C 72 -27.06 -7.45 0.20
CA PRO C 72 -28.01 -7.08 1.25
C PRO C 72 -28.17 -8.15 2.33
N ILE C 73 -28.06 -9.43 1.99
CA ILE C 73 -28.40 -10.53 2.90
C ILE C 73 -27.11 -11.19 3.37
N GLU C 74 -27.00 -11.42 4.68
CA GLU C 74 -25.74 -11.94 5.21
C GLU C 74 -25.76 -13.38 5.73
N GLY C 76 -28.93 -14.90 5.85
CA GLY C 76 -30.31 -15.31 5.74
C GLY C 76 -31.18 -14.30 6.41
N ILE C 77 -30.59 -13.16 6.76
CA ILE C 77 -31.26 -12.09 7.48
C ILE C 77 -31.16 -10.82 6.65
N ILE C 78 -32.28 -10.14 6.46
CA ILE C 78 -32.34 -8.90 5.69
C ILE C 78 -31.66 -7.82 6.52
N THR C 79 -30.53 -7.32 6.03
CA THR C 79 -29.82 -6.29 6.79
C THR C 79 -30.23 -4.89 6.35
N ASN C 80 -30.37 -4.66 5.05
CA ASN C 80 -30.64 -3.33 4.52
C ASN C 80 -31.89 -3.39 3.66
N TRP C 81 -32.96 -2.71 4.11
CA TRP C 81 -34.25 -2.86 3.44
C TRP C 81 -34.33 -2.04 2.17
N ASP C 82 -33.62 -0.91 2.12
CA ASP C 82 -33.73 -0.04 0.95
C ASP C 82 -33.07 -0.65 -0.28
N ASP C 83 -32.06 -1.48 -0.07
CA ASP C 83 -31.48 -2.20 -1.20
C ASP C 83 -32.35 -3.34 -1.64
N MET C 84 -33.24 -3.84 -0.77
CA MET C 84 -34.07 -4.96 -1.13
C MET C 84 -35.23 -4.53 -2.02
N GLU C 85 -35.74 -3.31 -1.82
CA GLU C 85 -36.83 -2.83 -2.65
C GLU C 85 -36.40 -2.56 -4.08
N LYS C 86 -35.13 -2.26 -4.32
CA LYS C 86 -34.66 -2.09 -5.68
C LYS C 86 -34.60 -3.42 -6.41
N ILE C 87 -34.35 -4.52 -5.70
CA ILE C 87 -34.18 -5.80 -6.36
C ILE C 87 -35.54 -6.39 -6.75
N TRP C 88 -36.52 -6.30 -5.86
CA TRP C 88 -37.86 -6.77 -6.19
C TRP C 88 -38.51 -5.91 -7.27
N HIS C 89 -38.19 -4.62 -7.30
CA HIS C 89 -38.68 -3.78 -8.39
C HIS C 89 -38.02 -4.13 -9.71
N HIS C 90 -36.80 -4.67 -9.65
CA HIS C 90 -36.11 -5.03 -10.88
C HIS C 90 -36.66 -6.30 -11.49
N THR C 91 -37.22 -7.19 -10.67
CA THR C 91 -37.70 -8.47 -11.18
C THR C 91 -39.09 -8.36 -11.77
N PHE C 92 -39.99 -7.61 -11.14
CA PHE C 92 -41.37 -7.56 -11.57
C PHE C 92 -41.57 -6.77 -12.85
N TYR C 93 -40.65 -5.87 -13.18
CA TYR C 93 -40.82 -5.01 -14.35
C TYR C 93 -39.79 -5.26 -15.42
N ASN C 94 -38.50 -5.19 -15.08
CA ASN C 94 -37.46 -5.13 -16.10
C ASN C 94 -37.07 -6.52 -16.60
N GLU C 95 -36.65 -7.40 -15.69
CA GLU C 95 -36.18 -8.72 -16.08
C GLU C 95 -37.34 -9.60 -16.52
N LEU C 96 -38.38 -9.67 -15.70
CA LEU C 96 -39.62 -10.33 -16.07
C LEU C 96 -40.68 -9.25 -16.18
N ARG C 97 -41.60 -9.41 -17.11
CA ARG C 97 -42.57 -8.37 -17.41
C ARG C 97 -43.95 -8.85 -17.00
N VAL C 98 -44.53 -8.18 -15.99
CA VAL C 98 -45.79 -8.60 -15.41
C VAL C 98 -46.37 -7.41 -14.66
N ALA C 99 -47.67 -7.42 -14.45
CA ALA C 99 -48.26 -6.52 -13.49
C ALA C 99 -48.27 -7.18 -12.11
N PRO C 100 -48.05 -6.43 -11.03
CA PRO C 100 -48.05 -7.06 -9.71
C PRO C 100 -49.43 -7.45 -9.21
N GLU C 101 -50.43 -6.63 -9.48
CA GLU C 101 -51.78 -6.84 -8.93
C GLU C 101 -52.56 -7.92 -9.63
N GLU C 102 -52.00 -8.58 -10.63
CA GLU C 102 -52.73 -9.59 -11.37
C GLU C 102 -52.57 -10.97 -10.74
N HIS C 103 -51.43 -11.24 -10.11
CA HIS C 103 -51.09 -12.61 -9.77
C HIS C 103 -50.74 -12.75 -8.29
N PRO C 104 -50.95 -13.93 -7.73
CA PRO C 104 -50.46 -14.22 -6.38
C PRO C 104 -49.01 -14.70 -6.40
N THR C 105 -48.36 -14.57 -5.24
CA THR C 105 -46.94 -14.86 -5.10
C THR C 105 -46.72 -15.96 -4.06
N LEU C 106 -45.45 -16.34 -3.90
CA LEU C 106 -45.07 -17.44 -3.01
C LEU C 106 -43.60 -17.27 -2.67
N LEU C 107 -43.29 -17.17 -1.37
CA LEU C 107 -41.94 -16.84 -0.93
C LEU C 107 -41.43 -17.92 0.01
N THR C 108 -40.10 -18.01 0.12
CA THR C 108 -39.43 -19.04 0.90
C THR C 108 -38.51 -18.40 1.93
N GLU C 109 -38.26 -19.12 3.03
CA GLU C 109 -37.42 -18.61 4.11
C GLU C 109 -36.55 -19.74 4.67
N ALA C 110 -35.91 -19.46 5.79
CA ALA C 110 -35.02 -20.29 6.57
C ALA C 110 -35.74 -20.75 7.84
N PRO C 111 -35.31 -21.85 8.49
CA PRO C 111 -36.09 -22.37 9.62
C PRO C 111 -36.08 -21.55 10.91
N LEU C 112 -34.93 -21.09 11.40
CA LEU C 112 -34.88 -20.49 12.73
C LEU C 112 -34.46 -19.02 12.72
N ASN C 113 -34.77 -18.30 11.66
CA ASN C 113 -34.55 -16.86 11.64
C ASN C 113 -35.52 -16.17 12.61
N PRO C 114 -35.18 -14.96 13.11
CA PRO C 114 -36.09 -14.30 14.06
C PRO C 114 -37.41 -13.84 13.48
N LYS C 115 -38.28 -13.31 14.34
CA LYS C 115 -39.68 -13.11 13.96
C LYS C 115 -39.85 -11.91 13.04
N ALA C 116 -39.08 -10.85 13.25
CA ALA C 116 -39.28 -9.62 12.49
C ALA C 116 -38.82 -9.74 11.05
N ASN C 117 -38.11 -10.81 10.70
CA ASN C 117 -37.67 -10.99 9.32
C ASN C 117 -38.85 -11.40 8.44
N ARG C 118 -39.72 -12.26 8.92
CA ARG C 118 -40.87 -12.72 8.16
C ARG C 118 -42.10 -11.87 8.40
N GLU C 119 -41.95 -10.72 9.01
CA GLU C 119 -43.06 -9.85 9.35
C GLU C 119 -43.00 -8.50 8.65
N LYS C 120 -41.82 -7.92 8.50
CA LYS C 120 -41.67 -6.70 7.72
C LYS C 120 -41.94 -6.94 6.25
N MET C 121 -41.73 -8.16 5.77
CA MET C 121 -41.99 -8.49 4.39
C MET C 121 -43.45 -8.77 4.10
N THR C 122 -44.31 -8.73 5.12
CA THR C 122 -45.75 -8.77 4.86
C THR C 122 -46.28 -7.42 4.42
N GLN C 123 -45.76 -6.34 5.02
CA GLN C 123 -46.23 -5.01 4.69
C GLN C 123 -45.86 -4.63 3.27
N ILE C 124 -44.67 -5.04 2.83
CA ILE C 124 -44.20 -4.67 1.50
C ILE C 124 -44.99 -5.40 0.43
N MET C 125 -45.40 -6.64 0.68
CA MET C 125 -46.17 -7.35 -0.32
C MET C 125 -47.65 -7.00 -0.30
N PHE C 126 -48.10 -6.19 0.66
CA PHE C 126 -49.46 -5.70 0.66
C PHE C 126 -49.56 -4.19 0.47
N GLU C 127 -48.82 -3.41 1.25
CA GLU C 127 -49.08 -1.98 1.28
C GLU C 127 -48.45 -1.27 0.09
N THR C 128 -47.16 -1.46 -0.15
CA THR C 128 -46.54 -0.77 -1.28
C THR C 128 -46.68 -1.51 -2.59
N PHE C 129 -46.90 -2.81 -2.57
CA PHE C 129 -47.27 -3.58 -3.75
C PHE C 129 -48.67 -4.11 -3.49
N ASN C 130 -49.65 -3.63 -4.24
CA ASN C 130 -51.03 -4.07 -4.07
C ASN C 130 -51.17 -5.44 -4.72
N VAL C 131 -50.79 -6.46 -3.96
CA VAL C 131 -50.77 -7.84 -4.44
C VAL C 131 -51.59 -8.69 -3.48
N PRO C 132 -52.55 -9.47 -3.95
CA PRO C 132 -53.27 -10.39 -3.06
C PRO C 132 -52.60 -11.76 -3.00
N ALA C 133 -52.91 -12.49 -1.92
CA ALA C 133 -52.67 -13.92 -1.77
C ALA C 133 -51.18 -14.28 -1.82
N MET C 134 -50.47 -13.89 -0.76
CA MET C 134 -49.10 -14.36 -0.55
C MET C 134 -49.08 -15.52 0.42
N TYR C 135 -47.92 -16.17 0.50
CA TYR C 135 -47.71 -17.32 1.40
C TYR C 135 -46.21 -17.53 1.57
N VAL C 136 -45.83 -18.05 2.74
CA VAL C 136 -44.44 -18.25 3.11
C VAL C 136 -44.22 -19.72 3.44
N ALA C 137 -43.17 -20.32 2.86
CA ALA C 137 -42.86 -21.72 3.06
C ALA C 137 -41.51 -21.87 3.76
N ILE C 138 -41.03 -23.11 3.87
CA ILE C 138 -39.76 -23.43 4.52
C ILE C 138 -38.94 -24.27 3.55
N GLN C 139 -37.66 -23.92 3.38
CA GLN C 139 -36.83 -24.56 2.36
C GLN C 139 -36.24 -25.89 2.80
N ALA C 140 -37.01 -26.74 3.36
CA ALA C 140 -36.63 -28.13 3.54
C ALA C 140 -37.74 -29.08 3.15
N VAL C 141 -38.99 -28.66 3.38
CA VAL C 141 -40.15 -29.42 2.94
C VAL C 141 -40.20 -29.48 1.42
N LEU C 142 -39.79 -28.40 0.76
CA LEU C 142 -39.89 -28.30 -0.69
C LEU C 142 -38.87 -29.17 -1.41
N SER C 143 -37.92 -29.78 -0.71
CA SER C 143 -37.02 -30.71 -1.38
C SER C 143 -37.63 -32.08 -1.56
N LEU C 144 -38.59 -32.46 -0.71
CA LEU C 144 -39.17 -33.79 -0.82
C LEU C 144 -40.15 -33.89 -1.98
N TYR C 145 -40.78 -32.79 -2.36
CA TYR C 145 -41.69 -32.82 -3.50
C TYR C 145 -40.95 -33.07 -4.80
N ALA C 146 -39.69 -32.64 -4.88
CA ALA C 146 -38.91 -32.91 -6.08
C ALA C 146 -38.54 -34.38 -6.18
N SER C 147 -38.47 -35.08 -5.04
CA SER C 147 -38.19 -36.51 -5.09
C SER C 147 -39.47 -37.32 -5.18
N GLY C 148 -40.59 -36.78 -4.71
CA GLY C 148 -41.84 -37.50 -4.71
C GLY C 148 -42.02 -38.47 -3.57
N ARG C 149 -41.09 -38.53 -2.63
CA ARG C 149 -41.19 -39.46 -1.52
C ARG C 149 -42.10 -38.89 -0.43
N THR C 150 -42.13 -39.56 0.72
CA THR C 150 -42.84 -39.05 1.87
C THR C 150 -42.13 -39.26 3.19
N THR C 151 -40.95 -39.88 3.20
CA THR C 151 -40.11 -39.99 4.38
C THR C 151 -38.69 -39.61 4.01
N GLY C 152 -37.84 -39.47 5.01
CA GLY C 152 -36.43 -39.22 4.80
C GLY C 152 -35.94 -38.02 5.57
N ILE C 153 -34.66 -37.73 5.40
CA ILE C 153 -34.00 -36.60 6.05
C ILE C 153 -33.23 -35.82 5.00
N VAL C 154 -33.36 -34.50 5.01
CA VAL C 154 -32.83 -33.66 3.96
C VAL C 154 -31.53 -33.03 4.44
N LEU C 155 -30.83 -32.34 3.54
CA LEU C 155 -29.63 -31.59 3.90
C LEU C 155 -29.42 -30.53 2.83
N ASP C 156 -29.68 -29.27 3.15
CA ASP C 156 -29.45 -28.18 2.22
C ASP C 156 -28.48 -27.19 2.83
N SER C 157 -27.47 -26.80 2.07
CA SER C 157 -26.53 -25.78 2.50
C SER C 157 -26.60 -24.54 1.63
N GLY C 158 -26.22 -24.63 0.37
CA GLY C 158 -26.20 -23.44 -0.47
C GLY C 158 -25.12 -22.49 -0.03
N ASP C 159 -25.51 -21.26 0.28
CA ASP C 159 -24.55 -20.20 0.58
C ASP C 159 -24.79 -19.51 1.90
N GLY C 160 -26.03 -19.44 2.39
CA GLY C 160 -26.27 -18.83 3.68
C GLY C 160 -25.97 -19.72 4.87
N VAL C 161 -26.74 -20.79 5.05
CA VAL C 161 -26.66 -21.65 6.22
C VAL C 161 -26.91 -23.10 5.80
N THR C 162 -26.36 -24.01 6.59
CA THR C 162 -26.61 -25.43 6.41
C THR C 162 -27.49 -25.94 7.54
N HIS C 163 -28.42 -26.86 7.21
CA HIS C 163 -29.41 -27.34 8.15
C HIS C 163 -30.00 -28.64 7.64
N ASN C 164 -30.78 -29.31 8.50
CA ASN C 164 -31.38 -30.59 8.17
C ASN C 164 -32.63 -30.84 9.01
N VAL C 165 -33.69 -31.34 8.36
CA VAL C 165 -34.98 -31.56 8.99
C VAL C 165 -35.45 -32.99 8.76
N PRO C 166 -35.68 -33.78 9.81
CA PRO C 166 -36.19 -35.15 9.60
C PRO C 166 -37.71 -35.20 9.53
N ILE C 167 -38.25 -35.93 8.55
CA ILE C 167 -39.68 -36.01 8.29
C ILE C 167 -40.06 -37.47 8.11
N TYR C 168 -41.10 -37.91 8.81
CA TYR C 168 -41.58 -39.28 8.73
C TYR C 168 -43.09 -39.27 8.51
N GLU C 169 -43.51 -39.81 7.35
CA GLU C 169 -44.91 -40.07 7.01
C GLU C 169 -45.77 -38.80 7.01
N GLY C 170 -45.17 -37.66 6.70
CA GLY C 170 -45.90 -36.41 6.77
C GLY C 170 -46.02 -35.83 8.16
N TYR C 171 -45.19 -36.26 9.10
CA TYR C 171 -45.17 -35.69 10.44
C TYR C 171 -43.75 -35.23 10.75
N ALA C 172 -43.58 -33.93 10.93
CA ALA C 172 -42.27 -33.38 11.21
C ALA C 172 -41.99 -33.44 12.71
N LEU C 173 -40.70 -33.47 13.05
CA LEU C 173 -40.28 -33.63 14.44
C LEU C 173 -39.53 -32.39 14.89
N PRO C 174 -40.20 -31.46 15.57
CA PRO C 174 -39.59 -30.14 15.82
C PRO C 174 -38.46 -30.15 16.83
N HIS C 175 -38.28 -31.21 17.61
CA HIS C 175 -37.20 -31.23 18.58
C HIS C 175 -35.93 -31.86 18.04
N ALA C 176 -35.78 -31.95 16.72
CA ALA C 176 -34.61 -32.56 16.13
C ALA C 176 -33.95 -31.72 15.05
N ILE C 177 -34.35 -30.46 14.86
CA ILE C 177 -33.79 -29.63 13.82
C ILE C 177 -32.45 -29.06 14.26
N MET C 178 -31.43 -29.19 13.41
CA MET C 178 -30.09 -28.71 13.72
C MET C 178 -29.69 -27.69 12.67
N ARG C 179 -29.15 -26.55 13.12
CA ARG C 179 -28.73 -25.47 12.23
C ARG C 179 -27.29 -25.09 12.53
N LEU C 180 -26.47 -25.03 11.49
CA LEU C 180 -25.06 -24.68 11.61
C LEU C 180 -24.75 -23.50 10.69
N ASP C 181 -23.96 -22.54 11.19
CA ASP C 181 -23.78 -21.29 10.45
C ASP C 181 -22.55 -21.32 9.55
N LEU C 182 -21.97 -22.48 9.30
CA LEU C 182 -20.89 -22.56 8.33
C LEU C 182 -21.48 -22.53 6.92
N ALA C 183 -20.87 -21.73 6.05
CA ALA C 183 -21.56 -21.26 4.87
C ALA C 183 -20.78 -21.57 3.61
N GLY C 184 -21.18 -20.90 2.52
CA GLY C 184 -20.43 -20.98 1.28
C GLY C 184 -19.44 -19.85 1.11
N ARG C 185 -19.81 -18.64 1.53
CA ARG C 185 -18.90 -17.50 1.36
C ARG C 185 -17.75 -17.56 2.34
N ASP C 186 -17.87 -18.36 3.39
CA ASP C 186 -16.75 -18.54 4.30
C ASP C 186 -15.68 -19.42 3.68
N LEU C 187 -16.08 -20.27 2.72
CA LEU C 187 -15.10 -21.08 2.01
C LEU C 187 -14.32 -20.25 1.01
N THR C 188 -14.96 -19.23 0.44
CA THR C 188 -14.27 -18.29 -0.45
C THR C 188 -13.24 -17.49 0.33
N ASP C 189 -13.60 -17.05 1.52
CA ASP C 189 -12.73 -16.16 2.28
C ASP C 189 -11.53 -16.89 2.84
N TYR C 190 -11.64 -18.19 3.10
CA TYR C 190 -10.49 -18.93 3.58
C TYR C 190 -9.51 -19.24 2.47
N LEU C 191 -10.00 -19.34 1.23
CA LEU C 191 -9.12 -19.65 0.12
C LEU C 191 -8.18 -18.51 -0.20
N MET C 192 -8.67 -17.27 -0.19
CA MET C 192 -7.85 -16.12 -0.46
C MET C 192 -6.91 -15.77 0.69
N LYS C 193 -6.99 -16.48 1.81
CA LYS C 193 -5.95 -16.39 2.82
C LYS C 193 -4.80 -17.35 2.56
N ILE C 194 -5.09 -18.52 2.00
CA ILE C 194 -4.06 -19.53 1.82
C ILE C 194 -3.14 -19.18 0.65
N LEU C 195 -3.66 -18.49 -0.37
CA LEU C 195 -2.86 -18.21 -1.56
C LEU C 195 -1.76 -17.20 -1.34
N THR C 196 -1.69 -16.54 -0.19
CA THR C 196 -0.57 -15.65 0.09
C THR C 196 0.68 -16.39 0.50
N GLU C 197 0.68 -17.72 0.50
CA GLU C 197 1.89 -18.46 0.78
C GLU C 197 2.73 -18.70 -0.46
N ARG C 198 2.24 -18.30 -1.64
CA ARG C 198 3.06 -18.35 -2.84
C ARG C 198 3.32 -16.99 -3.44
N GLY C 199 2.56 -15.97 -3.08
CA GLY C 199 2.85 -14.63 -3.55
C GLY C 199 1.70 -13.98 -4.30
N TYR C 200 0.49 -14.47 -4.07
CA TYR C 200 -0.69 -13.93 -4.72
C TYR C 200 -1.48 -13.15 -3.68
N SER C 201 -2.01 -11.99 -4.07
CA SER C 201 -2.74 -11.16 -3.12
C SER C 201 -3.92 -10.49 -3.80
N PHE C 202 -5.12 -10.77 -3.31
CA PHE C 202 -6.38 -10.26 -3.86
C PHE C 202 -7.14 -9.62 -2.71
N VAL C 203 -7.03 -8.30 -2.53
CA VAL C 203 -7.72 -7.61 -1.44
C VAL C 203 -8.44 -6.41 -2.06
N THR C 204 -9.71 -6.62 -2.44
CA THR C 204 -10.71 -5.63 -2.88
C THR C 204 -12.01 -6.41 -3.01
N THR C 205 -13.15 -5.71 -2.85
CA THR C 205 -14.45 -6.32 -3.15
C THR C 205 -14.58 -6.71 -4.61
N ALA C 206 -13.89 -6.03 -5.50
CA ALA C 206 -13.91 -6.44 -6.90
C ALA C 206 -13.03 -7.65 -7.15
N GLU C 207 -11.94 -7.80 -6.39
CA GLU C 207 -11.05 -8.94 -6.55
C GLU C 207 -11.66 -10.24 -6.07
N ARG C 208 -12.75 -10.18 -5.31
CA ARG C 208 -13.30 -11.36 -4.68
C ARG C 208 -13.92 -12.31 -5.68
N GLU C 209 -14.52 -11.78 -6.75
CA GLU C 209 -15.25 -12.62 -7.68
C GLU C 209 -14.35 -13.45 -8.60
N ILE C 210 -13.10 -13.03 -8.82
CA ILE C 210 -12.22 -13.92 -9.56
C ILE C 210 -11.53 -14.92 -8.65
N VAL C 211 -11.79 -14.87 -7.34
CA VAL C 211 -11.37 -15.95 -6.46
C VAL C 211 -12.47 -16.99 -6.35
N ARG C 212 -13.72 -16.55 -6.46
CA ARG C 212 -14.85 -17.47 -6.50
C ARG C 212 -14.80 -18.34 -7.74
N ASP C 213 -14.35 -17.77 -8.85
CA ASP C 213 -14.40 -18.49 -10.12
C ASP C 213 -13.31 -19.54 -10.20
N ILE C 214 -12.25 -19.39 -9.40
CA ILE C 214 -11.25 -20.45 -9.30
C ILE C 214 -11.82 -21.64 -8.56
N LYS C 215 -12.64 -21.39 -7.53
CA LYS C 215 -13.15 -22.43 -6.65
C LYS C 215 -14.09 -23.36 -7.39
N GLU C 216 -14.87 -22.82 -8.30
CA GLU C 216 -15.90 -23.63 -8.96
C GLU C 216 -15.31 -24.51 -10.04
N LYS C 217 -14.10 -24.19 -10.51
CA LYS C 217 -13.56 -24.93 -11.65
C LYS C 217 -12.68 -26.08 -11.21
N LEU C 218 -11.72 -25.85 -10.33
CA LEU C 218 -10.80 -26.91 -9.96
C LEU C 218 -10.66 -27.04 -8.43
N CYS C 219 -11.60 -27.75 -7.82
CA CYS C 219 -11.56 -28.16 -6.43
C CYS C 219 -12.24 -29.51 -6.31
N TYR C 220 -11.75 -30.35 -5.41
CA TYR C 220 -12.33 -31.67 -5.22
C TYR C 220 -12.17 -32.08 -3.77
N VAL C 221 -13.01 -33.02 -3.33
CA VAL C 221 -12.99 -33.51 -1.97
C VAL C 221 -12.34 -34.88 -1.97
N ALA C 222 -11.17 -34.99 -1.34
CA ALA C 222 -10.43 -36.24 -1.35
C ALA C 222 -11.06 -37.25 -0.41
N LEU C 223 -10.92 -38.53 -0.77
CA LEU C 223 -11.49 -39.58 0.06
C LEU C 223 -10.64 -39.86 1.29
N ASP C 224 -9.35 -39.56 1.22
CA ASP C 224 -8.46 -39.67 2.37
C ASP C 224 -7.70 -38.35 2.50
N PHE C 225 -7.12 -38.11 3.67
CA PHE C 225 -6.45 -36.85 3.91
C PHE C 225 -4.98 -36.98 4.23
N GLU C 226 -4.56 -38.06 4.89
CA GLU C 226 -3.18 -38.09 5.37
C GLU C 226 -2.21 -38.48 4.27
N ASN C 227 -2.57 -39.46 3.45
CA ASN C 227 -1.70 -39.85 2.36
C ASN C 227 -1.69 -38.84 1.22
N GLU C 228 -2.74 -38.03 1.09
CA GLU C 228 -2.73 -36.98 0.08
C GLU C 228 -1.73 -35.89 0.39
N MET C 229 -1.45 -35.67 1.67
CA MET C 229 -0.42 -34.70 2.03
C MET C 229 0.96 -35.25 1.75
N ALA C 230 1.12 -36.57 1.71
CA ALA C 230 2.41 -37.17 1.41
C ALA C 230 2.59 -37.45 -0.08
N THR C 231 1.49 -37.64 -0.81
CA THR C 231 1.59 -37.85 -2.25
C THR C 231 1.98 -36.57 -2.97
N ALA C 232 1.24 -35.49 -2.72
CA ALA C 232 1.48 -34.23 -3.43
C ALA C 232 2.74 -33.52 -2.96
N ALA C 233 3.28 -33.90 -1.80
CA ALA C 233 4.55 -33.32 -1.37
C ALA C 233 5.74 -33.95 -2.07
N SER C 234 5.57 -35.16 -2.61
CA SER C 234 6.68 -35.84 -3.26
C SER C 234 6.59 -35.76 -4.78
N SER C 235 5.42 -36.06 -5.33
CA SER C 235 5.22 -36.06 -6.77
C SER C 235 4.49 -34.79 -7.20
N SER C 236 4.89 -34.24 -8.34
CA SER C 236 4.23 -33.08 -8.90
C SER C 236 3.29 -33.55 -10.00
N SER C 237 2.17 -34.12 -9.58
CA SER C 237 1.22 -34.73 -10.50
C SER C 237 -0.09 -33.97 -10.64
N LEU C 238 -0.66 -33.48 -9.55
CA LEU C 238 -1.95 -32.83 -9.57
C LEU C 238 -1.84 -31.31 -9.67
N GLU C 239 -0.70 -30.80 -10.10
CA GLU C 239 -0.46 -29.37 -10.12
C GLU C 239 -0.90 -28.78 -11.45
N LYS C 240 -1.92 -27.91 -11.42
CA LYS C 240 -2.52 -27.39 -12.64
C LYS C 240 -2.31 -25.87 -12.72
N SER C 241 -2.92 -25.26 -13.74
CA SER C 241 -2.68 -23.86 -14.04
C SER C 241 -3.96 -23.20 -14.51
N TYR C 242 -3.95 -21.87 -14.53
CA TYR C 242 -5.14 -21.06 -14.76
C TYR C 242 -4.71 -19.65 -15.12
N GLU C 243 -5.44 -19.00 -16.02
CA GLU C 243 -5.13 -17.63 -16.37
C GLU C 243 -6.27 -16.70 -15.96
N LEU C 244 -5.92 -15.43 -15.82
CA LEU C 244 -6.78 -14.40 -15.24
C LEU C 244 -6.91 -13.27 -16.26
N PRO C 245 -7.86 -12.32 -16.11
CA PRO C 245 -8.06 -11.31 -17.18
C PRO C 245 -6.94 -10.30 -17.35
N ASP C 246 -5.86 -10.37 -16.57
CA ASP C 246 -4.69 -9.54 -16.86
C ASP C 246 -3.89 -10.15 -18.01
N GLY C 247 -3.92 -11.47 -18.16
CA GLY C 247 -3.14 -12.16 -19.16
C GLY C 247 -2.02 -13.01 -18.60
N GLN C 248 -1.94 -13.16 -17.29
CA GLN C 248 -0.84 -13.88 -16.66
C GLN C 248 -1.27 -15.32 -16.35
N VAL C 249 -0.36 -16.08 -15.75
CA VAL C 249 -0.56 -17.50 -15.48
C VAL C 249 -0.39 -17.75 -13.99
N ILE C 250 -1.35 -18.44 -13.39
CA ILE C 250 -1.33 -18.80 -11.98
C ILE C 250 -1.22 -20.31 -11.87
N THR C 251 -0.32 -20.79 -11.02
CA THR C 251 -0.10 -22.23 -10.83
C THR C 251 -0.53 -22.63 -9.42
N ILE C 252 -1.49 -23.54 -9.32
CA ILE C 252 -2.07 -23.94 -8.04
C ILE C 252 -1.93 -25.45 -7.87
N GLY C 253 -1.22 -25.86 -6.83
CA GLY C 253 -1.25 -27.23 -6.38
C GLY C 253 -1.19 -27.23 -4.87
N ASN C 254 -1.78 -28.28 -4.28
CA ASN C 254 -1.90 -28.62 -2.84
C ASN C 254 -2.98 -27.79 -2.15
N GLU C 255 -3.55 -26.77 -2.79
CA GLU C 255 -4.68 -26.07 -2.19
C GLU C 255 -6.00 -26.44 -2.85
N ARG C 256 -6.01 -27.49 -3.67
CA ARG C 256 -7.25 -27.85 -4.35
C ARG C 256 -8.21 -28.57 -3.42
N PHE C 257 -7.70 -29.55 -2.69
CA PHE C 257 -8.52 -30.32 -1.78
C PHE C 257 -8.48 -29.78 -0.36
N ARG C 258 -7.50 -28.94 -0.04
CA ARG C 258 -7.31 -28.47 1.32
C ARG C 258 -8.38 -27.47 1.73
N CYS C 259 -9.01 -26.80 0.77
CA CYS C 259 -10.08 -25.85 1.10
C CYS C 259 -11.42 -26.50 1.48
N PRO C 260 -11.94 -27.55 0.82
CA PRO C 260 -13.19 -28.14 1.30
C PRO C 260 -13.03 -29.06 2.50
N GLU C 261 -11.84 -29.22 3.06
CA GLU C 261 -11.68 -30.03 4.26
C GLU C 261 -12.17 -29.33 5.51
N THR C 262 -12.53 -28.06 5.45
CA THR C 262 -13.03 -27.40 6.65
C THR C 262 -14.46 -27.79 6.97
N LEU C 263 -15.18 -28.41 6.03
CA LEU C 263 -16.50 -28.94 6.35
C LEU C 263 -16.44 -30.14 7.26
N PHE C 264 -15.28 -30.80 7.36
CA PHE C 264 -15.16 -31.94 8.24
C PHE C 264 -14.39 -31.62 9.50
N GLN C 265 -13.54 -30.60 9.46
CA GLN C 265 -12.81 -30.11 10.63
C GLN C 265 -12.95 -28.61 10.67
N PRO C 266 -13.96 -28.07 11.38
CA PRO C 266 -14.12 -26.62 11.44
C PRO C 266 -13.14 -25.89 12.32
N SER C 267 -12.12 -26.56 12.86
CA SER C 267 -11.13 -25.89 13.68
C SER C 267 -10.18 -25.02 12.88
N PHE C 268 -10.14 -25.17 11.56
CA PHE C 268 -9.21 -24.39 10.73
C PHE C 268 -9.60 -22.92 10.69
N ILE C 269 -10.91 -22.64 10.69
CA ILE C 269 -11.35 -21.27 10.86
C ILE C 269 -11.14 -20.83 12.31
N GLY C 270 -11.47 -21.70 13.25
CA GLY C 270 -11.49 -21.35 14.65
C GLY C 270 -12.85 -21.54 15.28
N MET C 271 -13.88 -21.75 14.46
CA MET C 271 -15.20 -22.07 14.95
C MET C 271 -15.17 -23.46 15.60
N GLU C 272 -15.64 -23.55 16.82
CA GLU C 272 -15.63 -24.83 17.53
C GLU C 272 -17.00 -25.48 17.39
N SER C 273 -17.07 -26.53 16.59
CA SER C 273 -18.31 -27.26 16.38
C SER C 273 -17.96 -28.72 16.10
N ALA C 274 -18.90 -29.45 15.52
CA ALA C 274 -18.75 -30.89 15.34
C ALA C 274 -18.34 -31.29 13.93
N GLY C 275 -19.04 -30.79 12.91
CA GLY C 275 -18.80 -31.21 11.55
C GLY C 275 -20.09 -31.58 10.85
N ILE C 276 -19.97 -31.76 9.54
CA ILE C 276 -21.17 -31.98 8.75
C ILE C 276 -21.66 -33.42 8.86
N HIS C 277 -20.84 -34.33 9.36
CA HIS C 277 -21.28 -35.71 9.47
C HIS C 277 -21.74 -36.10 10.86
N GLU C 278 -21.17 -35.52 11.91
CA GLU C 278 -21.68 -35.81 13.24
C GLU C 278 -22.99 -35.09 13.53
N THR C 279 -23.27 -34.00 12.82
CA THR C 279 -24.56 -33.34 12.99
C THR C 279 -25.69 -34.21 12.45
N THR C 280 -25.44 -34.90 11.33
CA THR C 280 -26.45 -35.79 10.78
C THR C 280 -26.62 -37.03 11.65
N TYR C 281 -25.54 -37.49 12.28
CA TYR C 281 -25.65 -38.66 13.13
C TYR C 281 -26.37 -38.36 14.43
N ASN C 282 -26.13 -37.19 15.01
CA ASN C 282 -26.83 -36.83 16.24
C ASN C 282 -28.28 -36.43 15.98
N SER C 283 -28.63 -36.14 14.75
CA SER C 283 -30.03 -35.82 14.46
C SER C 283 -30.89 -37.08 14.46
N ILE C 284 -30.34 -38.19 13.98
CA ILE C 284 -31.09 -39.44 14.00
C ILE C 284 -31.15 -39.98 15.43
N MET C 285 -30.09 -39.77 16.21
CA MET C 285 -30.03 -40.34 17.54
C MET C 285 -31.00 -39.68 18.49
N LYS C 286 -31.35 -38.41 18.26
CA LYS C 286 -32.35 -37.76 19.08
C LYS C 286 -33.76 -38.16 18.72
N CYS C 287 -33.95 -38.92 17.65
CA CYS C 287 -35.26 -39.40 17.25
C CYS C 287 -35.61 -40.66 18.04
N ASP C 288 -36.64 -41.37 17.61
CA ASP C 288 -37.14 -42.53 18.35
C ASP C 288 -36.27 -43.76 18.10
N ILE C 289 -36.77 -44.93 18.46
CA ILE C 289 -36.05 -46.17 18.21
C ILE C 289 -36.69 -46.98 17.09
N ASP C 290 -37.94 -46.70 16.72
CA ASP C 290 -38.62 -47.53 15.76
C ASP C 290 -38.54 -47.02 14.34
N ILE C 291 -38.24 -45.73 14.15
CA ILE C 291 -38.22 -45.19 12.80
C ILE C 291 -36.82 -44.79 12.40
N ARG C 292 -35.82 -45.38 13.05
CA ARG C 292 -34.46 -45.13 12.61
C ARG C 292 -34.13 -45.91 11.34
N LYS C 293 -34.78 -47.04 11.13
CA LYS C 293 -34.42 -47.91 10.01
C LYS C 293 -34.84 -47.31 8.68
N ASP C 294 -35.97 -46.63 8.63
CA ASP C 294 -36.38 -45.97 7.39
C ASP C 294 -35.62 -44.68 7.12
N LEU C 295 -34.79 -44.22 8.05
CA LEU C 295 -34.02 -43.01 7.82
C LEU C 295 -32.58 -43.27 7.39
N TYR C 296 -32.03 -44.44 7.69
CA TYR C 296 -30.72 -44.75 7.14
C TYR C 296 -30.76 -45.05 5.65
N ALA C 297 -31.93 -45.36 5.10
CA ALA C 297 -32.01 -45.66 3.68
C ALA C 297 -32.49 -44.49 2.84
N ASN C 298 -32.71 -43.32 3.43
CA ASN C 298 -33.24 -42.16 2.71
C ASN C 298 -32.47 -40.91 3.14
N ASN C 299 -31.39 -40.60 2.44
CA ASN C 299 -30.62 -39.38 2.68
C ASN C 299 -30.61 -38.57 1.39
N VAL C 300 -31.62 -37.74 1.21
CA VAL C 300 -31.57 -36.81 0.09
C VAL C 300 -30.65 -35.66 0.43
N MET C 301 -30.19 -34.96 -0.60
CA MET C 301 -29.08 -34.03 -0.44
C MET C 301 -29.11 -33.07 -1.62
N SER C 302 -29.52 -31.83 -1.38
CA SER C 302 -29.88 -30.95 -2.49
C SER C 302 -29.37 -29.53 -2.29
N GLY C 303 -28.14 -29.38 -1.86
CA GLY C 303 -27.59 -28.05 -1.71
C GLY C 303 -26.88 -27.55 -2.95
N GLY C 304 -26.73 -26.23 -3.04
CA GLY C 304 -25.94 -25.67 -4.12
C GLY C 304 -24.46 -25.92 -3.95
N THR C 305 -24.01 -26.08 -2.71
CA THR C 305 -22.60 -26.34 -2.42
C THR C 305 -22.24 -27.80 -2.64
N THR C 306 -23.24 -28.66 -2.82
CA THR C 306 -23.03 -30.10 -2.89
C THR C 306 -22.32 -30.53 -4.17
N MET C 307 -22.22 -29.65 -5.16
CA MET C 307 -21.68 -29.96 -6.47
C MET C 307 -20.19 -30.27 -6.48
N TYR C 308 -19.44 -30.40 -5.38
CA TYR C 308 -18.06 -30.82 -5.50
C TYR C 308 -17.98 -32.29 -5.90
N PRO C 309 -17.02 -32.66 -6.74
CA PRO C 309 -16.86 -34.07 -7.08
C PRO C 309 -16.25 -34.86 -5.93
N GLY C 310 -16.76 -36.06 -5.74
CA GLY C 310 -16.27 -36.91 -4.68
C GLY C 310 -16.89 -36.69 -3.34
N ILE C 311 -18.05 -36.03 -3.28
CA ILE C 311 -18.68 -35.76 -1.99
C ILE C 311 -19.67 -36.87 -1.60
N ALA C 312 -20.16 -37.65 -2.56
CA ALA C 312 -21.12 -38.69 -2.24
C ALA C 312 -20.44 -39.91 -1.66
N ASP C 313 -19.29 -40.28 -2.20
CA ASP C 313 -18.54 -41.42 -1.69
C ASP C 313 -17.91 -41.14 -0.34
N ARG C 314 -17.73 -39.88 0.01
CA ARG C 314 -17.14 -39.56 1.30
C ARG C 314 -18.14 -39.75 2.44
N MET C 315 -19.41 -39.45 2.20
CA MET C 315 -20.43 -39.64 3.21
C MET C 315 -20.83 -41.10 3.39
N GLN C 316 -20.63 -41.94 2.37
CA GLN C 316 -20.80 -43.38 2.54
C GLN C 316 -19.81 -43.93 3.55
N LYS C 317 -18.57 -43.48 3.48
CA LYS C 317 -17.50 -44.07 4.28
C LYS C 317 -17.55 -43.60 5.72
N GLU C 318 -18.13 -42.43 5.98
CA GLU C 318 -18.00 -41.86 7.31
C GLU C 318 -19.04 -42.41 8.28
N ILE C 319 -20.28 -42.54 7.83
CA ILE C 319 -21.36 -42.90 8.75
C ILE C 319 -21.31 -44.38 9.11
N THR C 320 -20.78 -45.24 8.23
CA THR C 320 -20.63 -46.66 8.55
C THR C 320 -19.64 -46.91 9.67
N ALA C 321 -18.76 -45.96 9.98
CA ALA C 321 -17.94 -46.06 11.17
C ALA C 321 -18.72 -45.72 12.43
N LEU C 322 -19.91 -45.13 12.30
CA LEU C 322 -20.70 -44.76 13.46
C LEU C 322 -21.95 -45.61 13.64
N ALA C 323 -22.54 -46.08 12.55
CA ALA C 323 -23.71 -46.94 12.63
C ALA C 323 -23.31 -48.34 13.09
N PRO C 324 -24.24 -49.10 13.65
CA PRO C 324 -23.94 -50.51 13.95
C PRO C 324 -23.78 -51.34 12.68
N SER C 325 -23.14 -52.49 12.84
CA SER C 325 -22.58 -53.24 11.73
C SER C 325 -23.62 -53.98 10.89
N THR C 326 -24.89 -53.97 11.29
CA THR C 326 -25.88 -54.73 10.55
C THR C 326 -26.58 -53.89 9.49
N MET C 327 -26.85 -52.62 9.79
CA MET C 327 -27.81 -51.89 9.00
C MET C 327 -27.18 -51.33 7.73
N LYS C 328 -28.03 -50.72 6.91
CA LYS C 328 -27.68 -50.35 5.54
C LYS C 328 -27.87 -48.84 5.35
N ILE C 329 -26.89 -48.21 4.71
CA ILE C 329 -26.96 -46.78 4.46
C ILE C 329 -27.00 -46.53 2.96
N LYS C 330 -27.55 -45.37 2.59
CA LYS C 330 -27.77 -45.04 1.19
C LYS C 330 -27.95 -43.54 1.05
N ILE C 331 -27.04 -42.89 0.34
CA ILE C 331 -27.11 -41.46 0.06
C ILE C 331 -27.61 -41.25 -1.36
N ILE C 332 -28.67 -40.47 -1.50
CA ILE C 332 -29.31 -40.21 -2.78
C ILE C 332 -28.87 -38.85 -3.27
N ALA C 333 -28.47 -38.79 -4.54
CA ALA C 333 -27.98 -37.53 -5.13
C ALA C 333 -28.48 -37.42 -6.56
N PRO C 334 -29.57 -36.70 -6.80
CA PRO C 334 -30.03 -36.48 -8.16
C PRO C 334 -29.11 -35.50 -8.89
N PRO C 335 -29.01 -35.59 -10.22
CA PRO C 335 -28.04 -34.76 -10.94
C PRO C 335 -28.45 -33.30 -11.05
N GLU C 336 -29.75 -33.02 -11.10
CA GLU C 336 -30.22 -31.64 -11.11
C GLU C 336 -30.66 -31.24 -9.72
N ARG C 337 -29.71 -31.25 -8.79
CA ARG C 337 -30.00 -30.95 -7.41
C ARG C 337 -29.69 -29.50 -7.06
N LYS C 338 -29.64 -28.63 -8.05
CA LYS C 338 -29.36 -27.23 -7.79
C LYS C 338 -30.63 -26.40 -7.76
N TYR C 339 -31.57 -26.68 -8.64
CA TYR C 339 -32.81 -25.91 -8.73
C TYR C 339 -33.96 -26.57 -7.98
N SER C 340 -33.67 -27.60 -7.19
CA SER C 340 -34.72 -28.45 -6.63
C SER C 340 -35.59 -27.73 -5.62
N VAL C 341 -35.13 -26.63 -5.06
CA VAL C 341 -36.00 -25.86 -4.18
C VAL C 341 -37.02 -25.09 -5.02
N TRP C 342 -36.65 -24.71 -6.23
CA TRP C 342 -37.65 -24.07 -7.10
C TRP C 342 -38.61 -25.11 -7.69
N ILE C 343 -38.15 -26.35 -7.84
CA ILE C 343 -38.98 -27.38 -8.48
C ILE C 343 -40.17 -27.73 -7.59
N GLY C 344 -39.92 -27.91 -6.30
CA GLY C 344 -41.00 -28.19 -5.37
C GLY C 344 -41.96 -27.02 -5.19
N GLY C 345 -41.49 -25.80 -5.45
CA GLY C 345 -42.38 -24.66 -5.38
C GLY C 345 -43.35 -24.62 -6.53
N SER C 346 -43.00 -25.22 -7.66
CA SER C 346 -43.90 -25.26 -8.79
C SER C 346 -45.02 -26.26 -8.59
N ILE C 347 -44.77 -27.33 -7.84
CA ILE C 347 -45.79 -28.35 -7.64
C ILE C 347 -46.86 -27.87 -6.67
N LEU C 348 -46.45 -27.28 -5.55
CA LEU C 348 -47.39 -26.89 -4.51
C LEU C 348 -48.26 -25.72 -4.92
N ALA C 349 -47.82 -24.90 -5.88
CA ALA C 349 -48.66 -23.82 -6.33
C ALA C 349 -49.79 -24.29 -7.23
N SER C 350 -49.52 -25.25 -8.11
CA SER C 350 -50.53 -25.77 -9.02
C SER C 350 -51.36 -26.88 -8.41
N LEU C 351 -51.30 -27.05 -7.09
CA LEU C 351 -51.96 -28.15 -6.43
C LEU C 351 -53.38 -27.74 -6.05
N SER C 352 -54.30 -28.70 -6.12
CA SER C 352 -55.73 -28.40 -6.00
C SER C 352 -56.18 -28.20 -4.56
N THR C 353 -55.68 -29.01 -3.64
CA THR C 353 -56.07 -28.94 -2.24
C THR C 353 -55.57 -27.67 -1.58
N PHE C 354 -54.47 -27.11 -2.09
CA PHE C 354 -53.76 -25.98 -1.53
C PHE C 354 -54.56 -24.68 -1.55
N GLN C 355 -55.65 -24.61 -2.32
CA GLN C 355 -56.34 -23.37 -2.62
C GLN C 355 -57.11 -22.77 -1.45
N GLN C 356 -57.11 -23.40 -0.28
CA GLN C 356 -57.64 -22.78 0.93
C GLN C 356 -56.56 -22.28 1.86
N MET C 357 -55.30 -22.33 1.45
CA MET C 357 -54.20 -21.92 2.31
C MET C 357 -53.65 -20.54 1.98
N TRP C 358 -54.27 -19.80 1.07
CA TRP C 358 -53.78 -18.47 0.79
C TRP C 358 -54.20 -17.49 1.88
N ILE C 359 -53.64 -16.30 1.83
CA ILE C 359 -53.94 -15.24 2.78
C ILE C 359 -54.55 -14.09 2.01
N THR C 360 -55.85 -13.88 2.16
CA THR C 360 -56.51 -12.82 1.40
C THR C 360 -56.19 -11.45 1.99
N LYS C 361 -56.54 -10.42 1.23
CA LYS C 361 -56.26 -9.06 1.66
C LYS C 361 -57.17 -8.62 2.79
N GLN C 362 -58.37 -9.19 2.87
CA GLN C 362 -59.28 -8.86 3.97
C GLN C 362 -58.77 -9.39 5.30
N GLU C 363 -58.02 -10.49 5.27
CA GLU C 363 -57.47 -11.04 6.50
C GLU C 363 -56.43 -10.11 7.10
N TYR C 364 -55.72 -9.36 6.26
CA TYR C 364 -54.74 -8.42 6.79
C TYR C 364 -55.41 -7.21 7.43
N ASP C 365 -56.57 -6.82 6.92
CA ASP C 365 -57.27 -5.67 7.45
C ASP C 365 -57.98 -5.96 8.77
N GLU C 366 -58.20 -7.24 9.08
CA GLU C 366 -58.85 -7.59 10.34
C GLU C 366 -57.85 -7.59 11.49
N ALA C 367 -56.75 -8.34 11.34
CA ALA C 367 -55.77 -8.51 12.41
C ALA C 367 -54.56 -7.61 12.25
N GLY C 368 -53.90 -7.65 11.09
CA GLY C 368 -52.70 -6.90 10.88
C GLY C 368 -51.54 -7.80 10.48
N PRO C 369 -50.31 -7.34 10.71
CA PRO C 369 -49.14 -8.13 10.29
C PRO C 369 -48.81 -9.30 11.20
N SER C 370 -49.55 -9.50 12.30
CA SER C 370 -49.32 -10.64 13.16
C SER C 370 -50.15 -11.85 12.76
N ILE C 371 -50.80 -11.80 11.59
CA ILE C 371 -51.57 -12.94 11.13
C ILE C 371 -50.68 -14.05 10.62
N VAL C 372 -49.42 -13.75 10.31
CA VAL C 372 -48.55 -14.71 9.63
C VAL C 372 -48.04 -15.78 10.59
N HIS C 373 -48.03 -15.51 11.89
CA HIS C 373 -47.61 -16.53 12.83
C HIS C 373 -48.69 -17.55 13.12
N ARG C 374 -49.93 -17.27 12.72
CA ARG C 374 -51.04 -18.17 12.98
C ARG C 374 -51.30 -19.11 11.81
N LYS C 375 -51.48 -18.56 10.61
CA LYS C 375 -51.81 -19.32 9.42
C LYS C 375 -50.71 -20.28 9.00
N CYS C 376 -49.57 -19.75 8.58
CA CYS C 376 -48.54 -20.56 7.95
C CYS C 376 -47.51 -21.02 8.97
N PHE C 377 -46.96 -22.20 8.72
CA PHE C 377 -46.00 -22.82 9.62
C PHE C 377 -45.25 -23.93 8.87
N THR D 7 65.05 8.16 -21.51
CA THR D 7 63.80 8.51 -22.19
C THR D 7 62.93 9.39 -21.33
N THR D 8 62.91 10.68 -21.64
CA THR D 8 62.06 11.63 -20.97
C THR D 8 61.06 12.21 -21.97
N ALA D 9 59.84 12.42 -21.53
CA ALA D 9 58.79 12.90 -22.42
C ALA D 9 58.89 14.40 -22.62
N LEU D 10 58.26 14.86 -23.69
CA LEU D 10 58.26 16.28 -24.07
C LEU D 10 56.88 16.86 -23.90
N VAL D 11 56.81 18.06 -23.35
CA VAL D 11 55.55 18.75 -23.11
C VAL D 11 55.53 20.02 -23.96
N CYS D 12 54.59 20.08 -24.89
CA CYS D 12 54.50 21.17 -25.86
C CYS D 12 53.14 21.82 -25.77
N ASP D 13 53.11 23.10 -25.44
CA ASP D 13 51.89 23.90 -25.46
C ASP D 13 51.96 24.85 -26.64
N ASN D 14 50.89 24.91 -27.43
CA ASN D 14 50.82 25.80 -28.58
C ASN D 14 49.49 26.54 -28.55
N GLY D 15 49.48 27.67 -27.85
CA GLY D 15 48.32 28.53 -27.83
C GLY D 15 48.33 29.51 -28.98
N SER D 16 47.30 30.33 -29.03
CA SER D 16 47.25 31.41 -30.01
C SER D 16 48.15 32.53 -29.53
N GLY D 17 49.24 32.78 -30.24
CA GLY D 17 50.22 33.74 -29.77
C GLY D 17 51.51 33.09 -29.33
N LEU D 18 51.72 33.00 -28.02
CA LEU D 18 52.97 32.47 -27.49
C LEU D 18 52.99 30.95 -27.56
N VAL D 19 54.19 30.41 -27.74
CA VAL D 19 54.43 28.97 -27.82
C VAL D 19 55.43 28.57 -26.75
N LYS D 20 55.06 27.60 -25.92
CA LYS D 20 55.81 27.23 -24.75
C LYS D 20 56.18 25.75 -24.80
N ALA D 21 57.39 25.42 -24.36
CA ALA D 21 57.87 24.05 -24.45
C ALA D 21 58.96 23.81 -23.42
N GLY D 22 59.21 22.54 -23.13
CA GLY D 22 60.22 22.18 -22.16
C GLY D 22 60.26 20.68 -21.96
N PHE D 23 61.06 20.26 -21.00
CA PHE D 23 61.16 18.84 -20.65
C PHE D 23 60.21 18.50 -19.50
N ALA D 24 59.98 17.21 -19.33
CA ALA D 24 59.17 16.73 -18.23
C ALA D 24 59.95 16.77 -16.93
N GLY D 25 59.23 16.86 -15.82
CA GLY D 25 59.88 16.88 -14.53
C GLY D 25 60.64 18.16 -14.24
N ASP D 26 60.01 19.31 -14.38
CA ASP D 26 60.66 20.59 -14.22
C ASP D 26 59.63 21.60 -13.72
N ASP D 27 60.08 22.79 -13.35
CA ASP D 27 59.17 23.81 -12.85
C ASP D 27 59.02 25.04 -13.75
N ALA D 28 59.81 25.13 -14.83
CA ALA D 28 59.73 26.26 -15.74
C ALA D 28 60.10 25.82 -17.14
N PRO D 29 59.49 26.39 -18.16
CA PRO D 29 59.86 26.05 -19.54
C PRO D 29 61.19 26.67 -19.94
N ARG D 30 61.58 26.39 -21.18
CA ARG D 30 62.83 26.90 -21.71
C ARG D 30 62.69 27.72 -22.99
N ALA D 31 61.58 27.57 -23.72
CA ALA D 31 61.39 28.29 -24.97
C ALA D 31 60.07 29.03 -24.92
N VAL D 32 60.14 30.36 -24.95
CA VAL D 32 58.95 31.20 -25.00
C VAL D 32 59.16 32.24 -26.11
N PHE D 33 58.34 32.17 -27.15
CA PHE D 33 58.49 33.05 -28.30
C PHE D 33 57.18 33.07 -29.05
N PRO D 34 56.82 34.18 -29.70
CA PRO D 34 55.55 34.24 -30.42
C PRO D 34 55.60 33.43 -31.70
N SER D 35 54.41 33.15 -32.24
CA SER D 35 54.24 32.29 -33.41
C SER D 35 53.82 33.15 -34.59
N ILE D 36 54.81 33.69 -35.30
CA ILE D 36 54.59 34.62 -36.40
C ILE D 36 55.43 34.13 -37.58
N VAL D 37 54.89 34.24 -38.79
CA VAL D 37 55.64 33.95 -40.01
C VAL D 37 55.64 35.19 -40.89
N GLY D 38 56.82 35.72 -41.19
CA GLY D 38 56.96 36.93 -41.97
C GLY D 38 57.69 36.68 -43.28
N ARG D 39 57.37 37.51 -44.27
CA ARG D 39 57.96 37.48 -45.61
C ARG D 39 58.16 38.91 -46.11
N PRO D 40 59.24 39.16 -46.86
CA PRO D 40 59.53 40.54 -47.30
C PRO D 40 58.59 41.00 -48.40
N ARG D 41 58.61 42.30 -48.66
CA ARG D 41 57.77 42.88 -49.69
C ARG D 41 58.44 43.92 -50.59
N HIS D 42 59.62 44.43 -50.22
CA HIS D 42 60.32 45.34 -51.10
C HIS D 42 61.25 44.56 -52.04
N GLN D 43 62.17 45.25 -52.69
CA GLN D 43 63.07 44.66 -53.67
C GLN D 43 64.49 44.61 -53.14
N GLY D 44 65.20 43.53 -53.46
CA GLY D 44 66.60 43.40 -53.08
C GLY D 44 67.50 44.01 -54.13
N VAL D 45 68.56 44.67 -53.66
CA VAL D 45 69.50 45.36 -54.54
C VAL D 45 70.91 44.84 -54.34
N MET D 46 71.38 44.87 -53.10
CA MET D 46 72.78 44.55 -52.83
C MET D 46 72.99 43.04 -52.92
N VAL D 47 74.12 42.64 -53.50
CA VAL D 47 74.31 41.26 -53.94
C VAL D 47 74.98 40.42 -52.87
N GLY D 48 75.99 40.96 -52.19
CA GLY D 48 76.88 40.15 -51.38
C GLY D 48 76.26 39.59 -50.11
N MET D 49 75.09 40.09 -49.72
CA MET D 49 74.45 39.60 -48.50
C MET D 49 73.84 38.23 -48.73
N GLY D 50 73.66 37.49 -47.63
CA GLY D 50 72.95 36.23 -47.67
C GLY D 50 71.51 36.41 -47.21
N GLN D 51 70.58 35.92 -48.03
CA GLN D 51 69.17 36.21 -47.84
C GLN D 51 68.39 34.96 -47.51
N LYS D 52 67.19 35.18 -46.96
CA LYS D 52 66.25 34.12 -46.70
C LYS D 52 64.87 34.57 -47.15
N ASP D 53 64.04 33.61 -47.54
CA ASP D 53 62.70 33.93 -48.00
C ASP D 53 61.72 34.21 -46.86
N SER D 54 62.02 33.75 -45.64
CA SER D 54 61.08 33.90 -44.54
C SER D 54 61.84 33.84 -43.23
N TYR D 55 61.18 34.31 -42.17
CA TYR D 55 61.72 34.32 -40.82
C TYR D 55 60.63 33.90 -39.86
N VAL D 56 61.00 33.16 -38.81
CA VAL D 56 60.03 32.41 -38.01
C VAL D 56 60.00 32.87 -36.55
N GLY D 57 61.12 32.79 -35.86
CA GLY D 57 61.04 32.90 -34.41
C GLY D 57 61.03 34.32 -33.89
N ASP D 58 61.96 34.62 -32.99
CA ASP D 58 62.12 35.99 -32.52
C ASP D 58 62.84 36.85 -33.54
N GLU D 59 63.47 36.23 -34.54
CA GLU D 59 64.20 36.97 -35.56
C GLU D 59 63.26 37.80 -36.43
N ALA D 60 62.07 37.27 -36.72
CA ALA D 60 61.08 38.04 -37.47
C ALA D 60 60.55 39.21 -36.67
N GLN D 61 60.65 39.17 -35.35
CA GLN D 61 60.23 40.29 -34.54
C GLN D 61 61.23 41.43 -34.58
N SER D 62 62.51 41.11 -34.78
CA SER D 62 63.54 42.15 -34.78
C SER D 62 63.48 43.01 -36.02
N LYS D 63 63.09 42.44 -37.16
CA LYS D 63 63.03 43.15 -38.42
C LYS D 63 61.58 43.19 -38.85
N ARG D 64 60.82 44.11 -38.28
CA ARG D 64 59.42 44.24 -38.65
C ARG D 64 59.17 45.41 -39.58
N GLY D 65 60.21 46.20 -39.87
CA GLY D 65 60.04 47.32 -40.77
C GLY D 65 59.97 46.96 -42.24
N ILE D 66 60.16 45.70 -42.58
CA ILE D 66 60.11 45.25 -43.96
C ILE D 66 59.03 44.19 -44.17
N LEU D 67 58.92 43.24 -43.26
CA LEU D 67 58.14 42.03 -43.47
C LEU D 67 56.65 42.30 -43.35
N THR D 68 55.86 41.29 -43.71
CA THR D 68 54.42 41.26 -43.48
C THR D 68 54.11 40.10 -42.55
N LEU D 69 53.65 40.41 -41.34
CA LEU D 69 53.51 39.39 -40.33
C LEU D 69 52.19 38.62 -40.52
N LYS D 70 52.14 37.42 -39.97
CA LYS D 70 51.04 36.52 -40.24
C LYS D 70 50.91 35.50 -39.12
N TYR D 71 49.68 35.30 -38.63
CA TYR D 71 49.40 34.31 -37.60
C TYR D 71 48.79 33.08 -38.23
N PRO D 72 49.17 31.87 -37.82
CA PRO D 72 48.49 30.68 -38.37
C PRO D 72 47.17 30.35 -37.68
N ILE D 73 47.04 30.60 -36.38
CA ILE D 73 45.90 30.13 -35.59
C ILE D 73 45.01 31.32 -35.27
N GLU D 74 43.70 31.16 -35.48
CA GLU D 74 42.80 32.30 -35.30
C GLU D 74 41.85 32.25 -34.10
N GLY D 76 41.83 29.21 -32.33
CA GLY D 76 42.06 27.91 -31.73
C GLY D 76 41.93 26.86 -32.81
N ILE D 77 41.87 27.31 -34.05
CA ILE D 77 41.68 26.45 -35.20
C ILE D 77 42.85 26.65 -36.15
N ILE D 78 43.46 25.56 -36.60
CA ILE D 78 44.59 25.60 -37.51
C ILE D 78 44.06 26.02 -38.88
N THR D 79 44.47 27.21 -39.33
CA THR D 79 43.97 27.67 -40.62
C THR D 79 44.91 27.30 -41.75
N ASN D 80 46.22 27.44 -41.55
CA ASN D 80 47.20 27.21 -42.61
C ASN D 80 48.20 26.18 -42.14
N TRP D 81 48.21 25.01 -42.79
CA TRP D 81 49.02 23.90 -42.28
C TRP D 81 50.49 24.04 -42.65
N ASP D 82 50.78 24.69 -43.78
CA ASP D 82 52.16 24.80 -44.23
C ASP D 82 52.97 25.73 -43.35
N ASP D 83 52.32 26.73 -42.75
CA ASP D 83 53.02 27.56 -41.80
C ASP D 83 53.22 26.87 -40.46
N MET D 84 52.41 25.84 -40.17
CA MET D 84 52.54 25.17 -38.89
C MET D 84 53.71 24.22 -38.89
N GLU D 85 54.03 23.61 -40.03
CA GLU D 85 55.15 22.69 -40.10
C GLU D 85 56.49 23.40 -39.96
N LYS D 86 56.56 24.69 -40.31
CA LYS D 86 57.79 25.43 -40.10
C LYS D 86 58.02 25.71 -38.63
N ILE D 87 56.95 25.87 -37.85
CA ILE D 87 57.11 26.24 -36.46
C ILE D 87 57.52 25.03 -35.62
N TRP D 88 56.91 23.88 -35.86
CA TRP D 88 57.32 22.66 -35.15
C TRP D 88 58.72 22.22 -35.54
N HIS D 89 59.12 22.47 -36.79
CA HIS D 89 60.50 22.18 -37.19
C HIS D 89 61.47 23.14 -36.52
N HIS D 90 61.02 24.34 -36.18
CA HIS D 90 61.90 25.30 -35.55
C HIS D 90 62.16 24.95 -34.09
N THR D 91 61.20 24.28 -33.44
CA THR D 91 61.34 23.99 -32.02
C THR D 91 62.19 22.75 -31.76
N PHE D 92 62.02 21.71 -32.57
CA PHE D 92 62.70 20.45 -32.31
C PHE D 92 64.17 20.49 -32.64
N TYR D 93 64.61 21.41 -33.49
CA TYR D 93 66.00 21.44 -33.91
C TYR D 93 66.72 22.70 -33.47
N ASN D 94 66.19 23.88 -33.79
CA ASN D 94 66.95 25.11 -33.65
C ASN D 94 66.88 25.66 -32.24
N GLU D 95 65.67 25.92 -31.75
CA GLU D 95 65.51 26.54 -30.43
C GLU D 95 65.84 25.55 -29.32
N LEU D 96 65.26 24.38 -29.39
CA LEU D 96 65.61 23.28 -28.50
C LEU D 96 66.26 22.21 -29.37
N ARG D 97 67.25 21.52 -28.82
CA ARG D 97 68.05 20.58 -29.58
C ARG D 97 67.76 19.17 -29.08
N VAL D 98 67.16 18.35 -29.96
CA VAL D 98 66.72 17.02 -29.59
C VAL D 98 66.53 16.23 -30.89
N ALA D 99 66.57 14.92 -30.78
CA ALA D 99 66.09 14.08 -31.86
C ALA D 99 64.60 13.81 -31.66
N PRO D 100 63.81 13.76 -32.74
CA PRO D 100 62.38 13.51 -32.55
C PRO D 100 62.05 12.08 -32.16
N GLU D 101 62.76 11.10 -32.73
CA GLU D 101 62.43 9.69 -32.56
C GLU D 101 62.85 9.13 -31.22
N GLU D 102 63.47 9.94 -30.36
CA GLU D 102 63.95 9.43 -29.08
C GLU D 102 62.89 9.53 -28.00
N HIS D 103 62.00 10.52 -28.08
CA HIS D 103 61.17 10.86 -26.94
C HIS D 103 59.69 10.88 -27.31
N PRO D 104 58.82 10.62 -26.34
CA PRO D 104 57.38 10.83 -26.55
C PRO D 104 56.97 12.27 -26.27
N THR D 105 55.83 12.65 -26.83
CA THR D 105 55.33 14.01 -26.77
C THR D 105 53.97 14.07 -26.09
N LEU D 106 53.46 15.28 -25.93
CA LEU D 106 52.20 15.53 -25.22
C LEU D 106 51.66 16.88 -25.65
N LEU D 107 50.45 16.90 -26.20
CA LEU D 107 49.89 18.09 -26.81
C LEU D 107 48.56 18.44 -26.15
N THR D 108 48.19 19.73 -26.26
CA THR D 108 46.99 20.26 -25.61
C THR D 108 46.08 20.90 -26.64
N GLU D 109 44.78 20.95 -26.34
CA GLU D 109 43.80 21.51 -27.26
C GLU D 109 42.75 22.30 -26.47
N ALA D 110 41.68 22.66 -27.16
CA ALA D 110 40.51 23.41 -26.73
C ALA D 110 39.32 22.46 -26.61
N PRO D 111 38.28 22.80 -25.82
CA PRO D 111 37.21 21.82 -25.59
C PRO D 111 36.29 21.50 -26.77
N LEU D 112 35.77 22.50 -27.50
CA LEU D 112 34.73 22.23 -28.48
C LEU D 112 35.14 22.57 -29.91
N ASN D 113 36.43 22.45 -30.23
CA ASN D 113 36.87 22.59 -31.61
C ASN D 113 36.37 21.40 -32.44
N PRO D 114 36.26 21.55 -33.78
CA PRO D 114 35.77 20.43 -34.59
C PRO D 114 36.70 19.24 -34.68
N LYS D 115 36.24 18.18 -35.34
CA LYS D 115 36.92 16.89 -35.24
C LYS D 115 38.20 16.86 -36.07
N ALA D 116 38.21 17.51 -37.23
CA ALA D 116 39.36 17.40 -38.11
C ALA D 116 40.56 18.18 -37.62
N ASN D 117 40.41 19.00 -36.58
CA ASN D 117 41.54 19.73 -36.03
C ASN D 117 42.45 18.80 -35.23
N ARG D 118 41.86 17.89 -34.46
CA ARG D 118 42.64 16.95 -33.65
C ARG D 118 42.92 15.65 -34.37
N GLU D 119 42.71 15.61 -35.68
CA GLU D 119 42.89 14.40 -36.46
C GLU D 119 43.97 14.54 -37.53
N LYS D 120 44.07 15.71 -38.17
CA LYS D 120 45.18 15.95 -39.10
C LYS D 120 46.51 16.02 -38.38
N MET D 121 46.51 16.38 -37.10
CA MET D 121 47.73 16.46 -36.34
C MET D 121 48.18 15.11 -35.81
N THR D 122 47.42 14.04 -36.05
CA THR D 122 47.89 12.70 -35.75
C THR D 122 48.85 12.21 -36.83
N GLN D 123 48.56 12.52 -38.09
CA GLN D 123 49.40 12.06 -39.19
C GLN D 123 50.76 12.71 -39.15
N ILE D 124 50.81 13.99 -38.77
CA ILE D 124 52.07 14.71 -38.77
C ILE D 124 52.97 14.21 -37.64
N MET D 125 52.41 13.83 -36.51
CA MET D 125 53.24 13.32 -35.43
C MET D 125 53.61 11.86 -35.59
N PHE D 126 53.08 11.17 -36.60
CA PHE D 126 53.49 9.82 -36.90
C PHE D 126 54.19 9.68 -38.24
N GLU D 127 53.59 10.20 -39.31
CA GLU D 127 54.08 9.86 -40.64
C GLU D 127 55.30 10.69 -41.02
N THR D 128 55.22 12.01 -40.92
CA THR D 128 56.37 12.82 -41.30
C THR D 128 57.37 13.01 -40.17
N PHE D 129 56.96 12.86 -38.92
CA PHE D 129 57.87 12.80 -37.77
C PHE D 129 57.71 11.40 -37.19
N ASN D 130 58.76 10.59 -37.30
CA ASN D 130 58.71 9.22 -36.77
C ASN D 130 58.88 9.29 -35.26
N VAL D 131 57.77 9.55 -34.57
CA VAL D 131 57.75 9.77 -33.13
C VAL D 131 56.74 8.80 -32.53
N PRO D 132 57.09 8.01 -31.53
CA PRO D 132 56.10 7.17 -30.85
C PRO D 132 55.47 7.88 -29.66
N ALA D 133 54.29 7.38 -29.28
CA ALA D 133 53.62 7.66 -28.00
C ALA D 133 53.28 9.14 -27.83
N MET D 134 52.30 9.59 -28.62
CA MET D 134 51.70 10.90 -28.40
C MET D 134 50.40 10.77 -27.61
N TYR D 135 49.90 11.92 -27.16
CA TYR D 135 48.66 11.99 -26.39
C TYR D 135 48.14 13.42 -26.42
N VAL D 136 46.82 13.57 -26.34
CA VAL D 136 46.15 14.87 -26.44
C VAL D 136 45.33 15.08 -25.18
N ALA D 137 45.47 16.26 -24.57
CA ALA D 137 44.75 16.60 -23.35
C ALA D 137 43.80 17.77 -23.59
N ILE D 138 43.20 18.28 -22.51
CA ILE D 138 42.27 19.39 -22.55
C ILE D 138 42.74 20.46 -21.57
N GLN D 139 42.77 21.72 -22.00
CA GLN D 139 43.33 22.79 -21.18
C GLN D 139 42.38 23.34 -20.14
N ALA D 140 41.72 22.50 -19.41
CA ALA D 140 41.03 22.93 -18.20
C ALA D 140 41.29 21.96 -17.06
N VAL D 141 41.44 20.67 -17.36
CA VAL D 141 41.82 19.68 -16.38
C VAL D 141 43.21 19.96 -15.84
N LEU D 142 44.11 20.44 -16.70
CA LEU D 142 45.49 20.66 -16.33
C LEU D 142 45.70 21.85 -15.42
N SER D 143 44.66 22.66 -15.17
CA SER D 143 44.80 23.73 -14.19
C SER D 143 44.62 23.25 -12.77
N LEU D 144 43.90 22.16 -12.56
CA LEU D 144 43.68 21.68 -11.20
C LEU D 144 44.90 20.98 -10.63
N TYR D 145 45.73 20.39 -11.47
CA TYR D 145 46.94 19.75 -10.97
C TYR D 145 47.93 20.77 -10.43
N ALA D 146 47.92 21.99 -10.96
CA ALA D 146 48.78 23.03 -10.43
C ALA D 146 48.32 23.48 -9.05
N SER D 147 47.03 23.35 -8.75
CA SER D 147 46.55 23.70 -7.43
C SER D 147 46.60 22.52 -6.48
N GLY D 148 46.56 21.29 -7.00
CA GLY D 148 46.56 20.12 -6.17
C GLY D 148 45.21 19.75 -5.59
N ARG D 149 44.15 20.46 -5.94
CA ARG D 149 42.82 20.17 -5.40
C ARG D 149 42.17 19.02 -6.15
N THR D 150 40.90 18.78 -5.89
CA THR D 150 40.13 17.80 -6.63
C THR D 150 38.70 18.23 -6.94
N THR D 151 38.28 19.41 -6.50
CA THR D 151 36.99 19.98 -6.88
C THR D 151 37.20 21.42 -7.28
N GLY D 152 36.16 22.04 -7.83
CA GLY D 152 36.17 23.43 -8.17
C GLY D 152 35.75 23.68 -9.60
N ILE D 153 35.77 24.94 -9.98
CA ILE D 153 35.43 25.38 -11.33
C ILE D 153 36.52 26.33 -11.82
N VAL D 154 36.96 26.13 -13.06
CA VAL D 154 38.11 26.83 -13.58
C VAL D 154 37.63 27.95 -14.49
N LEU D 155 38.56 28.79 -14.94
CA LEU D 155 38.25 29.84 -15.91
C LEU D 155 39.56 30.23 -16.60
N ASP D 156 39.72 29.84 -17.85
CA ASP D 156 40.90 30.20 -18.62
C ASP D 156 40.48 30.97 -19.86
N SER D 157 41.13 32.10 -20.11
CA SER D 157 40.89 32.86 -21.33
C SER D 157 42.12 32.92 -22.21
N GLY D 158 43.18 33.55 -21.76
CA GLY D 158 44.34 33.69 -22.63
C GLY D 158 44.05 34.61 -23.81
N ASP D 159 44.24 34.09 -25.02
CA ASP D 159 44.14 34.91 -26.21
C ASP D 159 43.18 34.34 -27.26
N GLY D 160 42.99 33.04 -27.32
CA GLY D 160 42.04 32.50 -28.27
C GLY D 160 40.59 32.57 -27.84
N VAL D 161 40.22 31.83 -26.79
CA VAL D 161 38.84 31.71 -26.35
C VAL D 161 38.78 31.64 -24.83
N THR D 162 37.66 32.05 -24.27
CA THR D 162 37.40 31.92 -22.85
C THR D 162 36.35 30.84 -22.62
N HIS D 163 36.52 30.06 -21.54
CA HIS D 163 35.68 28.91 -21.27
C HIS D 163 35.84 28.51 -19.80
N ASN D 164 34.97 27.61 -19.35
CA ASN D 164 34.95 27.16 -17.97
C ASN D 164 34.34 25.78 -17.84
N VAL D 165 34.97 24.92 -17.03
CA VAL D 165 34.54 23.53 -16.87
C VAL D 165 34.38 23.20 -15.40
N PRO D 166 33.19 22.79 -14.95
CA PRO D 166 33.03 22.41 -13.54
C PRO D 166 33.36 20.95 -13.28
N ILE D 167 34.13 20.68 -12.23
CA ILE D 167 34.60 19.34 -11.89
C ILE D 167 34.36 19.09 -10.41
N TYR D 168 33.76 17.94 -10.09
CA TYR D 168 33.47 17.56 -8.71
C TYR D 168 33.97 16.15 -8.47
N GLU D 169 34.93 16.01 -7.55
CA GLU D 169 35.43 14.73 -7.04
C GLU D 169 36.00 13.83 -8.12
N GLY D 170 36.55 14.42 -9.18
CA GLY D 170 37.03 13.63 -10.28
C GLY D 170 35.97 13.19 -11.25
N TYR D 171 34.81 13.81 -11.24
CA TYR D 171 33.75 13.51 -12.19
C TYR D 171 33.35 14.79 -12.90
N ALA D 172 33.58 14.85 -14.20
CA ALA D 172 33.25 16.04 -14.97
C ALA D 172 31.80 16.00 -15.42
N LEU D 173 31.24 17.18 -15.65
CA LEU D 173 29.82 17.30 -15.97
C LEU D 173 29.68 17.87 -17.38
N PRO D 174 29.47 17.01 -18.38
CA PRO D 174 29.56 17.48 -19.78
C PRO D 174 28.41 18.36 -20.23
N HIS D 175 27.30 18.43 -19.49
CA HIS D 175 26.20 19.28 -19.91
C HIS D 175 26.26 20.66 -19.28
N ALA D 176 27.42 21.10 -18.82
CA ALA D 176 27.55 22.41 -18.20
C ALA D 176 28.70 23.24 -18.74
N ILE D 177 29.36 22.82 -19.82
CA ILE D 177 30.50 23.55 -20.34
C ILE D 177 30.03 24.73 -21.18
N MET D 178 30.58 25.90 -20.92
CA MET D 178 30.21 27.12 -21.62
C MET D 178 31.44 27.69 -22.31
N ARG D 179 31.30 28.05 -23.59
CA ARG D 179 32.39 28.60 -24.37
C ARG D 179 31.97 29.92 -25.00
N LEU D 180 32.81 30.95 -24.85
CA LEU D 180 32.54 32.27 -25.38
C LEU D 180 33.73 32.71 -26.23
N ASP D 181 33.44 33.31 -27.39
CA ASP D 181 34.50 33.59 -28.36
C ASP D 181 35.10 34.97 -28.20
N LEU D 182 34.83 35.66 -27.10
CA LEU D 182 35.50 36.92 -26.86
C LEU D 182 36.93 36.66 -26.38
N ALA D 183 37.88 37.40 -26.92
CA ALA D 183 39.27 36.95 -26.92
C ALA D 183 40.18 38.00 -26.33
N GLY D 184 41.49 37.80 -26.58
CA GLY D 184 42.46 38.81 -26.20
C GLY D 184 42.80 39.76 -27.33
N ARG D 185 42.89 39.24 -28.56
CA ARG D 185 43.25 40.10 -29.69
C ARG D 185 42.10 41.01 -30.08
N ASP D 186 40.90 40.71 -29.63
CA ASP D 186 39.78 41.61 -29.89
C ASP D 186 39.87 42.84 -28.99
N LEU D 187 40.55 42.70 -27.84
CA LEU D 187 40.75 43.86 -26.98
C LEU D 187 41.82 44.79 -27.54
N THR D 188 42.80 44.23 -28.25
CA THR D 188 43.80 45.04 -28.93
C THR D 188 43.15 45.84 -30.06
N ASP D 189 42.25 45.21 -30.80
CA ASP D 189 41.69 45.84 -31.97
C ASP D 189 40.70 46.93 -31.62
N TYR D 190 40.06 46.84 -30.46
CA TYR D 190 39.15 47.89 -30.05
C TYR D 190 39.90 49.10 -29.52
N LEU D 191 41.11 48.91 -28.99
CA LEU D 191 41.87 50.03 -28.45
C LEU D 191 42.35 50.95 -29.55
N MET D 192 42.86 50.39 -30.65
CA MET D 192 43.33 51.20 -31.76
C MET D 192 42.21 51.84 -32.56
N LYS D 193 40.95 51.57 -32.23
CA LYS D 193 39.85 52.35 -32.77
C LYS D 193 39.56 53.58 -31.91
N ILE D 194 39.75 53.48 -30.60
CA ILE D 194 39.39 54.59 -29.71
C ILE D 194 40.41 55.70 -29.79
N LEU D 195 41.68 55.39 -30.06
CA LEU D 195 42.72 56.41 -30.05
C LEU D 195 42.64 57.38 -31.20
N THR D 196 41.79 57.16 -32.19
CA THR D 196 41.61 58.13 -33.25
C THR D 196 40.77 59.32 -32.83
N GLU D 197 40.33 59.39 -31.58
CA GLU D 197 39.59 60.54 -31.11
C GLU D 197 40.51 61.64 -30.60
N ARG D 198 41.81 61.41 -30.55
CA ARG D 198 42.76 62.46 -30.24
C ARG D 198 43.72 62.78 -31.36
N GLY D 199 43.86 61.90 -32.34
CA GLY D 199 44.68 62.22 -33.50
C GLY D 199 45.80 61.22 -33.73
N TYR D 200 45.66 60.02 -33.19
CA TYR D 200 46.66 58.97 -33.36
C TYR D 200 46.10 57.93 -34.32
N SER D 201 46.94 57.45 -35.24
CA SER D 201 46.48 56.48 -36.23
C SER D 201 47.55 55.44 -36.50
N PHE D 202 47.23 54.18 -36.23
CA PHE D 202 48.14 53.04 -36.40
C PHE D 202 47.42 52.02 -37.27
N VAL D 203 47.67 52.02 -38.58
CA VAL D 203 47.02 51.08 -39.49
C VAL D 203 48.13 50.43 -40.33
N THR D 204 48.65 49.29 -39.87
CA THR D 204 49.57 48.36 -40.54
C THR D 204 49.68 47.17 -39.61
N THR D 205 49.97 45.98 -40.18
CA THR D 205 50.28 44.81 -39.37
C THR D 205 51.53 45.01 -38.52
N ALA D 206 52.45 45.86 -38.96
CA ALA D 206 53.61 46.15 -38.13
C ALA D 206 53.28 47.13 -37.03
N GLU D 207 52.33 48.03 -37.25
CA GLU D 207 51.93 49.00 -36.24
C GLU D 207 51.17 48.37 -35.08
N ARG D 208 50.70 47.14 -35.25
CA ARG D 208 49.82 46.53 -34.27
C ARG D 208 50.56 46.19 -32.99
N GLU D 209 51.82 45.82 -33.07
CA GLU D 209 52.56 45.36 -31.90
C GLU D 209 52.96 46.47 -30.96
N ILE D 210 53.06 47.71 -31.42
CA ILE D 210 53.29 48.78 -30.46
C ILE D 210 52.00 49.31 -29.89
N VAL D 211 50.85 48.77 -30.31
CA VAL D 211 49.59 49.05 -29.63
C VAL D 211 49.36 48.01 -28.54
N ARG D 212 49.83 46.78 -28.78
CA ARG D 212 49.78 45.74 -27.76
C ARG D 212 50.63 46.11 -26.55
N ASP D 213 51.77 46.76 -26.80
CA ASP D 213 52.71 47.02 -25.72
C ASP D 213 52.24 48.16 -24.83
N ILE D 214 51.35 49.00 -25.35
CA ILE D 214 50.71 50.01 -24.51
C ILE D 214 49.73 49.37 -23.55
N LYS D 215 49.02 48.33 -24.02
CA LYS D 215 47.96 47.71 -23.24
C LYS D 215 48.51 47.00 -22.01
N GLU D 216 49.69 46.39 -22.15
CA GLU D 216 50.22 45.58 -21.06
C GLU D 216 50.82 46.44 -19.96
N LYS D 217 51.14 47.70 -20.26
CA LYS D 217 51.85 48.51 -19.28
C LYS D 217 50.89 49.33 -18.43
N LEU D 218 49.97 50.07 -19.05
CA LEU D 218 49.10 50.95 -18.27
C LEU D 218 47.62 50.77 -18.65
N CYS D 219 47.01 49.74 -18.05
CA CYS D 219 45.57 49.51 -18.11
C CYS D 219 45.15 48.89 -16.79
N TYR D 220 43.94 49.22 -16.34
CA TYR D 220 43.44 48.69 -15.08
C TYR D 220 41.93 48.56 -15.17
N VAL D 221 41.37 47.70 -14.32
CA VAL D 221 39.94 47.45 -14.27
C VAL D 221 39.36 48.15 -13.06
N ALA D 222 38.54 49.15 -13.30
CA ALA D 222 38.00 49.95 -12.20
C ALA D 222 36.91 49.19 -11.47
N LEU D 223 36.79 49.47 -10.18
CA LEU D 223 35.79 48.80 -9.37
C LEU D 223 34.40 49.37 -9.59
N ASP D 224 34.32 50.63 -10.01
CA ASP D 224 33.06 51.25 -10.38
C ASP D 224 33.22 51.89 -11.75
N PHE D 225 32.11 52.19 -12.40
CA PHE D 225 32.18 52.72 -13.75
C PHE D 225 31.57 54.10 -13.91
N GLU D 226 30.52 54.42 -13.16
CA GLU D 226 29.82 55.66 -13.44
C GLU D 226 30.51 56.87 -12.83
N ASN D 227 31.03 56.75 -11.62
CA ASN D 227 31.74 57.86 -11.01
C ASN D 227 33.13 58.06 -11.61
N GLU D 228 33.71 57.02 -12.21
CA GLU D 228 35.00 57.18 -12.88
C GLU D 228 34.88 58.04 -14.13
N MET D 229 33.72 58.02 -14.78
CA MET D 229 33.51 58.90 -15.92
C MET D 229 33.33 60.34 -15.49
N ALA D 230 32.90 60.57 -14.25
CA ALA D 230 32.74 61.92 -13.74
C ALA D 230 33.99 62.43 -13.04
N THR D 231 34.82 61.53 -12.51
CA THR D 231 36.05 61.96 -11.87
C THR D 231 37.07 62.41 -12.90
N ALA D 232 37.33 61.58 -13.91
CA ALA D 232 38.35 61.90 -14.90
C ALA D 232 37.91 62.99 -15.86
N ALA D 233 36.63 63.28 -15.93
CA ALA D 233 36.18 64.40 -16.77
C ALA D 233 36.39 65.74 -16.09
N SER D 234 36.53 65.76 -14.77
CA SER D 234 36.70 67.02 -14.05
C SER D 234 38.15 67.25 -13.65
N SER D 235 38.78 66.25 -13.05
CA SER D 235 40.15 66.36 -12.57
C SER D 235 41.10 65.68 -13.55
N SER D 236 42.26 66.28 -13.76
CA SER D 236 43.29 65.70 -14.61
C SER D 236 44.33 65.05 -13.71
N SER D 237 43.95 63.89 -13.16
CA SER D 237 44.78 63.19 -12.18
C SER D 237 45.41 61.92 -12.70
N LEU D 238 44.66 61.09 -13.43
CA LEU D 238 45.15 59.80 -13.88
C LEU D 238 45.72 59.85 -15.30
N GLU D 239 46.07 61.03 -15.79
CA GLU D 239 46.51 61.19 -17.17
C GLU D 239 48.03 61.01 -17.25
N LYS D 240 48.47 59.98 -17.94
CA LYS D 240 49.88 59.62 -17.99
C LYS D 240 50.42 59.76 -19.41
N SER D 241 51.67 59.35 -19.60
CA SER D 241 52.37 59.58 -20.86
C SER D 241 53.27 58.39 -21.17
N TYR D 242 53.72 58.34 -22.43
CA TYR D 242 54.43 57.18 -22.98
C TYR D 242 55.14 57.61 -24.25
N GLU D 243 56.33 57.05 -24.48
CA GLU D 243 57.05 57.36 -25.71
C GLU D 243 57.20 56.11 -26.57
N LEU D 244 57.42 56.35 -27.85
CA LEU D 244 57.37 55.33 -28.90
C LEU D 244 58.72 55.36 -29.63
N PRO D 245 59.07 54.36 -30.45
CA PRO D 245 60.42 54.34 -31.05
C PRO D 245 60.71 55.41 -32.09
N ASP D 246 59.77 56.30 -32.40
CA ASP D 246 60.09 57.46 -33.22
C ASP D 246 60.80 58.52 -32.39
N GLY D 247 60.52 58.58 -31.09
CA GLY D 247 61.06 59.61 -30.24
C GLY D 247 60.05 60.62 -29.74
N GLN D 248 58.77 60.42 -30.01
CA GLN D 248 57.76 61.40 -29.66
C GLN D 248 57.07 61.00 -28.36
N VAL D 249 56.09 61.79 -27.94
CA VAL D 249 55.41 61.61 -26.66
C VAL D 249 53.92 61.47 -26.91
N ILE D 250 53.31 60.44 -26.32
CA ILE D 250 51.88 60.18 -26.43
C ILE D 250 51.27 60.35 -25.05
N THR D 251 50.16 61.07 -24.97
CA THR D 251 49.47 61.31 -23.70
C THR D 251 48.11 60.62 -23.71
N ILE D 252 47.89 59.70 -22.77
CA ILE D 252 46.68 58.88 -22.71
C ILE D 252 46.01 59.07 -21.37
N GLY D 253 44.77 59.55 -21.40
CA GLY D 253 43.90 59.52 -20.24
C GLY D 253 42.50 59.23 -20.71
N ASN D 254 41.71 58.59 -19.85
CA ASN D 254 40.30 58.18 -19.96
C ASN D 254 40.13 56.92 -20.83
N GLU D 255 41.17 56.46 -21.51
CA GLU D 255 41.06 55.20 -22.23
C GLU D 255 41.79 54.08 -21.51
N ARG D 256 42.21 54.29 -20.27
CA ARG D 256 42.95 53.25 -19.57
C ARG D 256 42.03 52.15 -19.06
N PHE D 257 40.93 52.55 -18.42
CA PHE D 257 39.98 51.59 -17.88
C PHE D 257 38.84 51.29 -18.83
N ARG D 258 38.64 52.13 -19.84
CA ARG D 258 37.52 52.00 -20.75
C ARG D 258 37.66 50.81 -21.69
N CYS D 259 38.88 50.37 -21.95
CA CYS D 259 39.09 49.20 -22.80
C CYS D 259 38.77 47.86 -22.14
N PRO D 260 39.15 47.54 -20.89
CA PRO D 260 38.73 46.25 -20.33
C PRO D 260 37.29 46.19 -19.85
N GLU D 261 36.49 47.25 -20.04
CA GLU D 261 35.09 47.19 -19.66
C GLU D 261 34.24 46.40 -20.64
N THR D 262 34.79 45.99 -21.78
CA THR D 262 33.99 45.21 -22.72
C THR D 262 33.84 43.76 -22.27
N LEU D 263 34.63 43.30 -21.31
CA LEU D 263 34.41 41.98 -20.76
C LEU D 263 33.16 41.91 -19.91
N PHE D 264 32.63 43.05 -19.46
CA PHE D 264 31.42 43.04 -18.67
C PHE D 264 30.22 43.51 -19.46
N GLN D 265 30.43 44.28 -20.52
CA GLN D 265 29.37 44.71 -21.43
C GLN D 265 29.86 44.48 -22.85
N PRO D 266 29.57 43.33 -23.45
CA PRO D 266 30.03 43.06 -24.81
C PRO D 266 29.27 43.80 -25.90
N SER D 267 28.35 44.72 -25.56
CA SER D 267 27.63 45.46 -26.57
C SER D 267 28.48 46.52 -27.26
N PHE D 268 29.65 46.85 -26.70
CA PHE D 268 30.49 47.89 -27.29
C PHE D 268 31.08 47.44 -28.61
N ILE D 269 31.43 46.16 -28.72
CA ILE D 269 31.81 45.62 -30.01
C ILE D 269 30.58 45.48 -30.91
N GLY D 270 29.47 45.00 -30.34
CA GLY D 270 28.30 44.66 -31.10
C GLY D 270 27.92 43.22 -30.96
N MET D 271 28.79 42.40 -30.38
CA MET D 271 28.46 41.02 -30.06
C MET D 271 27.42 40.99 -28.97
N GLU D 272 26.34 40.27 -29.20
CA GLU D 272 25.26 40.19 -28.22
C GLU D 272 25.43 38.92 -27.39
N SER D 273 25.83 39.08 -26.14
CA SER D 273 26.03 37.97 -25.24
C SER D 273 25.74 38.44 -23.82
N ALA D 274 26.21 37.69 -22.83
CA ALA D 274 25.87 37.95 -21.44
C ALA D 274 26.96 38.67 -20.67
N GLY D 275 28.20 38.19 -20.74
CA GLY D 275 29.29 38.74 -19.96
C GLY D 275 30.04 37.66 -19.23
N ILE D 276 31.18 38.06 -18.67
CA ILE D 276 32.06 37.07 -18.07
C ILE D 276 31.57 36.64 -16.69
N HIS D 277 30.66 37.39 -16.09
CA HIS D 277 30.18 37.01 -14.76
C HIS D 277 28.85 36.29 -14.78
N GLU D 278 27.97 36.58 -15.72
CA GLU D 278 26.74 35.81 -15.81
C GLU D 278 26.94 34.43 -16.41
N THR D 279 28.02 34.24 -17.18
CA THR D 279 28.32 32.92 -17.70
C THR D 279 28.74 31.99 -16.57
N THR D 280 29.50 32.51 -15.61
CA THR D 280 29.91 31.70 -14.47
C THR D 280 28.73 31.41 -13.55
N TYR D 281 27.79 32.34 -13.45
CA TYR D 281 26.63 32.11 -12.59
C TYR D 281 25.67 31.11 -13.20
N ASN D 282 25.47 31.17 -14.51
CA ASN D 282 24.59 30.19 -15.14
C ASN D 282 25.22 28.82 -15.28
N SER D 283 26.53 28.72 -15.12
CA SER D 283 27.15 27.41 -15.16
C SER D 283 26.90 26.64 -13.87
N ILE D 284 26.88 27.33 -12.73
CA ILE D 284 26.58 26.66 -11.48
C ILE D 284 25.11 26.33 -11.40
N MET D 285 24.26 27.18 -11.98
CA MET D 285 22.82 27.00 -11.85
C MET D 285 22.34 25.79 -12.66
N LYS D 286 23.03 25.44 -13.74
CA LYS D 286 22.68 24.25 -14.49
C LYS D 286 23.15 22.97 -13.82
N CYS D 287 23.92 23.06 -12.76
CA CYS D 287 24.38 21.89 -12.02
C CYS D 287 23.29 21.46 -11.03
N ASP D 288 23.64 20.57 -10.11
CA ASP D 288 22.68 19.99 -9.19
C ASP D 288 22.34 20.97 -8.07
N ILE D 289 21.71 20.47 -7.01
CA ILE D 289 21.40 21.29 -5.86
C ILE D 289 22.29 20.94 -4.65
N ASP D 290 22.95 19.79 -4.66
CA ASP D 290 23.70 19.38 -3.49
C ASP D 290 25.17 19.74 -3.54
N ILE D 291 25.71 20.00 -4.73
CA ILE D 291 27.14 20.27 -4.82
C ILE D 291 27.37 21.71 -5.25
N ARG D 292 26.39 22.58 -5.01
CA ARG D 292 26.63 23.98 -5.28
C ARG D 292 27.48 24.62 -4.18
N LYS D 293 27.43 24.09 -2.97
CA LYS D 293 28.11 24.74 -1.85
C LYS D 293 29.62 24.58 -1.95
N ASP D 294 30.09 23.45 -2.44
CA ASP D 294 31.53 23.29 -2.63
C ASP D 294 32.06 24.01 -3.85
N LEU D 295 31.20 24.60 -4.67
CA LEU D 295 31.67 25.33 -5.82
C LEU D 295 31.72 26.84 -5.62
N TYR D 296 30.96 27.38 -4.68
CA TYR D 296 31.11 28.79 -4.38
C TYR D 296 32.40 29.09 -3.63
N ALA D 297 33.03 28.09 -3.03
CA ALA D 297 34.25 28.33 -2.29
C ALA D 297 35.51 27.98 -3.07
N ASN D 298 35.38 27.57 -4.33
CA ASN D 298 36.54 27.16 -5.13
C ASN D 298 36.41 27.74 -6.54
N ASN D 299 36.96 28.93 -6.74
CA ASN D 299 37.00 29.56 -8.06
C ASN D 299 38.45 29.81 -8.43
N VAL D 300 39.09 28.82 -9.03
CA VAL D 300 40.42 29.05 -9.55
C VAL D 300 40.31 29.82 -10.86
N MET D 301 41.42 30.45 -11.25
CA MET D 301 41.36 31.45 -12.31
C MET D 301 42.77 31.62 -12.85
N SER D 302 43.04 31.10 -14.04
CA SER D 302 44.43 30.95 -14.48
C SER D 302 44.62 31.33 -15.94
N GLY D 303 44.04 32.42 -16.37
CA GLY D 303 44.23 32.85 -17.74
C GLY D 303 45.41 33.78 -17.90
N GLY D 304 45.90 33.88 -19.14
CA GLY D 304 46.94 34.85 -19.43
C GLY D 304 46.43 36.28 -19.42
N THR D 305 45.14 36.47 -19.72
CA THR D 305 44.52 37.78 -19.74
C THR D 305 44.18 38.26 -18.34
N THR D 306 44.23 37.37 -17.34
CA THR D 306 43.79 37.66 -15.99
C THR D 306 44.70 38.66 -15.28
N MET D 307 45.89 38.92 -15.80
CA MET D 307 46.90 39.76 -15.17
C MET D 307 46.52 41.22 -15.04
N TYR D 308 45.33 41.72 -15.35
CA TYR D 308 45.05 43.12 -15.10
C TYR D 308 44.92 43.36 -13.60
N PRO D 309 45.39 44.50 -13.11
CA PRO D 309 45.22 44.81 -11.69
C PRO D 309 43.78 45.19 -11.38
N GLY D 310 43.30 44.71 -10.23
CA GLY D 310 41.94 45.01 -9.82
C GLY D 310 40.89 44.10 -10.38
N ILE D 311 41.27 42.92 -10.88
CA ILE D 311 40.29 42.01 -11.46
C ILE D 311 39.75 41.03 -10.42
N ALA D 312 40.47 40.80 -9.33
CA ALA D 312 40.00 39.85 -8.33
C ALA D 312 38.94 40.45 -7.43
N ASP D 313 39.10 41.72 -7.06
CA ASP D 313 38.12 42.39 -6.23
C ASP D 313 36.84 42.71 -6.99
N ARG D 314 36.89 42.74 -8.32
CA ARG D 314 35.70 43.01 -9.09
C ARG D 314 34.77 41.81 -9.14
N MET D 315 35.34 40.60 -9.20
CA MET D 315 34.52 39.39 -9.21
C MET D 315 33.94 39.04 -7.84
N GLN D 316 34.57 39.51 -6.76
CA GLN D 316 33.98 39.40 -5.43
C GLN D 316 32.67 40.16 -5.35
N LYS D 317 32.65 41.37 -5.90
CA LYS D 317 31.52 42.26 -5.74
C LYS D 317 30.35 41.88 -6.62
N GLU D 318 30.60 41.18 -7.71
CA GLU D 318 29.54 41.00 -8.70
C GLU D 318 28.66 39.81 -8.35
N ILE D 319 29.26 38.69 -7.94
CA ILE D 319 28.50 37.47 -7.76
C ILE D 319 27.65 37.52 -6.49
N THR D 320 28.09 38.27 -5.47
CA THR D 320 27.30 38.42 -4.24
C THR D 320 25.99 39.17 -4.47
N ALA D 321 25.86 39.91 -5.57
CA ALA D 321 24.57 40.46 -5.94
C ALA D 321 23.66 39.40 -6.57
N LEU D 322 24.19 38.24 -6.94
CA LEU D 322 23.40 37.19 -7.55
C LEU D 322 23.18 35.99 -6.65
N ALA D 323 24.14 35.67 -5.80
CA ALA D 323 24.00 34.56 -4.87
C ALA D 323 23.04 34.93 -3.75
N PRO D 324 22.44 33.94 -3.09
CA PRO D 324 21.65 34.24 -1.89
C PRO D 324 22.52 34.71 -0.74
N SER D 325 21.87 35.38 0.22
CA SER D 325 22.56 36.20 1.21
C SER D 325 23.27 35.40 2.29
N THR D 326 23.15 34.08 2.31
CA THR D 326 23.75 33.31 3.37
C THR D 326 25.14 32.81 3.00
N MET D 327 25.33 32.41 1.74
CA MET D 327 26.50 31.61 1.41
C MET D 327 27.74 32.47 1.21
N LYS D 328 28.86 31.79 1.00
CA LYS D 328 30.17 32.40 1.02
C LYS D 328 30.89 32.18 -0.30
N ILE D 329 31.51 33.23 -0.83
CA ILE D 329 32.23 33.15 -2.09
C ILE D 329 33.70 33.41 -1.85
N LYS D 330 34.53 32.89 -2.76
CA LYS D 330 35.98 32.97 -2.61
C LYS D 330 36.64 32.74 -3.95
N ILE D 331 37.33 33.76 -4.46
CA ILE D 331 38.08 33.66 -5.72
C ILE D 331 39.56 33.47 -5.41
N ILE D 332 40.14 32.42 -5.97
CA ILE D 332 41.53 32.06 -5.72
C ILE D 332 42.35 32.53 -6.91
N ALA D 333 43.47 33.19 -6.64
CA ALA D 333 44.34 33.72 -7.68
C ALA D 333 45.80 33.54 -7.29
N PRO D 334 46.45 32.49 -7.77
CA PRO D 334 47.88 32.32 -7.48
C PRO D 334 48.69 33.32 -8.29
N PRO D 335 49.87 33.71 -7.80
CA PRO D 335 50.64 34.77 -8.48
C PRO D 335 51.30 34.31 -9.77
N GLU D 336 51.68 33.04 -9.86
CA GLU D 336 52.24 32.51 -11.09
C GLU D 336 51.16 31.75 -11.86
N ARG D 337 50.13 32.49 -12.26
CA ARG D 337 48.99 31.90 -12.94
C ARG D 337 49.09 32.04 -14.45
N LYS D 338 50.29 32.27 -14.97
CA LYS D 338 50.46 32.40 -16.40
C LYS D 338 50.93 31.11 -17.04
N TYR D 339 51.85 30.40 -16.39
CA TYR D 339 52.40 29.17 -16.93
C TYR D 339 51.72 27.92 -16.40
N SER D 340 50.59 28.08 -15.71
CA SER D 340 49.98 26.98 -14.96
C SER D 340 49.46 25.87 -15.84
N VAL D 341 49.21 26.15 -17.13
CA VAL D 341 48.81 25.08 -18.02
C VAL D 341 50.02 24.22 -18.36
N TRP D 342 51.21 24.82 -18.38
CA TRP D 342 52.41 24.01 -18.58
C TRP D 342 52.79 23.25 -17.31
N ILE D 343 52.44 23.79 -16.15
CA ILE D 343 52.84 23.18 -14.88
C ILE D 343 52.13 21.85 -14.69
N GLY D 344 50.82 21.82 -14.94
CA GLY D 344 50.07 20.58 -14.85
C GLY D 344 50.48 19.55 -15.89
N GLY D 345 51.02 19.99 -17.01
CA GLY D 345 51.50 19.05 -18.00
C GLY D 345 52.77 18.35 -17.56
N SER D 346 53.55 18.97 -16.68
CA SER D 346 54.75 18.33 -16.18
C SER D 346 54.44 17.25 -15.17
N ILE D 347 53.35 17.38 -14.43
CA ILE D 347 53.01 16.40 -13.40
C ILE D 347 52.47 15.13 -14.03
N LEU D 348 51.56 15.26 -14.99
CA LEU D 348 50.90 14.09 -15.56
C LEU D 348 51.83 13.27 -16.44
N ALA D 349 52.90 13.87 -16.95
CA ALA D 349 53.84 13.08 -17.75
C ALA D 349 54.72 12.21 -16.87
N SER D 350 55.17 12.71 -15.73
CA SER D 350 56.03 11.95 -14.84
C SER D 350 55.25 11.06 -13.88
N LEU D 351 53.97 10.84 -14.13
CA LEU D 351 53.11 10.12 -13.23
C LEU D 351 53.17 8.63 -13.55
N SER D 352 53.08 7.80 -12.52
CA SER D 352 53.34 6.37 -12.66
C SER D 352 52.16 5.60 -13.25
N THR D 353 50.94 5.94 -12.83
CA THR D 353 49.74 5.24 -13.29
C THR D 353 49.46 5.53 -14.75
N PHE D 354 49.90 6.68 -15.25
CA PHE D 354 49.63 7.19 -16.58
C PHE D 354 50.23 6.33 -17.70
N GLN D 355 51.17 5.44 -17.39
CA GLN D 355 51.99 4.78 -18.39
C GLN D 355 51.24 3.74 -19.23
N GLN D 356 49.95 3.52 -19.00
CA GLN D 356 49.15 2.70 -19.90
C GLN D 356 48.24 3.53 -20.79
N MET D 357 48.37 4.85 -20.77
CA MET D 357 47.50 5.72 -21.55
C MET D 357 48.16 6.25 -22.81
N TRP D 358 49.36 5.79 -23.15
CA TRP D 358 49.97 6.27 -24.38
C TRP D 358 49.36 5.57 -25.58
N ILE D 359 49.70 6.07 -26.76
CA ILE D 359 49.22 5.51 -28.03
C ILE D 359 50.44 5.02 -28.80
N THR D 360 50.60 3.70 -28.89
CA THR D 360 51.77 3.17 -29.55
C THR D 360 51.62 3.27 -31.07
N LYS D 361 52.73 3.04 -31.76
CA LYS D 361 52.74 3.16 -33.22
C LYS D 361 52.00 2.00 -33.88
N GLN D 362 51.96 0.84 -33.22
CA GLN D 362 51.23 -0.29 -33.77
C GLN D 362 49.72 -0.06 -33.74
N GLU D 363 49.25 0.75 -32.79
CA GLU D 363 47.82 1.05 -32.72
C GLU D 363 47.38 1.87 -33.91
N TYR D 364 48.27 2.71 -34.44
CA TYR D 364 47.91 3.50 -35.61
C TYR D 364 47.85 2.64 -36.86
N ASP D 365 48.67 1.59 -36.93
CA ASP D 365 48.68 0.74 -38.10
C ASP D 365 47.49 -0.22 -38.15
N GLU D 366 46.82 -0.43 -37.01
CA GLU D 366 45.67 -1.31 -36.99
C GLU D 366 44.42 -0.58 -37.48
N ALA D 367 44.10 0.55 -36.86
CA ALA D 367 42.88 1.29 -37.15
C ALA D 367 43.10 2.45 -38.09
N GLY D 368 44.03 3.35 -37.76
CA GLY D 368 44.24 4.53 -38.56
C GLY D 368 44.11 5.79 -37.72
N PRO D 369 43.81 6.91 -38.38
CA PRO D 369 43.72 8.19 -37.65
C PRO D 369 42.44 8.36 -36.87
N SER D 370 41.49 7.44 -36.93
CA SER D 370 40.28 7.54 -36.15
C SER D 370 40.39 6.87 -34.79
N ILE D 371 41.61 6.49 -34.39
CA ILE D 371 41.82 5.89 -33.08
C ILE D 371 41.75 6.94 -31.98
N VAL D 372 41.91 8.22 -32.32
CA VAL D 372 42.05 9.26 -31.31
C VAL D 372 40.72 9.60 -30.66
N HIS D 373 39.60 9.32 -31.32
CA HIS D 373 38.31 9.58 -30.71
C HIS D 373 37.91 8.52 -29.71
N ARG D 374 38.60 7.39 -29.69
CA ARG D 374 38.28 6.30 -28.79
C ARG D 374 39.10 6.34 -27.50
N LYS D 375 40.41 6.40 -27.64
CA LYS D 375 41.34 6.37 -26.50
C LYS D 375 41.19 7.59 -25.60
N CYS D 376 41.54 8.76 -26.11
CA CYS D 376 41.68 9.94 -25.26
C CYS D 376 40.40 10.76 -25.28
N PHE D 377 40.13 11.41 -24.16
CA PHE D 377 38.92 12.18 -23.96
C PHE D 377 39.11 13.14 -22.79
N THR E 7 -10.44 -38.77 65.63
CA THR E 7 -11.03 -39.40 64.46
C THR E 7 -12.44 -38.92 64.23
N THR E 8 -12.59 -38.03 63.25
CA THR E 8 -13.91 -37.54 62.83
C THR E 8 -14.17 -37.97 61.41
N ALA E 9 -15.41 -38.33 61.12
CA ALA E 9 -15.76 -38.84 59.81
C ALA E 9 -15.96 -37.69 58.82
N LEU E 10 -15.88 -38.02 57.54
CA LEU E 10 -16.01 -37.06 56.45
C LEU E 10 -17.31 -37.32 55.69
N VAL E 11 -18.00 -36.24 55.35
CA VAL E 11 -19.27 -36.31 54.64
C VAL E 11 -19.08 -35.64 53.29
N CYS E 12 -19.23 -36.40 52.21
CA CYS E 12 -18.98 -35.92 50.86
C CYS E 12 -20.22 -36.15 50.02
N ASP E 13 -20.78 -35.06 49.49
CA ASP E 13 -21.88 -35.11 48.54
C ASP E 13 -21.34 -34.74 47.17
N ASN E 14 -21.66 -35.53 46.16
CA ASN E 14 -21.25 -35.26 44.79
C ASN E 14 -22.44 -35.41 43.85
N GLY E 15 -23.18 -34.32 43.70
CA GLY E 15 -24.28 -34.29 42.77
C GLY E 15 -23.81 -33.90 41.38
N SER E 16 -24.77 -33.85 40.46
CA SER E 16 -24.47 -33.36 39.12
C SER E 16 -24.39 -31.85 39.16
N GLY E 17 -23.21 -31.30 38.93
CA GLY E 17 -23.02 -29.87 39.09
C GLY E 17 -22.16 -29.52 40.29
N LEU E 18 -22.79 -29.05 41.35
CA LEU E 18 -22.06 -28.60 42.52
C LEU E 18 -21.60 -29.78 43.36
N VAL E 19 -20.45 -29.60 44.03
CA VAL E 19 -19.85 -30.61 44.89
C VAL E 19 -19.68 -30.01 46.27
N LYS E 20 -20.21 -30.69 47.29
CA LYS E 20 -20.27 -30.18 48.64
C LYS E 20 -19.59 -31.13 49.61
N ALA E 21 -18.87 -30.58 50.58
CA ALA E 21 -18.10 -31.41 51.51
C ALA E 21 -17.86 -30.66 52.81
N GLY E 22 -17.53 -31.41 53.84
CA GLY E 22 -17.28 -30.81 55.15
C GLY E 22 -16.97 -31.88 56.17
N PHE E 23 -16.87 -31.45 57.43
CA PHE E 23 -16.65 -32.37 58.53
C PHE E 23 -17.97 -32.78 59.17
N ALA E 24 -17.91 -33.84 59.95
CA ALA E 24 -19.07 -34.29 60.70
C ALA E 24 -19.29 -33.40 61.92
N GLY E 25 -20.53 -33.36 62.38
CA GLY E 25 -20.87 -32.55 63.54
C GLY E 25 -20.80 -31.06 63.30
N ASP E 26 -21.49 -30.57 62.27
CA ASP E 26 -21.44 -29.17 61.91
C ASP E 26 -22.77 -28.80 61.28
N ASP E 27 -22.97 -27.51 61.02
CA ASP E 27 -24.23 -27.05 60.42
C ASP E 27 -24.09 -26.49 59.02
N ALA E 28 -22.88 -26.34 58.50
CA ALA E 28 -22.68 -25.81 57.17
C ALA E 28 -21.42 -26.41 56.57
N PRO E 29 -21.38 -26.64 55.26
CA PRO E 29 -20.17 -27.17 54.63
C PRO E 29 -19.10 -26.10 54.48
N ARG E 30 -17.97 -26.51 53.92
CA ARG E 30 -16.85 -25.61 53.73
C ARG E 30 -16.38 -25.47 52.28
N ALA E 31 -16.71 -26.42 51.41
CA ALA E 31 -16.27 -26.40 50.04
C ALA E 31 -17.47 -26.54 49.13
N VAL E 32 -17.75 -25.49 48.35
CA VAL E 32 -18.82 -25.49 47.36
C VAL E 32 -18.25 -24.95 46.06
N PHE E 33 -18.21 -25.79 45.03
CA PHE E 33 -17.61 -25.41 43.76
C PHE E 33 -18.12 -26.36 42.69
N PRO E 34 -18.28 -25.91 41.45
CA PRO E 34 -18.79 -26.79 40.40
C PRO E 34 -17.76 -27.82 39.97
N SER E 35 -18.24 -28.85 39.30
CA SER E 35 -17.42 -30.00 38.90
C SER E 35 -17.22 -29.96 37.39
N ILE E 36 -16.19 -29.24 36.95
CA ILE E 36 -15.91 -29.00 35.54
C ILE E 36 -14.43 -29.31 35.31
N VAL E 37 -14.12 -29.93 34.16
CA VAL E 37 -12.74 -30.14 33.76
C VAL E 37 -12.52 -29.48 32.41
N GLY E 38 -11.60 -28.52 32.36
CA GLY E 38 -11.33 -27.77 31.14
C GLY E 38 -9.91 -28.00 30.63
N ARG E 39 -9.75 -27.86 29.32
CA ARG E 39 -8.47 -28.01 28.61
C ARG E 39 -8.39 -26.96 27.51
N PRO E 40 -7.19 -26.42 27.24
CA PRO E 40 -7.07 -25.35 26.24
C PRO E 40 -7.21 -25.87 24.82
N ARG E 41 -7.38 -24.94 23.89
CA ARG E 41 -7.52 -25.30 22.48
C ARG E 41 -6.73 -24.43 21.50
N HIS E 42 -6.22 -23.27 21.91
CA HIS E 42 -5.37 -22.47 21.03
C HIS E 42 -3.92 -22.88 21.18
N GLN E 43 -3.01 -22.06 20.67
CA GLN E 43 -1.58 -22.34 20.67
C GLN E 43 -0.84 -21.44 21.63
N GLY E 44 0.16 -21.99 22.30
CA GLY E 44 0.99 -21.21 23.20
C GLY E 44 2.16 -20.58 22.44
N VAL E 45 2.48 -19.35 22.81
CA VAL E 45 3.54 -18.59 22.14
C VAL E 45 4.60 -18.16 23.14
N MET E 46 4.18 -17.47 24.19
CA MET E 46 5.14 -16.87 25.11
C MET E 46 5.74 -17.94 26.00
N VAL E 47 7.04 -17.83 26.26
CA VAL E 47 7.82 -18.93 26.83
C VAL E 47 7.87 -18.87 28.34
N GLY E 48 8.05 -17.66 28.90
CA GLY E 48 8.42 -17.55 30.31
C GLY E 48 7.33 -17.89 31.29
N MET E 49 6.09 -18.02 30.83
CA MET E 49 5.00 -18.34 31.74
C MET E 49 5.03 -19.81 32.13
N GLY E 50 4.43 -20.11 33.27
CA GLY E 50 4.25 -21.48 33.70
C GLY E 50 2.85 -21.97 33.36
N GLN E 51 2.79 -23.13 32.71
CA GLN E 51 1.55 -23.60 32.12
C GLN E 51 1.09 -24.89 32.79
N LYS E 52 -0.19 -25.19 32.58
CA LYS E 52 -0.78 -26.44 33.01
C LYS E 52 -1.63 -26.99 31.89
N ASP E 53 -1.77 -28.31 31.85
CA ASP E 53 -2.56 -28.94 30.81
C ASP E 53 -4.06 -28.89 31.09
N SER E 54 -4.47 -28.68 32.33
CA SER E 54 -5.88 -28.71 32.67
C SER E 54 -6.12 -27.90 33.94
N TYR E 55 -7.39 -27.55 34.17
CA TYR E 55 -7.81 -26.80 35.33
C TYR E 55 -9.11 -27.41 35.85
N VAL E 56 -9.29 -27.43 37.16
CA VAL E 56 -10.31 -28.27 37.80
C VAL E 56 -11.35 -27.45 38.55
N GLY E 57 -10.93 -26.68 39.54
CA GLY E 57 -11.90 -26.15 40.47
C GLY E 57 -12.60 -24.89 40.01
N ASP E 58 -12.55 -23.86 40.85
CA ASP E 58 -13.08 -22.56 40.44
C ASP E 58 -12.13 -21.84 39.49
N GLU E 59 -10.89 -22.31 39.39
CA GLU E 59 -9.91 -21.68 38.51
C GLU E 59 -10.28 -21.84 37.05
N ALA E 60 -10.85 -22.99 36.67
CA ALA E 60 -11.33 -23.18 35.32
C ALA E 60 -12.53 -22.31 35.00
N GLN E 61 -13.25 -21.85 36.01
CA GLN E 61 -14.37 -20.94 35.76
C GLN E 61 -13.88 -19.53 35.46
N SER E 62 -12.73 -19.15 36.01
CA SER E 62 -12.24 -17.79 35.81
C SER E 62 -11.74 -17.56 34.39
N LYS E 63 -11.18 -18.60 33.77
CA LYS E 63 -10.63 -18.50 32.43
C LYS E 63 -11.46 -19.40 31.53
N ARG E 64 -12.61 -18.91 31.10
CA ARG E 64 -13.46 -19.71 30.22
C ARG E 64 -13.36 -19.24 28.78
N GLY E 65 -12.62 -18.17 28.51
CA GLY E 65 -12.48 -17.69 27.15
C GLY E 65 -11.55 -18.49 26.28
N ILE E 66 -10.85 -19.48 26.86
CA ILE E 66 -9.92 -20.31 26.11
C ILE E 66 -10.32 -21.78 26.15
N LEU E 67 -10.71 -22.27 27.32
CA LEU E 67 -10.84 -23.69 27.57
C LEU E 67 -12.11 -24.26 26.92
N THR E 68 -12.21 -25.59 26.94
CA THR E 68 -13.41 -26.32 26.55
C THR E 68 -13.91 -27.07 27.77
N LEU E 69 -15.07 -26.68 28.28
CA LEU E 69 -15.54 -27.22 29.54
C LEU E 69 -16.20 -28.58 29.33
N LYS E 70 -16.27 -29.36 30.41
CA LYS E 70 -16.68 -30.75 30.31
C LYS E 70 -17.21 -31.24 31.65
N TYR E 71 -18.36 -31.89 31.64
CA TYR E 71 -18.95 -32.47 32.85
C TYR E 71 -18.70 -33.96 32.88
N PRO E 72 -18.35 -34.55 34.02
CA PRO E 72 -18.21 -36.01 34.06
C PRO E 72 -19.52 -36.76 34.22
N ILE E 73 -20.49 -36.21 34.95
CA ILE E 73 -21.71 -36.93 35.35
C ILE E 73 -22.87 -36.40 34.54
N GLU E 74 -23.67 -37.30 33.97
CA GLU E 74 -24.75 -36.86 33.09
C GLU E 74 -26.18 -37.01 33.61
N GLY E 76 -26.50 -38.78 36.63
CA GLY E 76 -26.36 -39.46 37.89
C GLY E 76 -25.51 -40.70 37.70
N ILE E 77 -24.91 -40.79 36.52
CA ILE E 77 -24.11 -41.94 36.12
C ILE E 77 -22.71 -41.46 35.78
N ILE E 78 -21.69 -42.12 36.34
CA ILE E 78 -20.30 -41.77 36.10
C ILE E 78 -19.97 -42.19 34.67
N THR E 79 -19.70 -41.21 33.82
CA THR E 79 -19.39 -41.54 32.44
C THR E 79 -17.89 -41.69 32.20
N ASN E 80 -17.08 -40.80 32.78
CA ASN E 80 -15.65 -40.79 32.54
C ASN E 80 -14.92 -40.88 33.86
N TRP E 81 -14.21 -41.99 34.09
CA TRP E 81 -13.63 -42.25 35.40
C TRP E 81 -12.35 -41.45 35.62
N ASP E 82 -11.61 -41.17 34.56
CA ASP E 82 -10.33 -40.49 34.73
C ASP E 82 -10.52 -39.03 35.12
N ASP E 83 -11.62 -38.42 34.71
CA ASP E 83 -11.92 -37.08 35.19
C ASP E 83 -12.41 -37.07 36.62
N MET E 84 -12.93 -38.20 37.10
CA MET E 84 -13.44 -38.23 38.45
C MET E 84 -12.33 -38.33 39.47
N GLU E 85 -11.23 -38.99 39.14
CA GLU E 85 -10.12 -39.10 40.06
C GLU E 85 -9.39 -37.78 40.26
N LYS E 86 -9.45 -36.88 39.28
CA LYS E 86 -8.86 -35.56 39.49
C LYS E 86 -9.67 -34.73 40.46
N ILE E 87 -10.99 -34.94 40.51
CA ILE E 87 -11.82 -34.11 41.36
C ILE E 87 -11.72 -34.54 42.81
N TRP E 88 -11.73 -35.84 43.08
CA TRP E 88 -11.55 -36.32 44.45
C TRP E 88 -10.15 -36.02 44.97
N HIS E 89 -9.14 -36.02 44.09
CA HIS E 89 -7.81 -35.62 44.51
C HIS E 89 -7.74 -34.14 44.81
N HIS E 90 -8.60 -33.35 44.18
CA HIS E 90 -8.59 -31.91 44.42
C HIS E 90 -9.20 -31.57 45.76
N THR E 91 -10.14 -32.39 46.24
CA THR E 91 -10.84 -32.05 47.48
C THR E 91 -10.04 -32.46 48.71
N PHE E 92 -9.40 -33.63 48.68
CA PHE E 92 -8.73 -34.15 49.87
C PHE E 92 -7.44 -33.42 50.18
N TYR E 93 -6.83 -32.76 49.21
CA TYR E 93 -5.55 -32.11 49.42
C TYR E 93 -5.61 -30.60 49.29
N ASN E 94 -6.11 -30.10 48.17
CA ASN E 94 -5.95 -28.69 47.86
C ASN E 94 -7.03 -27.83 48.51
N GLU E 95 -8.30 -28.13 48.24
CA GLU E 95 -9.38 -27.30 48.75
C GLU E 95 -9.57 -27.52 50.25
N LEU E 96 -9.65 -28.77 50.66
CA LEU E 96 -9.65 -29.13 52.07
C LEU E 96 -8.36 -29.88 52.33
N ARG E 97 -7.78 -29.69 53.51
CA ARG E 97 -6.47 -30.23 53.82
C ARG E 97 -6.62 -31.30 54.88
N VAL E 98 -6.31 -32.55 54.50
CA VAL E 98 -6.52 -33.70 55.37
C VAL E 98 -5.66 -34.83 54.82
N ALA E 99 -5.35 -35.79 55.68
CA ALA E 99 -4.83 -37.06 55.20
C ALA E 99 -5.98 -38.01 54.92
N PRO E 100 -5.89 -38.83 53.88
CA PRO E 100 -7.01 -39.76 53.60
C PRO E 100 -7.11 -40.90 54.58
N GLU E 101 -5.98 -41.45 55.01
CA GLU E 101 -5.97 -42.66 55.83
C GLU E 101 -6.33 -42.42 57.29
N GLU E 102 -6.62 -41.19 57.66
CA GLU E 102 -6.92 -40.89 59.06
C GLU E 102 -8.40 -41.04 59.37
N HIS E 103 -9.27 -40.78 58.39
CA HIS E 103 -10.68 -40.60 58.67
C HIS E 103 -11.55 -41.51 57.83
N PRO E 104 -12.73 -41.87 58.33
CA PRO E 104 -13.72 -42.56 57.50
C PRO E 104 -14.57 -41.58 56.71
N THR E 105 -15.17 -42.09 55.64
CA THR E 105 -15.94 -41.30 54.69
C THR E 105 -17.38 -41.77 54.62
N LEU E 106 -18.17 -41.06 53.82
CA LEU E 106 -19.61 -41.32 53.71
C LEU E 106 -20.09 -40.71 52.40
N LEU E 107 -20.67 -41.55 51.52
CA LEU E 107 -21.02 -41.13 50.18
C LEU E 107 -22.50 -41.36 49.92
N THR E 108 -23.04 -40.62 48.96
CA THR E 108 -24.47 -40.64 48.64
C THR E 108 -24.67 -40.98 47.18
N GLU E 109 -25.85 -41.56 46.86
CA GLU E 109 -26.15 -41.97 45.49
C GLU E 109 -27.63 -41.67 45.19
N ALA E 110 -28.08 -42.20 44.07
CA ALA E 110 -29.41 -42.13 43.49
C ALA E 110 -30.12 -43.46 43.65
N PRO E 111 -31.47 -43.51 43.63
CA PRO E 111 -32.16 -44.77 43.95
C PRO E 111 -32.04 -45.90 42.92
N LEU E 112 -32.22 -45.66 41.63
CA LEU E 112 -32.32 -46.76 40.67
C LEU E 112 -31.22 -46.75 39.62
N ASN E 113 -30.04 -46.24 39.96
CA ASN E 113 -28.90 -46.35 39.06
C ASN E 113 -28.44 -47.81 38.97
N PRO E 114 -27.74 -48.20 37.88
CA PRO E 114 -27.32 -49.60 37.76
C PRO E 114 -26.25 -50.03 38.75
N LYS E 115 -25.91 -51.33 38.72
CA LYS E 115 -25.13 -51.91 39.80
C LYS E 115 -23.66 -51.52 39.74
N ALA E 116 -23.11 -51.40 38.53
CA ALA E 116 -21.69 -51.14 38.40
C ALA E 116 -21.30 -49.72 38.78
N ASN E 117 -22.27 -48.83 38.97
CA ASN E 117 -21.95 -47.47 39.39
C ASN E 117 -21.53 -47.42 40.85
N ARG E 118 -22.20 -48.19 41.71
CA ARG E 118 -21.88 -48.21 43.13
C ARG E 118 -20.88 -49.31 43.48
N GLU E 119 -20.23 -49.89 42.49
CA GLU E 119 -19.29 -50.98 42.70
C GLU E 119 -17.87 -50.64 42.28
N LYS E 120 -17.70 -49.90 41.18
CA LYS E 120 -16.38 -49.41 40.82
C LYS E 120 -15.84 -48.39 41.80
N MET E 121 -16.72 -47.69 42.50
CA MET E 121 -16.31 -46.71 43.48
C MET E 121 -15.96 -47.34 44.82
N THR E 122 -16.09 -48.65 44.97
CA THR E 122 -15.57 -49.33 46.15
C THR E 122 -14.07 -49.55 46.04
N GLN E 123 -13.59 -49.88 44.83
CA GLN E 123 -12.17 -50.14 44.65
C GLN E 123 -11.35 -48.87 44.83
N ILE E 124 -11.88 -47.74 44.38
CA ILE E 124 -11.14 -46.50 44.45
C ILE E 124 -11.02 -46.02 45.89
N MET E 125 -12.04 -46.25 46.71
CA MET E 125 -11.97 -45.82 48.09
C MET E 125 -11.21 -46.80 48.98
N PHE E 126 -10.80 -47.95 48.45
CA PHE E 126 -9.96 -48.88 49.19
C PHE E 126 -8.58 -49.05 48.57
N GLU E 127 -8.50 -49.33 47.28
CA GLU E 127 -7.23 -49.76 46.72
C GLU E 127 -6.30 -48.58 46.44
N THR E 128 -6.77 -47.57 45.71
CA THR E 128 -5.90 -46.45 45.41
C THR E 128 -5.90 -45.39 46.50
N PHE E 129 -6.94 -45.31 47.32
CA PHE E 129 -6.94 -44.49 48.53
C PHE E 129 -7.05 -45.45 49.69
N ASN E 130 -6.00 -45.55 50.51
CA ASN E 130 -6.01 -46.44 51.65
C ASN E 130 -6.83 -45.80 52.76
N VAL E 131 -8.15 -45.97 52.66
CA VAL E 131 -9.11 -45.35 53.57
C VAL E 131 -9.98 -46.45 54.15
N PRO E 132 -10.12 -46.54 55.47
CA PRO E 132 -11.06 -47.50 56.05
C PRO E 132 -12.45 -46.90 56.25
N ALA E 133 -13.43 -47.81 56.35
CA ALA E 133 -14.79 -47.53 56.85
C ALA E 133 -15.53 -46.52 55.97
N MET E 134 -15.90 -46.96 54.77
CA MET E 134 -16.81 -46.22 53.93
C MET E 134 -18.24 -46.75 54.06
N TYR E 135 -19.19 -46.00 53.52
CA TYR E 135 -20.59 -46.37 53.54
C TYR E 135 -21.33 -45.55 52.49
N VAL E 136 -22.41 -46.13 51.94
CA VAL E 136 -23.18 -45.54 50.86
C VAL E 136 -24.63 -45.40 51.31
N ALA E 137 -25.21 -44.22 51.11
CA ALA E 137 -26.58 -43.93 51.52
C ALA E 137 -27.44 -43.62 50.29
N ILE E 138 -28.68 -43.21 50.54
CA ILE E 138 -29.64 -42.87 49.48
C ILE E 138 -30.18 -41.48 49.76
N GLN E 139 -30.22 -40.64 48.73
CA GLN E 139 -30.58 -39.22 48.91
C GLN E 139 -32.07 -38.97 48.97
N ALA E 140 -32.79 -39.75 49.72
CA ALA E 140 -34.16 -39.39 50.06
C ALA E 140 -34.42 -39.61 51.55
N VAL E 141 -33.78 -40.63 52.13
CA VAL E 141 -33.86 -40.85 53.57
C VAL E 141 -33.23 -39.70 54.33
N LEU E 142 -32.16 -39.13 53.78
CA LEU E 142 -31.41 -38.08 54.45
C LEU E 142 -32.14 -36.76 54.49
N SER E 143 -33.28 -36.61 53.80
CA SER E 143 -34.04 -35.39 53.92
C SER E 143 -34.93 -35.38 55.16
N LEU E 144 -35.32 -36.56 55.66
CA LEU E 144 -36.20 -36.59 56.81
C LEU E 144 -35.47 -36.28 58.11
N TYR E 145 -34.17 -36.56 58.17
CA TYR E 145 -33.41 -36.23 59.37
C TYR E 145 -33.27 -34.72 59.56
N ALA E 146 -33.28 -33.97 58.45
CA ALA E 146 -33.24 -32.52 58.57
C ALA E 146 -34.55 -31.97 59.12
N SER E 147 -35.65 -32.68 58.89
CA SER E 147 -36.92 -32.23 59.46
C SER E 147 -37.17 -32.79 60.85
N GLY E 148 -36.55 -33.93 61.16
CA GLY E 148 -36.76 -34.57 62.44
C GLY E 148 -38.02 -35.40 62.55
N ARG E 149 -38.78 -35.54 61.47
CA ARG E 149 -40.01 -36.31 61.51
C ARG E 149 -39.72 -37.80 61.39
N THR E 150 -40.78 -38.59 61.22
CA THR E 150 -40.63 -40.01 60.96
C THR E 150 -41.61 -40.55 59.93
N THR E 151 -42.51 -39.74 59.40
CA THR E 151 -43.39 -40.12 58.30
C THR E 151 -43.35 -39.03 57.25
N GLY E 152 -43.95 -39.31 56.09
CA GLY E 152 -44.10 -38.33 55.05
C GLY E 152 -43.58 -38.85 53.72
N ILE E 153 -43.67 -37.98 52.71
CA ILE E 153 -43.20 -38.27 51.37
C ILE E 153 -42.33 -37.12 50.88
N VAL E 154 -41.20 -37.44 50.29
CA VAL E 154 -40.20 -36.45 49.95
C VAL E 154 -40.29 -36.14 48.47
N LEU E 155 -39.54 -35.13 48.02
CA LEU E 155 -39.46 -34.81 46.60
C LEU E 155 -38.16 -34.04 46.39
N ASP E 156 -37.16 -34.66 45.78
CA ASP E 156 -35.90 -34.00 45.49
C ASP E 156 -35.65 -34.05 43.99
N SER E 157 -35.32 -32.90 43.41
CA SER E 157 -34.93 -32.85 42.01
C SER E 157 -33.49 -32.43 41.81
N GLY E 158 -33.14 -31.20 42.17
CA GLY E 158 -31.78 -30.75 41.92
C GLY E 158 -31.51 -30.59 40.44
N ASP E 159 -30.49 -31.28 39.95
CA ASP E 159 -30.04 -31.12 38.59
C ASP E 159 -29.96 -32.41 37.79
N GLY E 160 -29.73 -33.55 38.44
CA GLY E 160 -29.70 -34.79 37.71
C GLY E 160 -31.06 -35.38 37.40
N VAL E 161 -31.79 -35.81 38.43
CA VAL E 161 -33.06 -36.51 38.28
C VAL E 161 -34.01 -36.09 39.39
N THR E 162 -35.30 -36.20 39.11
CA THR E 162 -36.34 -35.97 40.10
C THR E 162 -36.98 -37.29 40.49
N HIS E 163 -37.30 -37.45 41.77
CA HIS E 163 -37.81 -38.70 42.31
C HIS E 163 -38.49 -38.45 43.64
N ASN E 164 -39.18 -39.47 44.16
CA ASN E 164 -39.93 -39.36 45.40
C ASN E 164 -40.10 -40.72 46.05
N VAL E 165 -39.91 -40.77 47.38
CA VAL E 165 -39.96 -42.02 48.14
C VAL E 165 -40.90 -41.88 49.32
N PRO E 166 -41.96 -42.69 49.42
CA PRO E 166 -42.85 -42.61 50.57
C PRO E 166 -42.38 -43.47 51.75
N ILE E 167 -42.39 -42.91 52.95
CA ILE E 167 -41.89 -43.57 54.16
C ILE E 167 -42.92 -43.42 55.26
N TYR E 168 -43.27 -44.52 55.92
CA TYR E 168 -44.23 -44.50 57.02
C TYR E 168 -43.65 -45.25 58.21
N GLU E 169 -43.46 -44.52 59.32
CA GLU E 169 -43.08 -45.07 60.63
C GLU E 169 -41.75 -45.81 60.60
N GLY E 170 -40.84 -45.41 59.72
CA GLY E 170 -39.59 -46.12 59.57
C GLY E 170 -39.66 -47.36 58.73
N TYR E 171 -40.70 -47.51 57.92
CA TYR E 171 -40.82 -48.64 57.00
C TYR E 171 -41.02 -48.09 55.60
N ALA E 172 -40.06 -48.35 54.71
CA ALA E 172 -40.14 -47.86 53.35
C ALA E 172 -40.93 -48.84 52.49
N LEU E 173 -41.52 -48.32 51.42
CA LEU E 173 -42.40 -49.10 50.56
C LEU E 173 -41.78 -49.21 49.17
N PRO E 174 -41.09 -50.31 48.87
CA PRO E 174 -40.29 -50.37 47.64
C PRO E 174 -41.09 -50.45 46.36
N HIS E 175 -42.38 -50.76 46.41
CA HIS E 175 -43.18 -50.85 45.20
C HIS E 175 -43.87 -49.55 44.86
N ALA E 176 -43.41 -48.41 45.39
CA ALA E 176 -44.04 -47.13 45.12
C ALA E 176 -43.07 -46.04 44.69
N ILE E 177 -41.80 -46.36 44.43
CA ILE E 177 -40.83 -45.35 44.08
C ILE E 177 -40.97 -44.99 42.61
N MET E 178 -41.03 -43.69 42.32
CA MET E 178 -41.19 -43.19 40.97
C MET E 178 -39.99 -42.30 40.62
N ARG E 179 -39.41 -42.53 39.44
CA ARG E 179 -38.25 -41.77 38.99
C ARG E 179 -38.52 -41.19 37.61
N LEU E 180 -38.26 -39.89 37.46
CA LEU E 180 -38.48 -39.18 36.20
C LEU E 180 -37.19 -38.49 35.79
N ASP E 181 -36.84 -38.56 34.50
CA ASP E 181 -35.53 -38.09 34.07
C ASP E 181 -35.54 -36.64 33.61
N LEU E 182 -36.60 -35.89 33.89
CA LEU E 182 -36.58 -34.48 33.59
C LEU E 182 -35.75 -33.75 34.64
N ALA E 183 -34.90 -32.84 34.19
CA ALA E 183 -33.75 -32.43 34.99
C ALA E 183 -33.71 -30.92 35.16
N GLY E 184 -32.54 -30.45 35.60
CA GLY E 184 -32.31 -29.02 35.67
C GLY E 184 -31.60 -28.47 34.45
N ARG E 185 -30.65 -29.23 33.90
CA ARG E 185 -29.91 -28.74 32.73
C ARG E 185 -30.75 -28.79 31.48
N ASP E 186 -31.85 -29.54 31.51
CA ASP E 186 -32.75 -29.53 30.36
C ASP E 186 -33.56 -28.24 30.33
N LEU E 187 -33.73 -27.61 31.48
CA LEU E 187 -34.41 -26.30 31.52
C LEU E 187 -33.52 -25.20 30.98
N THR E 188 -32.21 -25.33 31.18
CA THR E 188 -31.26 -24.39 30.60
C THR E 188 -31.24 -24.49 29.10
N ASP E 189 -31.29 -25.71 28.57
CA ASP E 189 -31.14 -25.92 27.15
C ASP E 189 -32.40 -25.50 26.39
N TYR E 190 -33.56 -25.54 27.03
CA TYR E 190 -34.76 -25.09 26.34
C TYR E 190 -34.85 -23.57 26.31
N LEU E 191 -34.23 -22.90 27.28
CA LEU E 191 -34.29 -21.44 27.31
C LEU E 191 -33.48 -20.82 26.17
N MET E 192 -32.29 -21.35 25.90
CA MET E 192 -31.46 -20.82 24.83
C MET E 192 -31.98 -21.22 23.45
N LYS E 193 -33.04 -22.00 23.35
CA LYS E 193 -33.73 -22.17 22.09
C LYS E 193 -34.79 -21.10 21.87
N ILE E 194 -35.45 -20.65 22.94
CA ILE E 194 -36.53 -19.70 22.80
C ILE E 194 -36.02 -18.30 22.48
N LEU E 195 -34.83 -17.94 22.96
CA LEU E 195 -34.33 -16.59 22.79
C LEU E 195 -33.93 -16.25 21.37
N THR E 196 -33.89 -17.22 20.46
CA THR E 196 -33.63 -16.91 19.06
C THR E 196 -34.82 -16.33 18.34
N GLU E 197 -35.93 -16.10 19.03
CA GLU E 197 -37.07 -15.45 18.40
C GLU E 197 -36.99 -13.94 18.48
N ARG E 198 -36.00 -13.40 19.17
CA ARG E 198 -35.76 -11.96 19.15
C ARG E 198 -34.43 -11.57 18.53
N GLY E 199 -33.50 -12.50 18.40
CA GLY E 199 -32.26 -12.18 17.72
C GLY E 199 -31.03 -12.41 18.55
N TYR E 200 -31.14 -13.24 19.58
CA TYR E 200 -30.03 -13.56 20.46
C TYR E 200 -29.58 -14.97 20.16
N SER E 201 -28.27 -15.20 20.13
CA SER E 201 -27.75 -16.52 19.79
C SER E 201 -26.52 -16.83 20.62
N PHE E 202 -26.59 -17.89 21.42
CA PHE E 202 -25.52 -18.32 22.31
C PHE E 202 -25.25 -19.79 22.00
N VAL E 203 -24.25 -20.09 21.16
CA VAL E 203 -23.92 -21.47 20.81
C VAL E 203 -22.42 -21.63 21.02
N THR E 204 -22.01 -22.08 22.22
CA THR E 204 -20.68 -22.52 22.63
C THR E 204 -20.86 -23.08 24.04
N THR E 205 -19.98 -24.02 24.43
CA THR E 205 -19.95 -24.47 25.81
C THR E 205 -19.60 -23.36 26.79
N ALA E 206 -18.86 -22.36 26.34
CA ALA E 206 -18.58 -21.22 27.21
C ALA E 206 -19.76 -20.28 27.31
N GLU E 207 -20.57 -20.18 26.25
CA GLU E 207 -21.74 -19.32 26.26
C GLU E 207 -22.85 -19.83 27.15
N ARG E 208 -22.78 -21.09 27.56
CA ARG E 208 -23.88 -21.72 28.28
C ARG E 208 -24.04 -21.16 29.68
N GLU E 209 -22.94 -20.78 30.33
CA GLU E 209 -23.01 -20.36 31.71
C GLU E 209 -23.57 -18.96 31.91
N ILE E 210 -23.54 -18.11 30.89
CA ILE E 210 -24.24 -16.83 31.04
C ILE E 210 -25.70 -16.95 30.63
N VAL E 211 -26.14 -18.13 30.20
CA VAL E 211 -27.57 -18.38 30.05
C VAL E 211 -28.15 -18.95 31.33
N ARG E 212 -27.33 -19.70 32.06
CA ARG E 212 -27.72 -20.20 33.38
C ARG E 212 -27.93 -19.06 34.35
N ASP E 213 -27.10 -18.02 34.24
CA ASP E 213 -27.13 -16.95 35.23
C ASP E 213 -28.34 -16.04 35.01
N ILE E 214 -28.89 -16.04 33.80
CA ILE E 214 -30.14 -15.33 33.56
C ILE E 214 -31.29 -16.04 34.25
N LYS E 215 -31.27 -17.38 34.24
CA LYS E 215 -32.37 -18.19 34.75
C LYS E 215 -32.53 -18.03 36.26
N GLU E 216 -31.43 -17.89 36.97
CA GLU E 216 -31.49 -17.86 38.42
C GLU E 216 -31.95 -16.52 38.93
N LYS E 217 -31.85 -15.48 38.12
CA LYS E 217 -32.14 -14.14 38.63
C LYS E 217 -33.59 -13.75 38.39
N LEU E 218 -34.08 -13.88 37.16
CA LEU E 218 -35.44 -13.43 36.86
C LEU E 218 -36.26 -14.49 36.12
N CYS E 219 -36.81 -15.42 36.90
CA CYS E 219 -37.78 -16.41 36.43
C CYS E 219 -38.75 -16.67 37.57
N TYR E 220 -40.01 -16.92 37.24
CA TYR E 220 -41.02 -17.20 38.25
C TYR E 220 -42.06 -18.15 37.68
N VAL E 221 -42.76 -18.84 38.57
CA VAL E 221 -43.79 -19.79 38.19
C VAL E 221 -45.16 -19.16 38.42
N ALA E 222 -45.89 -18.92 37.34
CA ALA E 222 -47.16 -18.24 37.44
C ALA E 222 -48.23 -19.18 38.00
N LEU E 223 -49.18 -18.60 38.70
CA LEU E 223 -50.26 -19.40 39.29
C LEU E 223 -51.30 -19.78 38.25
N ASP E 224 -51.43 -19.00 37.19
CA ASP E 224 -52.30 -19.33 36.08
C ASP E 224 -51.49 -19.19 34.79
N PHE E 225 -51.99 -19.79 33.71
CA PHE E 225 -51.25 -19.78 32.46
C PHE E 225 -51.97 -19.10 31.32
N GLU E 226 -53.30 -19.18 31.25
CA GLU E 226 -53.98 -18.71 30.06
C GLU E 226 -54.13 -17.20 30.06
N ASN E 227 -54.47 -16.61 31.20
CA ASN E 227 -54.60 -15.17 31.27
C ASN E 227 -53.26 -14.44 31.26
N GLU E 228 -52.18 -15.13 31.66
CA GLU E 228 -50.86 -14.53 31.60
C GLU E 228 -50.40 -14.35 30.15
N MET E 229 -50.86 -15.20 29.25
CA MET E 229 -50.54 -15.03 27.85
C MET E 229 -51.31 -13.87 27.24
N ALA E 230 -52.46 -13.52 27.83
CA ALA E 230 -53.24 -12.38 27.35
C ALA E 230 -52.88 -11.08 28.03
N THR E 231 -52.36 -11.14 29.26
CA THR E 231 -51.95 -9.94 29.95
C THR E 231 -50.68 -9.37 29.34
N ALA E 232 -49.64 -10.20 29.21
CA ALA E 232 -48.35 -9.73 28.72
C ALA E 232 -48.37 -9.44 27.22
N ALA E 233 -49.36 -9.94 26.49
CA ALA E 233 -49.46 -9.60 25.08
C ALA E 233 -50.07 -8.23 24.87
N SER E 234 -50.80 -7.71 25.84
CA SER E 234 -51.43 -6.40 25.70
C SER E 234 -50.67 -5.30 26.41
N SER E 235 -50.31 -5.53 27.66
CA SER E 235 -49.62 -4.54 28.48
C SER E 235 -48.13 -4.87 28.55
N SER E 236 -47.29 -3.84 28.50
CA SER E 236 -45.86 -4.01 28.63
C SER E 236 -45.47 -3.65 30.06
N SER E 237 -45.78 -4.56 30.97
CA SER E 237 -45.59 -4.32 32.40
C SER E 237 -44.47 -5.14 33.02
N LEU E 238 -44.37 -6.43 32.69
CA LEU E 238 -43.38 -7.31 33.30
C LEU E 238 -42.10 -7.42 32.49
N GLU E 239 -41.85 -6.49 31.59
CA GLU E 239 -40.71 -6.57 30.69
C GLU E 239 -39.49 -5.91 31.32
N LYS E 240 -38.47 -6.71 31.60
CA LYS E 240 -37.29 -6.22 32.32
C LYS E 240 -36.05 -6.28 31.43
N SER E 241 -34.90 -5.98 32.02
CA SER E 241 -33.66 -5.84 31.27
C SER E 241 -32.48 -6.37 32.07
N TYR E 242 -31.36 -6.58 31.39
CA TYR E 242 -30.21 -7.27 31.94
C TYR E 242 -29.00 -6.97 31.07
N GLU E 243 -27.84 -6.83 31.68
CA GLU E 243 -26.61 -6.61 30.91
C GLU E 243 -25.65 -7.77 31.08
N LEU E 244 -24.76 -7.90 30.11
CA LEU E 244 -23.88 -9.04 29.94
C LEU E 244 -22.44 -8.54 29.91
N PRO E 245 -21.40 -9.38 30.05
CA PRO E 245 -20.03 -8.86 30.16
C PRO E 245 -19.45 -8.22 28.90
N ASP E 246 -20.19 -8.15 27.80
CA ASP E 246 -19.75 -7.35 26.67
C ASP E 246 -20.01 -5.88 26.92
N GLY E 247 -21.04 -5.55 27.70
CA GLY E 247 -21.43 -4.18 27.93
C GLY E 247 -22.74 -3.79 27.30
N GLN E 248 -23.48 -4.73 26.72
CA GLN E 248 -24.71 -4.42 26.02
C GLN E 248 -25.92 -4.67 26.91
N VAL E 249 -27.11 -4.45 26.37
CA VAL E 249 -28.36 -4.54 27.12
C VAL E 249 -29.27 -5.55 26.44
N ILE E 250 -29.82 -6.48 27.22
CA ILE E 250 -30.74 -7.49 26.74
C ILE E 250 -32.10 -7.24 27.40
N THR E 251 -33.16 -7.26 26.60
CA THR E 251 -34.52 -7.03 27.10
C THR E 251 -35.33 -8.32 26.96
N ILE E 252 -35.84 -8.82 28.08
CA ILE E 252 -36.55 -10.09 28.13
C ILE E 252 -37.94 -9.88 28.72
N GLY E 253 -38.96 -10.19 27.93
CA GLY E 253 -40.32 -10.30 28.45
C GLY E 253 -40.98 -11.44 27.73
N ASN E 254 -41.94 -12.08 28.41
CA ASN E 254 -42.81 -13.20 28.02
C ASN E 254 -42.08 -14.55 28.07
N GLU E 255 -40.77 -14.57 28.25
CA GLU E 255 -40.08 -15.83 28.43
C GLU E 255 -39.68 -16.07 29.88
N ARG E 256 -40.20 -15.27 30.80
CA ARG E 256 -39.80 -15.43 32.19
C ARG E 256 -40.52 -16.61 32.84
N PHE E 257 -41.82 -16.69 32.64
CA PHE E 257 -42.62 -17.77 33.21
C PHE E 257 -42.80 -18.94 32.26
N ARG E 258 -42.54 -18.74 30.98
CA ARG E 258 -42.79 -19.74 29.97
C ARG E 258 -41.78 -20.89 30.04
N CYS E 259 -40.60 -20.65 30.60
CA CYS E 259 -39.62 -21.72 30.74
C CYS E 259 -39.91 -22.72 31.88
N PRO E 260 -40.33 -22.33 33.10
CA PRO E 260 -40.64 -23.38 34.08
C PRO E 260 -41.99 -24.06 33.89
N GLU E 261 -42.75 -23.72 32.85
CA GLU E 261 -44.00 -24.43 32.60
C GLU E 261 -43.82 -25.81 32.02
N THR E 262 -42.61 -26.20 31.65
CA THR E 262 -42.41 -27.54 31.13
C THR E 262 -42.43 -28.60 32.23
N LEU E 263 -42.31 -28.20 33.50
CA LEU E 263 -42.47 -29.16 34.58
C LEU E 263 -43.91 -29.62 34.74
N PHE E 264 -44.86 -28.88 34.20
CA PHE E 264 -46.26 -29.29 34.29
C PHE E 264 -46.78 -29.85 32.98
N GLN E 265 -46.17 -29.47 31.86
CA GLN E 265 -46.51 -30.02 30.55
C GLN E 265 -45.21 -30.40 29.86
N PRO E 266 -44.76 -31.65 29.99
CA PRO E 266 -43.51 -32.05 29.34
C PRO E 266 -43.60 -32.26 27.84
N SER E 267 -44.72 -31.95 27.20
CA SER E 267 -44.83 -32.09 25.76
C SER E 267 -44.05 -31.04 25.00
N PHE E 268 -43.61 -29.96 25.65
CA PHE E 268 -42.90 -28.90 24.95
C PHE E 268 -41.52 -29.37 24.50
N ILE E 269 -40.86 -30.20 25.30
CA ILE E 269 -39.64 -30.84 24.84
C ILE E 269 -39.97 -31.91 23.81
N GLY E 270 -41.02 -32.69 24.05
CA GLY E 270 -41.33 -33.84 23.26
C GLY E 270 -41.33 -35.13 24.05
N MET E 271 -40.82 -35.07 25.28
CA MET E 271 -40.90 -36.21 26.18
C MET E 271 -42.34 -36.45 26.57
N GLU E 272 -42.81 -37.67 26.40
CA GLU E 272 -44.19 -37.99 26.73
C GLU E 272 -44.25 -38.61 28.13
N SER E 273 -44.77 -37.85 29.08
CA SER E 273 -44.89 -38.31 30.45
C SER E 273 -46.10 -37.63 31.07
N ALA E 274 -46.17 -37.63 32.40
CA ALA E 274 -47.34 -37.15 33.12
C ALA E 274 -47.20 -35.74 33.67
N GLY E 275 -46.12 -35.46 34.37
CA GLY E 275 -45.93 -34.19 35.04
C GLY E 275 -45.53 -34.37 36.48
N ILE E 276 -45.14 -33.26 37.09
CA ILE E 276 -44.59 -33.35 38.44
C ILE E 276 -45.69 -33.48 39.48
N HIS E 277 -46.94 -33.20 39.13
CA HIS E 277 -48.01 -33.31 40.10
C HIS E 277 -48.80 -34.60 40.00
N GLU E 278 -48.95 -35.17 38.80
CA GLU E 278 -49.62 -36.46 38.72
C GLU E 278 -48.73 -37.60 39.17
N THR E 279 -47.41 -37.42 39.14
CA THR E 279 -46.52 -38.45 39.66
C THR E 279 -46.65 -38.57 41.17
N THR E 280 -46.81 -37.43 41.85
CA THR E 280 -47.01 -37.46 43.30
C THR E 280 -48.38 -38.02 43.66
N TYR E 281 -49.38 -37.78 42.82
CA TYR E 281 -50.72 -38.30 43.11
C TYR E 281 -50.80 -39.80 42.89
N ASN E 282 -50.14 -40.31 41.85
CA ASN E 282 -50.15 -41.74 41.62
C ASN E 282 -49.25 -42.50 42.57
N SER E 283 -48.34 -41.81 43.25
CA SER E 283 -47.52 -42.50 44.23
C SER E 283 -48.29 -42.79 45.50
N ILE E 284 -49.19 -41.90 45.89
CA ILE E 284 -50.02 -42.17 47.07
C ILE E 284 -51.07 -43.20 46.74
N MET E 285 -51.57 -43.20 45.50
CA MET E 285 -52.66 -44.08 45.14
C MET E 285 -52.21 -45.55 45.07
N LYS E 286 -50.94 -45.79 44.78
CA LYS E 286 -50.43 -47.15 44.80
C LYS E 286 -50.16 -47.66 46.20
N CYS E 287 -50.27 -46.82 47.21
CA CYS E 287 -50.07 -47.22 48.60
C CYS E 287 -51.38 -47.82 49.13
N ASP E 288 -51.46 -48.00 50.45
CA ASP E 288 -52.59 -48.68 51.06
C ASP E 288 -53.79 -47.74 51.17
N ILE E 289 -54.77 -48.12 51.98
CA ILE E 289 -55.93 -47.27 52.20
C ILE E 289 -55.92 -46.67 53.60
N ASP E 290 -55.12 -47.19 54.52
CA ASP E 290 -55.20 -46.71 55.89
C ASP E 290 -54.16 -45.65 56.22
N ILE E 291 -53.10 -45.54 55.43
CA ILE E 291 -52.05 -44.59 55.76
C ILE E 291 -51.98 -43.49 54.71
N ARG E 292 -53.08 -43.28 53.99
CA ARG E 292 -53.10 -42.15 53.08
C ARG E 292 -53.31 -40.85 53.81
N LYS E 293 -53.97 -40.87 54.98
CA LYS E 293 -54.32 -39.63 55.66
C LYS E 293 -53.10 -38.96 56.27
N ASP E 294 -52.14 -39.74 56.76
CA ASP E 294 -50.92 -39.14 57.28
C ASP E 294 -49.96 -38.70 56.20
N LEU E 295 -50.25 -38.98 54.93
CA LEU E 295 -49.37 -38.55 53.86
C LEU E 295 -49.86 -37.30 53.15
N TYR E 296 -51.15 -36.98 53.21
CA TYR E 296 -51.59 -35.71 52.67
C TYR E 296 -51.18 -34.53 53.53
N ALA E 297 -50.82 -34.76 54.78
CA ALA E 297 -50.43 -33.66 55.65
C ALA E 297 -48.92 -33.50 55.78
N ASN E 298 -48.13 -34.30 55.07
CA ASN E 298 -46.67 -34.26 55.19
C ASN E 298 -46.05 -34.34 53.80
N ASN E 299 -45.82 -33.20 53.17
CA ASN E 299 -45.15 -33.12 51.88
C ASN E 299 -43.90 -32.27 52.04
N VAL E 300 -42.79 -32.88 52.43
CA VAL E 300 -41.55 -32.15 52.44
C VAL E 300 -41.02 -32.04 51.02
N MET E 301 -40.13 -31.09 50.80
CA MET E 301 -39.78 -30.70 49.44
C MET E 301 -38.44 -29.97 49.50
N SER E 302 -37.36 -30.63 49.06
CA SER E 302 -36.03 -30.13 49.38
C SER E 302 -35.09 -30.21 48.19
N GLY E 303 -35.54 -29.82 47.01
CA GLY E 303 -34.66 -29.84 45.86
C GLY E 303 -33.92 -28.54 45.66
N GLY E 304 -32.83 -28.61 44.92
CA GLY E 304 -32.13 -27.39 44.54
C GLY E 304 -32.90 -26.57 43.53
N THR E 305 -33.71 -27.21 42.71
CA THR E 305 -34.50 -26.56 41.69
C THR E 305 -35.75 -25.91 42.28
N THR E 306 -36.08 -26.23 43.52
CA THR E 306 -37.32 -25.80 44.14
C THR E 306 -37.35 -24.30 44.43
N MET E 307 -36.21 -23.62 44.37
CA MET E 307 -36.07 -22.22 44.73
C MET E 307 -36.80 -21.26 43.82
N TYR E 308 -37.63 -21.62 42.85
CA TYR E 308 -38.36 -20.62 42.10
C TYR E 308 -39.43 -20.00 42.98
N PRO E 309 -39.70 -18.71 42.86
CA PRO E 309 -40.78 -18.10 43.63
C PRO E 309 -42.14 -18.48 43.06
N GLY E 310 -43.08 -18.73 43.96
CA GLY E 310 -44.42 -19.10 43.55
C GLY E 310 -44.61 -20.57 43.27
N ILE E 311 -43.71 -21.43 43.75
CA ILE E 311 -43.85 -22.86 43.49
C ILE E 311 -44.65 -23.57 44.59
N ALA E 312 -44.72 -22.98 45.79
CA ALA E 312 -45.43 -23.65 46.87
C ALA E 312 -46.92 -23.47 46.74
N ASP E 313 -47.37 -22.28 46.33
CA ASP E 313 -48.78 -22.02 46.15
C ASP E 313 -49.35 -22.74 44.94
N ARG E 314 -48.50 -23.11 44.00
CA ARG E 314 -48.98 -23.81 42.81
C ARG E 314 -49.32 -25.25 43.12
N MET E 315 -48.56 -25.90 43.99
CA MET E 315 -48.84 -27.28 44.37
C MET E 315 -50.01 -27.41 45.33
N GLN E 316 -50.34 -26.34 46.07
CA GLN E 316 -51.57 -26.32 46.86
C GLN E 316 -52.80 -26.42 45.96
N LYS E 317 -52.78 -25.68 44.86
CA LYS E 317 -53.96 -25.56 44.02
C LYS E 317 -54.19 -26.78 43.16
N GLU E 318 -53.14 -27.54 42.87
CA GLU E 318 -53.28 -28.58 41.87
C GLU E 318 -53.83 -29.88 42.46
N ILE E 319 -53.35 -30.26 43.64
CA ILE E 319 -53.71 -31.57 44.18
C ILE E 319 -55.13 -31.56 44.74
N THR E 320 -55.64 -30.41 45.20
CA THR E 320 -57.01 -30.32 45.67
C THR E 320 -58.05 -30.54 44.57
N ALA E 321 -57.65 -30.40 43.31
CA ALA E 321 -58.52 -30.81 42.22
C ALA E 321 -58.54 -32.31 42.02
N LEU E 322 -57.62 -33.04 42.65
CA LEU E 322 -57.55 -34.49 42.50
C LEU E 322 -57.95 -35.24 43.76
N ALA E 323 -57.68 -34.68 44.94
CA ALA E 323 -58.06 -35.30 46.18
C ALA E 323 -59.57 -35.17 46.40
N PRO E 324 -60.17 -36.05 47.22
CA PRO E 324 -61.57 -35.84 47.59
C PRO E 324 -61.76 -34.63 48.48
N SER E 325 -63.01 -34.16 48.52
CA SER E 325 -63.32 -32.83 49.02
C SER E 325 -63.25 -32.69 50.53
N THR E 326 -63.00 -33.77 51.27
CA THR E 326 -63.01 -33.68 52.72
C THR E 326 -61.62 -33.43 53.27
N MET E 327 -60.60 -34.05 52.69
CA MET E 327 -59.32 -34.14 53.37
C MET E 327 -58.49 -32.86 53.20
N LYS E 328 -57.36 -32.85 53.88
CA LYS E 328 -56.55 -31.65 54.06
C LYS E 328 -55.15 -31.88 53.52
N ILE E 329 -54.64 -30.90 52.78
CA ILE E 329 -53.31 -30.99 52.20
C ILE E 329 -52.43 -29.89 52.79
N LYS E 330 -51.13 -30.15 52.76
CA LYS E 330 -50.16 -29.25 53.39
C LYS E 330 -48.78 -29.52 52.82
N ILE E 331 -48.21 -28.52 52.14
CA ILE E 331 -46.86 -28.60 51.59
C ILE E 331 -45.91 -27.83 52.49
N ILE E 332 -44.85 -28.51 52.93
CA ILE E 332 -43.87 -27.96 53.86
C ILE E 332 -42.65 -27.54 53.06
N ALA E 333 -42.16 -26.33 53.30
CA ALA E 333 -41.00 -25.80 52.58
C ALA E 333 -40.13 -25.00 53.54
N PRO E 334 -39.07 -25.62 54.07
CA PRO E 334 -38.14 -24.87 54.91
C PRO E 334 -37.30 -23.93 54.08
N PRO E 335 -36.83 -22.81 54.66
CA PRO E 335 -36.11 -21.81 53.86
C PRO E 335 -34.71 -22.24 53.46
N GLU E 336 -34.05 -23.04 54.28
CA GLU E 336 -32.73 -23.55 53.92
C GLU E 336 -32.86 -24.97 53.39
N ARG E 337 -33.58 -25.10 52.29
CA ARG E 337 -33.84 -26.40 51.70
C ARG E 337 -32.87 -26.73 50.58
N LYS E 338 -31.72 -26.08 50.55
CA LYS E 338 -30.74 -26.36 49.51
C LYS E 338 -29.66 -27.31 50.00
N TYR E 339 -29.20 -27.15 51.22
CA TYR E 339 -28.13 -27.97 51.76
C TYR E 339 -28.63 -29.12 52.59
N SER E 340 -29.95 -29.39 52.56
CA SER E 340 -30.58 -30.31 53.50
C SER E 340 -30.13 -31.74 53.30
N VAL E 341 -29.60 -32.09 52.14
CA VAL E 341 -29.06 -33.43 51.98
C VAL E 341 -27.73 -33.54 52.71
N TRP E 342 -26.98 -32.45 52.80
CA TRP E 342 -25.76 -32.49 53.60
C TRP E 342 -26.06 -32.43 55.08
N ILE E 343 -27.18 -31.83 55.47
CA ILE E 343 -27.51 -31.66 56.88
C ILE E 343 -27.82 -33.00 57.52
N GLY E 344 -28.62 -33.84 56.85
CA GLY E 344 -28.90 -35.16 57.34
C GLY E 344 -27.71 -36.08 57.35
N GLY E 345 -26.71 -35.82 56.51
CA GLY E 345 -25.50 -36.60 56.55
C GLY E 345 -24.65 -36.31 57.76
N SER E 346 -24.78 -35.11 58.32
CA SER E 346 -24.03 -34.78 59.52
C SER E 346 -24.60 -35.46 60.75
N ILE E 347 -25.91 -35.70 60.78
CA ILE E 347 -26.53 -36.30 61.95
C ILE E 347 -26.21 -37.78 62.03
N LEU E 348 -26.33 -38.50 60.92
CA LEU E 348 -26.17 -39.94 60.93
C LEU E 348 -24.72 -40.36 61.14
N ALA E 349 -23.76 -39.48 60.85
CA ALA E 349 -22.37 -39.84 61.10
C ALA E 349 -22.02 -39.75 62.58
N SER E 350 -22.53 -38.74 63.28
CA SER E 350 -22.24 -38.56 64.69
C SER E 350 -23.17 -39.35 65.59
N LEU E 351 -23.91 -40.31 65.03
CA LEU E 351 -24.93 -41.04 65.77
C LEU E 351 -24.29 -42.25 66.42
N SER E 352 -24.78 -42.60 67.61
CA SER E 352 -24.12 -43.61 68.44
C SER E 352 -24.45 -45.04 68.02
N THR E 353 -25.70 -45.30 67.64
CA THR E 353 -26.11 -46.64 67.25
C THR E 353 -25.49 -47.06 65.92
N PHE E 354 -25.16 -46.10 65.07
CA PHE E 354 -24.67 -46.29 63.72
C PHE E 354 -23.32 -46.99 63.65
N GLN E 355 -22.58 -47.07 64.75
CA GLN E 355 -21.18 -47.46 64.75
C GLN E 355 -20.95 -48.94 64.46
N GLN E 356 -21.99 -49.75 64.25
CA GLN E 356 -21.82 -51.11 63.78
C GLN E 356 -22.16 -51.27 62.30
N MET E 357 -22.42 -50.17 61.60
CA MET E 357 -22.80 -50.23 60.20
C MET E 357 -21.68 -49.88 59.25
N TRP E 358 -20.46 -49.69 59.73
CA TRP E 358 -19.37 -49.39 58.82
C TRP E 358 -18.90 -50.66 58.13
N ILE E 359 -18.05 -50.49 57.12
CA ILE E 359 -17.49 -51.59 56.36
C ILE E 359 -15.98 -51.57 56.58
N THR E 360 -15.45 -52.51 57.34
CA THR E 360 -14.03 -52.51 57.62
C THR E 360 -13.24 -53.01 56.42
N LYS E 361 -11.92 -52.81 56.49
CA LYS E 361 -11.05 -53.21 55.39
C LYS E 361 -10.90 -54.72 55.30
N GLN E 362 -11.03 -55.41 56.43
CA GLN E 362 -10.94 -56.87 56.41
C GLN E 362 -12.13 -57.50 55.72
N GLU E 363 -13.28 -56.82 55.74
CA GLU E 363 -14.46 -57.35 55.07
C GLU E 363 -14.28 -57.34 53.57
N TYR E 364 -13.50 -56.39 53.04
CA TYR E 364 -13.26 -56.36 51.61
C TYR E 364 -12.30 -57.47 51.19
N ASP E 365 -11.38 -57.85 52.06
CA ASP E 365 -10.42 -58.90 51.72
C ASP E 365 -11.02 -60.29 51.80
N GLU E 366 -12.17 -60.44 52.47
CA GLU E 366 -12.81 -61.75 52.54
C GLU E 366 -13.63 -62.04 51.29
N ALA E 367 -14.55 -61.12 50.95
CA ALA E 367 -15.46 -61.32 49.84
C ALA E 367 -15.02 -60.60 48.57
N GLY E 368 -14.77 -59.30 48.64
CA GLY E 368 -14.43 -58.54 47.47
C GLY E 368 -15.37 -57.37 47.28
N PRO E 369 -15.48 -56.88 46.05
CA PRO E 369 -16.32 -55.71 45.79
C PRO E 369 -17.81 -56.01 45.75
N SER E 370 -18.22 -57.26 45.88
CA SER E 370 -19.64 -57.59 45.90
C SER E 370 -20.22 -57.59 47.30
N ILE E 371 -19.46 -57.09 48.29
CA ILE E 371 -19.96 -57.01 49.65
C ILE E 371 -20.96 -55.87 49.81
N VAL E 372 -20.97 -54.91 48.88
CA VAL E 372 -21.75 -53.70 49.05
C VAL E 372 -23.24 -53.93 48.79
N HIS E 373 -23.58 -54.98 48.05
CA HIS E 373 -24.99 -55.29 47.83
C HIS E 373 -25.63 -55.99 49.01
N ARG E 374 -24.82 -56.48 49.95
CA ARG E 374 -25.34 -57.20 51.10
C ARG E 374 -25.54 -56.30 52.30
N LYS E 375 -24.49 -55.57 52.69
CA LYS E 375 -24.50 -54.72 53.88
C LYS E 375 -25.48 -53.56 53.76
N CYS E 376 -25.22 -52.63 52.86
CA CYS E 376 -25.94 -51.38 52.82
C CYS E 376 -27.10 -51.45 51.84
N PHE E 377 -28.15 -50.73 52.16
CA PHE E 377 -29.38 -50.72 51.38
C PHE E 377 -30.21 -49.50 51.73
N ALA F 2 11.63 26.95 -7.22
CA ALA F 2 12.72 26.32 -6.50
C ALA F 2 13.20 25.12 -7.31
N CYS F 4 14.48 24.62 -11.10
CA CYS F 4 13.62 24.31 -12.24
C CYS F 4 14.10 24.77 -13.63
N ALA F 6 11.96 27.71 -14.22
CA ALA F 6 10.86 28.59 -14.56
C ALA F 6 9.92 28.58 -13.37
N TRP F 7 10.08 27.56 -12.32
CA TRP F 7 9.21 27.54 -11.17
C TRP F 7 9.75 28.47 -10.10
N ALA G 2 30.97 28.15 -41.49
CA ALA G 2 29.71 28.83 -41.81
C ALA G 2 29.41 29.84 -40.72
N CYS G 4 31.45 32.94 -39.15
CA CYS G 4 32.34 32.86 -38.01
C CYS G 4 33.49 33.89 -37.92
N ALA G 6 36.39 31.90 -38.98
CA ALA G 6 37.53 31.00 -39.01
C ALA G 6 36.95 29.59 -39.15
N TRP G 7 35.52 29.38 -38.92
CA TRP G 7 34.96 28.05 -39.05
C TRP G 7 34.57 27.80 -40.51
N ALA H 2 1.65 -11.19 -8.28
CA ALA H 2 0.45 -10.96 -9.09
C ALA H 2 -0.36 -9.83 -8.44
N CYS H 4 0.48 -6.05 -7.37
CA CYS H 4 0.99 -5.64 -6.05
C CYS H 4 1.84 -4.36 -6.00
N ALA H 6 5.23 -5.71 -5.67
CA ALA H 6 6.46 -6.28 -5.16
C ALA H 6 6.24 -7.77 -5.03
N TRP H 7 4.87 -8.30 -5.12
CA TRP H 7 4.63 -9.72 -4.99
C TRP H 7 4.77 -10.38 -6.37
N ALA I 2 -26.83 -9.79 18.98
CA ALA I 2 -25.91 -9.94 20.10
C ALA I 2 -24.98 -11.13 19.82
N CYS I 4 -22.53 -12.10 16.77
CA CYS I 4 -22.91 -12.88 15.60
C CYS I 4 -22.14 -12.62 14.30
N ALA I 6 -24.49 -10.57 12.37
CA ALA I 6 -25.59 -10.11 11.53
C ALA I 6 -26.83 -10.10 12.41
N TRP I 7 -26.80 -10.77 13.71
CA TRP I 7 -27.98 -10.77 14.55
C TRP I 7 -27.97 -9.50 15.42
N ALA J 2 -28.64 -48.54 26.48
CA ALA J 2 -29.54 -48.82 25.36
C ALA J 2 -30.71 -47.83 25.43
N CYS J 4 -30.97 -43.82 25.55
CA CYS J 4 -30.99 -43.01 26.77
C CYS J 4 -30.46 -41.57 26.66
N ALA J 6 -27.13 -41.87 28.20
CA ALA J 6 -26.04 -41.97 29.14
C ALA J 6 -26.01 -43.40 29.64
N TRP J 7 -27.15 -44.27 29.37
CA TRP J 7 -27.15 -45.64 29.84
C TRP J 7 -26.47 -46.53 28.78
#